data_6JAK
#
_entry.id   6JAK
#
_cell.length_a   87.470
_cell.length_b   119.660
_cell.length_c   99.430
_cell.angle_alpha   90.00
_cell.angle_beta   91.88
_cell.angle_gamma   90.00
#
_symmetry.space_group_name_H-M   'P 1 21 1'
#
loop_
_entity.id
_entity.type
_entity.pdbx_description
1 polymer 'Trehalose-6-phosphate synthase'
2 water water
#
_entity_poly.entity_id   1
_entity_poly.type   'polypeptide(L)'
_entity_poly.pdbx_seq_one_letter_code
;SRLVVVSNRIAPPDEHAASAGGLAVGILGALKAAGGLWFGWSGETGNEDQPLKKVKKGNITWASFNLSEQDLDEYYNQFS
NAVLWPAFHYRLDLVQFQRPAWDGYLRVNALLADKLLPLLQDDDIIWIHDYHLLPFAHELRKRGVNNRIGFFLHIPFPTP
EIFNALPTYDTLLEQLCDYDLLGFQTENDRLAFLDCLSNLTRVTTRSAKSHTAWGKAFRTEVYPIGIEPKEIAKQAAGPL
PPKLAQLKAELKNVQNIFSVERLDYSKGLPERFLAYEALLEKYPQHHGKIRYTQIAPTSRGDVQAYQDIRHQLENEAGRI
NGKYGQLGWTPLYYLNQHFDRKLLMKIFRYSDVGLVTPLRDGMNLVAKEYVAAQDPANPGVLVLSQFAGAANELTSALIV
NPYDRDEVAAALDRALTMSLAERISRHAEMLDVIVKNDINHWQECFISDLKQIVP
;
_entity_poly.pdbx_strand_id   A,B,C,D
#
# COMPACT_ATOMS: atom_id res chain seq x y z
N SER A 1 -43.87 20.13 29.67
CA SER A 1 -43.12 21.39 29.59
C SER A 1 -41.61 21.28 29.92
N ARG A 2 -41.17 20.65 31.01
CA ARG A 2 -39.73 20.50 31.21
C ARG A 2 -39.13 19.56 30.14
N LEU A 3 -37.92 19.88 29.71
CA LEU A 3 -37.28 19.24 28.58
C LEU A 3 -36.10 18.41 29.04
N VAL A 4 -36.05 17.18 28.57
CA VAL A 4 -34.93 16.28 28.78
C VAL A 4 -34.31 16.04 27.42
N VAL A 5 -33.04 16.39 27.27
CA VAL A 5 -32.28 16.22 26.05
C VAL A 5 -31.27 15.12 26.31
N VAL A 6 -31.24 14.09 25.44
CA VAL A 6 -30.26 13.03 25.50
C VAL A 6 -29.49 13.05 24.19
N SER A 7 -28.18 13.16 24.27
CA SER A 7 -27.31 13.09 23.11
C SER A 7 -26.05 12.38 23.57
N ASN A 8 -25.25 11.92 22.62
CA ASN A 8 -24.10 11.12 23.02
C ASN A 8 -23.15 11.93 23.89
N ARG A 9 -22.81 13.16 23.49
CA ARG A 9 -21.97 14.06 24.28
C ARG A 9 -22.71 15.35 24.64
N ILE A 10 -22.35 15.96 25.78
CA ILE A 10 -22.99 17.19 26.23
C ILE A 10 -21.96 18.30 26.34
N ALA A 11 -22.45 19.55 26.38
CA ALA A 11 -21.61 20.71 26.57
C ALA A 11 -21.73 21.22 28.01
N PRO A 12 -20.71 21.06 28.86
CA PRO A 12 -20.86 21.36 30.31
C PRO A 12 -20.97 22.85 30.66
N PRO A 13 -19.96 23.72 30.37
CA PRO A 13 -20.26 25.05 30.89
C PRO A 13 -20.42 26.15 29.82
N SER A 19 -22.20 31.01 21.15
CA SER A 19 -21.75 29.95 22.05
C SER A 19 -20.61 29.15 21.39
N ALA A 20 -20.10 29.62 20.24
CA ALA A 20 -19.15 28.86 19.42
C ALA A 20 -19.66 27.45 19.07
N GLY A 21 -20.82 27.39 18.41
CA GLY A 21 -21.36 26.13 17.94
C GLY A 21 -22.74 26.31 17.33
N GLY A 22 -23.28 25.23 16.78
CA GLY A 22 -24.60 25.24 16.18
C GLY A 22 -25.62 24.46 17.00
N LEU A 23 -25.44 23.14 17.12
CA LEU A 23 -26.43 22.33 17.83
C LEU A 23 -26.39 22.62 19.33
N ALA A 24 -25.21 22.91 19.86
CA ALA A 24 -25.11 23.33 21.25
C ALA A 24 -25.98 24.54 21.50
N VAL A 25 -25.98 25.50 20.57
CA VAL A 25 -26.80 26.71 20.71
C VAL A 25 -28.29 26.35 20.64
N GLY A 26 -28.66 25.41 19.77
CA GLY A 26 -30.06 25.03 19.69
C GLY A 26 -30.55 24.25 20.90
N ILE A 27 -29.77 23.28 21.34
CA ILE A 27 -30.18 22.49 22.49
C ILE A 27 -30.27 23.38 23.72
N LEU A 28 -29.36 24.35 23.84
CA LEU A 28 -29.34 25.20 25.02
C LEU A 28 -30.47 26.21 25.01
N GLY A 29 -30.82 26.74 23.83
CA GLY A 29 -31.97 27.61 23.75
C GLY A 29 -33.22 26.89 24.16
N ALA A 30 -33.35 25.64 23.71
CA ALA A 30 -34.51 24.81 24.04
C ALA A 30 -34.57 24.54 25.54
N LEU A 31 -33.44 24.24 26.16
CA LEU A 31 -33.39 23.97 27.59
C LEU A 31 -33.76 25.20 28.40
N LYS A 32 -33.30 26.37 27.97
CA LYS A 32 -33.56 27.59 28.71
C LYS A 32 -35.02 28.04 28.59
N ALA A 33 -35.80 27.47 27.67
CA ALA A 33 -37.15 27.98 27.46
C ALA A 33 -38.05 27.65 28.65
N ALA A 34 -37.95 26.41 29.19
CA ALA A 34 -38.68 26.01 30.39
C ALA A 34 -37.79 25.24 31.35
N GLY A 35 -36.47 25.31 31.20
CA GLY A 35 -35.58 24.55 32.07
C GLY A 35 -35.57 23.08 31.70
N GLY A 36 -34.58 22.39 32.22
CA GLY A 36 -34.63 20.94 32.08
C GLY A 36 -33.28 20.27 32.25
N LEU A 37 -33.13 19.13 31.60
CA LEU A 37 -32.00 18.25 31.86
C LEU A 37 -31.32 17.87 30.55
N TRP A 38 -30.00 17.99 30.52
CA TRP A 38 -29.20 17.51 29.41
C TRP A 38 -28.35 16.36 29.94
N PHE A 39 -28.56 15.18 29.37
CA PHE A 39 -28.04 13.91 29.82
C PHE A 39 -27.24 13.31 28.67
N GLY A 40 -25.98 12.97 28.92
CA GLY A 40 -25.11 12.46 27.88
C GLY A 40 -23.80 11.98 28.43
N TRP A 41 -23.01 11.37 27.55
CA TRP A 41 -21.72 10.83 27.94
C TRP A 41 -20.71 11.96 28.12
N SER A 42 -19.81 11.78 29.09
CA SER A 42 -18.88 12.84 29.41
C SER A 42 -17.69 12.86 28.47
N GLY A 43 -17.49 11.82 27.69
CA GLY A 43 -16.35 11.77 26.81
C GLY A 43 -15.23 10.91 27.33
N GLU A 44 -15.39 10.34 28.53
CA GLU A 44 -14.31 9.65 29.24
C GLU A 44 -14.63 8.18 29.50
N THR A 45 -13.59 7.35 29.45
CA THR A 45 -13.65 5.92 29.73
C THR A 45 -13.23 5.66 31.18
N GLY A 46 -13.68 4.54 31.71
CA GLY A 46 -13.29 4.13 33.05
C GLY A 46 -14.18 4.73 34.13
N ASN A 47 -14.14 4.10 35.32
CA ASN A 47 -14.92 4.55 36.48
C ASN A 47 -16.38 4.73 36.11
N GLU A 48 -16.87 3.82 35.26
CA GLU A 48 -18.23 3.88 34.78
C GLU A 48 -19.25 3.69 35.90
N ASP A 49 -18.87 3.07 37.01
CA ASP A 49 -19.86 2.85 38.06
C ASP A 49 -19.97 4.04 39.04
N GLN A 50 -19.06 5.01 38.98
CA GLN A 50 -19.17 6.25 39.75
C GLN A 50 -20.53 6.91 39.52
N PRO A 51 -20.99 7.76 40.43
CA PRO A 51 -22.30 8.40 40.25
C PRO A 51 -22.29 9.38 39.08
N LEU A 52 -23.50 9.73 38.64
CA LEU A 52 -23.65 10.76 37.63
C LEU A 52 -23.07 12.08 38.14
N LYS A 53 -22.19 12.66 37.35
CA LYS A 53 -21.72 14.03 37.58
C LYS A 53 -22.82 14.98 37.12
N LYS A 54 -23.45 15.68 38.06
CA LYS A 54 -24.53 16.62 37.76
C LYS A 54 -24.05 18.02 38.07
N VAL A 55 -24.22 18.92 37.12
CA VAL A 55 -23.94 20.34 37.28
C VAL A 55 -25.23 21.09 37.06
N LYS A 56 -25.58 21.98 37.99
CA LYS A 56 -26.82 22.72 37.91
C LYS A 56 -26.52 24.21 37.80
N LYS A 57 -27.21 24.90 36.90
CA LYS A 57 -27.12 26.36 36.76
C LYS A 57 -28.57 26.80 36.62
N GLY A 58 -29.14 27.26 37.73
CA GLY A 58 -30.50 27.75 37.71
C GLY A 58 -31.49 26.68 37.32
N ASN A 59 -31.97 26.80 36.11
CA ASN A 59 -33.08 26.03 35.58
C ASN A 59 -32.67 24.72 34.93
N ILE A 60 -31.37 24.53 34.73
CA ILE A 60 -30.89 23.46 33.89
C ILE A 60 -29.89 22.63 34.67
N THR A 61 -29.90 21.35 34.37
CA THR A 61 -28.97 20.40 34.94
C THR A 61 -28.24 19.70 33.81
N TRP A 62 -26.91 19.65 33.88
CA TRP A 62 -26.13 18.84 32.96
C TRP A 62 -25.70 17.59 33.72
N ALA A 63 -26.09 16.41 33.21
CA ALA A 63 -25.73 15.16 33.87
C ALA A 63 -25.00 14.24 32.90
N SER A 64 -23.81 13.77 33.32
CA SER A 64 -22.94 12.98 32.46
C SER A 64 -22.50 11.72 33.20
N PHE A 65 -22.04 10.77 32.43
CA PHE A 65 -21.60 9.48 32.92
C PHE A 65 -20.35 9.09 32.14
N ASN A 66 -19.67 8.07 32.63
CA ASN A 66 -18.60 7.51 31.83
C ASN A 66 -18.99 6.11 31.40
N LEU A 67 -18.21 5.55 30.50
CA LEU A 67 -18.50 4.23 30.00
C LEU A 67 -17.27 3.37 30.12
N SER A 68 -17.49 2.06 30.14
CA SER A 68 -16.33 1.17 30.19
C SER A 68 -15.70 1.17 28.80
N GLU A 69 -14.42 0.79 28.76
CA GLU A 69 -13.67 0.89 27.51
C GLU A 69 -14.22 -0.08 26.48
N GLN A 70 -14.81 -1.18 26.93
CA GLN A 70 -15.49 -2.09 26.02
C GLN A 70 -16.81 -1.51 25.54
N ASP A 71 -17.51 -0.77 26.40
CA ASP A 71 -18.72 -0.11 25.96
C ASP A 71 -18.42 0.94 24.91
N LEU A 72 -17.36 1.70 25.11
CA LEU A 72 -17.03 2.71 24.11
C LEU A 72 -16.73 2.04 22.78
N ASP A 73 -16.09 0.88 22.81
CA ASP A 73 -15.62 0.29 21.57
C ASP A 73 -16.74 -0.43 20.81
N GLU A 74 -17.61 -1.16 21.50
CA GLU A 74 -18.66 -1.89 20.79
C GLU A 74 -19.79 -0.96 20.37
N TYR A 75 -20.22 -0.10 21.28
CA TYR A 75 -21.34 0.79 21.04
C TYR A 75 -20.96 1.95 20.13
N TYR A 76 -19.84 2.61 20.40
CA TYR A 76 -19.57 3.84 19.69
C TYR A 76 -18.56 3.64 18.56
N ASN A 77 -17.42 3.01 18.80
CA ASN A 77 -16.43 2.84 17.74
C ASN A 77 -16.88 1.83 16.69
N GLN A 78 -17.56 0.77 17.11
CA GLN A 78 -17.94 -0.26 16.16
C GLN A 78 -19.35 0.02 15.62
N PHE A 79 -20.39 -0.21 16.41
CA PHE A 79 -21.70 -0.19 15.78
C PHE A 79 -22.10 1.22 15.34
N SER A 80 -21.94 2.23 16.20
CA SER A 80 -22.36 3.58 15.80
C SER A 80 -21.54 4.10 14.62
N ASN A 81 -20.21 4.03 14.69
CA ASN A 81 -19.34 4.71 13.73
C ASN A 81 -18.75 3.79 12.64
N ALA A 82 -18.88 2.48 12.75
CA ALA A 82 -18.43 1.59 11.69
C ALA A 82 -19.57 0.74 11.13
N VAL A 83 -20.80 0.88 11.62
CA VAL A 83 -21.93 0.18 10.96
C VAL A 83 -22.97 1.21 10.51
N LEU A 84 -23.55 1.95 11.46
CA LEU A 84 -24.65 2.86 11.11
C LEU A 84 -24.15 4.05 10.29
N TRP A 85 -23.03 4.65 10.68
CA TRP A 85 -22.53 5.81 9.95
C TRP A 85 -22.17 5.48 8.49
N PRO A 86 -21.33 4.48 8.18
CA PRO A 86 -21.11 4.22 6.74
C PRO A 86 -22.37 3.85 6.00
N ALA A 87 -23.24 3.05 6.60
CA ALA A 87 -24.45 2.65 5.88
C ALA A 87 -25.38 3.84 5.64
N PHE A 88 -25.52 4.74 6.63
CA PHE A 88 -26.40 5.89 6.42
C PHE A 88 -25.78 6.90 5.45
N HIS A 89 -24.49 6.82 5.17
CA HIS A 89 -23.84 7.62 4.16
C HIS A 89 -23.60 6.84 2.86
N TYR A 90 -24.40 5.79 2.61
CA TYR A 90 -24.41 5.03 1.36
C TYR A 90 -23.04 4.41 1.06
N ARG A 91 -22.41 3.84 2.08
CA ARG A 91 -21.12 3.15 1.93
C ARG A 91 -21.25 1.78 2.60
N LEU A 92 -21.98 0.86 1.96
CA LEU A 92 -22.05 -0.48 2.51
C LEU A 92 -20.69 -1.16 2.54
N ASP A 93 -19.77 -0.75 1.66
CA ASP A 93 -18.44 -1.36 1.61
C ASP A 93 -17.60 -1.03 2.83
N LEU A 94 -17.98 -0.03 3.62
CA LEU A 94 -17.27 0.27 4.84
C LEU A 94 -17.96 -0.27 6.09
N VAL A 95 -19.07 -0.99 5.95
CA VAL A 95 -19.73 -1.53 7.13
C VAL A 95 -18.92 -2.69 7.71
N GLN A 96 -18.65 -2.63 9.01
CA GLN A 96 -17.96 -3.75 9.66
C GLN A 96 -18.92 -4.21 10.75
N PHE A 97 -19.88 -5.03 10.36
CA PHE A 97 -20.83 -5.58 11.29
C PHE A 97 -20.27 -6.85 11.93
N GLN A 98 -20.35 -6.89 13.24
CA GLN A 98 -20.09 -8.07 14.04
C GLN A 98 -21.11 -8.08 15.16
N ARG A 99 -21.64 -9.26 15.48
CA ARG A 99 -22.74 -9.30 16.43
C ARG A 99 -22.36 -8.81 17.83
N PRO A 100 -21.14 -9.00 18.35
CA PRO A 100 -20.83 -8.35 19.64
C PRO A 100 -21.05 -6.85 19.63
N ALA A 101 -20.76 -6.16 18.52
CA ALA A 101 -20.97 -4.72 18.42
C ALA A 101 -22.44 -4.36 18.53
N TRP A 102 -23.30 -5.09 17.84
CA TRP A 102 -24.74 -4.87 17.97
C TRP A 102 -25.21 -5.09 19.42
N ASP A 103 -24.74 -6.16 20.07
CA ASP A 103 -25.17 -6.41 21.45
C ASP A 103 -24.70 -5.31 22.40
N GLY A 104 -23.48 -4.81 22.22
CA GLY A 104 -23.00 -3.67 22.97
C GLY A 104 -23.72 -2.38 22.62
N TYR A 105 -24.10 -2.22 21.35
CA TYR A 105 -24.96 -1.09 21.02
C TYR A 105 -26.27 -1.17 21.82
N LEU A 106 -26.90 -2.35 21.86
CA LEU A 106 -28.14 -2.51 22.62
C LEU A 106 -27.90 -2.42 24.12
N ARG A 107 -26.76 -2.89 24.59
CA ARG A 107 -26.50 -2.89 26.02
C ARG A 107 -26.29 -1.48 26.55
N VAL A 108 -25.52 -0.66 25.82
CA VAL A 108 -25.28 0.72 26.24
C VAL A 108 -26.57 1.56 26.17
N ASN A 109 -27.38 1.36 25.14
CA ASN A 109 -28.65 2.08 25.10
C ASN A 109 -29.52 1.73 26.30
N ALA A 110 -29.66 0.43 26.62
CA ALA A 110 -30.42 0.05 27.82
C ALA A 110 -29.77 0.61 29.07
N LEU A 111 -28.44 0.65 29.10
CA LEU A 111 -27.74 1.08 30.29
C LEU A 111 -27.90 2.57 30.53
N LEU A 112 -28.00 3.38 29.46
CA LEU A 112 -28.22 4.80 29.68
C LEU A 112 -29.69 5.11 29.92
N ALA A 113 -30.57 4.27 29.38
CA ALA A 113 -31.98 4.37 29.74
C ALA A 113 -32.17 4.10 31.23
N ASP A 114 -31.41 3.14 31.80
CA ASP A 114 -31.57 2.85 33.24
C ASP A 114 -31.03 3.97 34.09
N LYS A 115 -29.89 4.56 33.69
CA LYS A 115 -29.33 5.70 34.38
C LYS A 115 -30.25 6.91 34.30
N LEU A 116 -31.01 7.05 33.19
CA LEU A 116 -31.83 8.25 33.02
C LEU A 116 -33.16 8.12 33.75
N LEU A 117 -33.68 6.91 33.87
CA LEU A 117 -35.03 6.69 34.41
C LEU A 117 -35.28 7.39 35.74
N PRO A 118 -34.39 7.31 36.74
CA PRO A 118 -34.64 8.05 38.01
C PRO A 118 -34.82 9.54 37.83
N LEU A 119 -34.23 10.14 36.81
CA LEU A 119 -34.29 11.57 36.61
C LEU A 119 -35.56 12.03 35.91
N LEU A 120 -36.39 11.12 35.39
CA LEU A 120 -37.52 11.56 34.59
C LEU A 120 -38.71 11.91 35.46
N GLN A 121 -39.59 12.73 34.93
CA GLN A 121 -40.87 13.06 35.56
C GLN A 121 -41.98 12.79 34.56
N ASP A 122 -43.21 12.69 35.06
CA ASP A 122 -44.32 12.21 34.24
C ASP A 122 -44.64 13.12 33.05
N ASP A 123 -44.38 14.41 33.17
CA ASP A 123 -44.82 15.41 32.21
C ASP A 123 -43.72 15.84 31.25
N ASP A 124 -42.48 15.44 31.53
CA ASP A 124 -41.34 15.80 30.70
C ASP A 124 -41.59 15.49 29.22
N ILE A 125 -41.10 16.37 28.37
CA ILE A 125 -40.86 16.04 26.97
C ILE A 125 -39.39 15.63 26.82
N ILE A 126 -39.16 14.55 26.07
CA ILE A 126 -37.85 13.95 25.89
C ILE A 126 -37.45 14.04 24.41
N TRP A 127 -36.25 14.55 24.16
CA TRP A 127 -35.68 14.83 22.84
C TRP A 127 -34.38 14.05 22.74
N ILE A 128 -34.35 13.05 21.87
CA ILE A 128 -33.19 12.18 21.68
C ILE A 128 -32.53 12.54 20.35
N HIS A 129 -31.20 12.57 20.31
CA HIS A 129 -30.61 13.09 19.09
C HIS A 129 -30.10 11.99 18.14
N ASP A 130 -28.84 11.70 18.05
CA ASP A 130 -28.41 11.18 16.75
C ASP A 130 -28.56 9.66 16.60
N TYR A 131 -27.86 9.11 15.61
CA TYR A 131 -27.91 7.67 15.32
C TYR A 131 -27.32 6.82 16.46
N HIS A 132 -26.63 7.41 17.43
CA HIS A 132 -26.13 6.60 18.55
C HIS A 132 -27.25 5.99 19.40
N LEU A 133 -28.46 6.56 19.35
CA LEU A 133 -29.57 6.27 20.26
C LEU A 133 -30.85 5.91 19.53
N LEU A 134 -30.75 5.27 18.37
CA LEU A 134 -31.95 4.75 17.73
C LEU A 134 -32.83 3.89 18.64
N PRO A 135 -32.30 2.99 19.48
CA PRO A 135 -33.15 2.13 20.30
C PRO A 135 -33.63 2.75 21.59
N PHE A 136 -33.32 4.03 21.83
CA PHE A 136 -33.50 4.60 23.16
C PHE A 136 -34.98 4.71 23.52
N ALA A 137 -35.81 5.15 22.59
CA ALA A 137 -37.24 5.24 22.88
C ALA A 137 -37.77 3.89 23.34
N HIS A 138 -37.43 2.83 22.58
CA HIS A 138 -37.83 1.48 22.89
C HIS A 138 -37.37 1.04 24.27
N GLU A 139 -36.15 1.40 24.65
CA GLU A 139 -35.69 1.06 25.97
C GLU A 139 -36.50 1.81 27.04
N LEU A 140 -36.95 3.03 26.77
CA LEU A 140 -37.73 3.72 27.79
C LEU A 140 -39.14 3.18 27.87
N ARG A 141 -39.72 2.81 26.72
CA ARG A 141 -41.06 2.23 26.71
C ARG A 141 -41.08 0.89 27.45
N LYS A 142 -40.02 0.11 27.33
CA LYS A 142 -39.94 -1.13 28.09
C LYS A 142 -39.96 -0.87 29.59
N ARG A 143 -39.47 0.27 30.04
CA ARG A 143 -39.54 0.62 31.44
C ARG A 143 -40.82 1.41 31.77
N GLY A 144 -41.78 1.45 30.85
CA GLY A 144 -43.08 2.06 31.08
C GLY A 144 -43.12 3.57 30.91
N VAL A 145 -42.15 4.17 30.23
CA VAL A 145 -42.14 5.62 30.01
C VAL A 145 -43.15 5.99 28.92
N ASN A 146 -44.20 6.69 29.31
CA ASN A 146 -45.25 7.07 28.40
C ASN A 146 -45.15 8.52 27.96
N ASN A 147 -44.05 9.21 28.27
CA ASN A 147 -43.95 10.62 27.93
C ASN A 147 -43.91 10.84 26.42
N ARG A 148 -44.03 12.09 26.05
CA ARG A 148 -43.76 12.51 24.67
C ARG A 148 -42.26 12.38 24.38
N ILE A 149 -41.89 11.59 23.38
CA ILE A 149 -40.49 11.37 23.04
C ILE A 149 -40.28 11.68 21.58
N GLY A 150 -39.34 12.59 21.30
CA GLY A 150 -38.98 12.96 19.96
C GLY A 150 -37.56 12.51 19.64
N PHE A 151 -37.32 12.26 18.37
CA PHE A 151 -36.02 11.87 17.86
C PHE A 151 -35.62 12.82 16.73
N PHE A 152 -34.37 13.24 16.70
CA PHE A 152 -33.87 13.95 15.54
C PHE A 152 -32.63 13.23 15.00
N LEU A 153 -32.63 12.87 13.72
CA LEU A 153 -31.50 12.27 13.04
C LEU A 153 -30.68 13.36 12.37
N HIS A 154 -29.41 13.47 12.72
CA HIS A 154 -28.59 14.52 12.15
C HIS A 154 -27.95 14.16 10.82
N ILE A 155 -27.86 12.89 10.48
CA ILE A 155 -27.23 12.39 9.26
C ILE A 155 -28.31 11.93 8.28
N PRO A 156 -27.98 11.52 7.04
CA PRO A 156 -29.04 11.10 6.12
C PRO A 156 -29.65 9.80 6.57
N PHE A 157 -30.87 9.53 6.11
CA PHE A 157 -31.43 8.21 6.30
C PHE A 157 -31.41 7.49 4.95
N PRO A 158 -30.81 6.30 4.87
CA PRO A 158 -30.54 5.68 3.57
C PRO A 158 -31.75 4.99 2.95
N THR A 159 -31.74 4.94 1.62
CA THR A 159 -32.77 4.30 0.84
C THR A 159 -32.79 2.78 1.14
N PRO A 160 -33.95 2.12 0.92
CA PRO A 160 -34.08 0.70 1.31
C PRO A 160 -33.01 -0.26 0.78
N GLU A 161 -32.56 -0.09 -0.46
CA GLU A 161 -31.60 -1.06 -0.96
C GLU A 161 -30.27 -0.94 -0.24
N ILE A 162 -30.03 0.17 0.45
CA ILE A 162 -28.85 0.30 1.30
C ILE A 162 -29.17 -0.08 2.74
N PHE A 163 -30.28 0.46 3.28
CA PHE A 163 -30.61 0.19 4.68
C PHE A 163 -30.88 -1.30 4.95
N ASN A 164 -31.53 -1.98 4.01
CA ASN A 164 -31.90 -3.39 4.22
C ASN A 164 -30.70 -4.33 4.19
N ALA A 165 -29.53 -3.88 3.74
CA ALA A 165 -28.35 -4.71 3.89
C ALA A 165 -27.89 -4.80 5.33
N LEU A 166 -28.38 -3.94 6.23
CA LEU A 166 -27.97 -4.04 7.63
C LEU A 166 -28.55 -5.30 8.25
N PRO A 167 -27.72 -6.15 8.85
CA PRO A 167 -28.24 -7.41 9.42
C PRO A 167 -29.31 -7.21 10.47
N THR A 168 -29.37 -6.05 11.13
CA THR A 168 -30.41 -5.82 12.12
C THR A 168 -31.39 -4.72 11.71
N TYR A 169 -31.54 -4.50 10.40
CA TYR A 169 -32.35 -3.40 9.90
C TYR A 169 -33.79 -3.48 10.41
N ASP A 170 -34.32 -4.69 10.60
CA ASP A 170 -35.72 -4.81 10.98
C ASP A 170 -35.93 -4.44 12.45
N THR A 171 -34.97 -4.77 13.31
CA THR A 171 -35.07 -4.35 14.72
C THR A 171 -34.94 -2.83 14.84
N LEU A 172 -34.03 -2.23 14.07
CA LEU A 172 -33.89 -0.79 14.11
C LEU A 172 -35.20 -0.07 13.75
N LEU A 173 -35.88 -0.53 12.69
CA LEU A 173 -37.13 0.12 12.27
C LEU A 173 -38.22 -0.01 13.32
N GLU A 174 -38.35 -1.20 13.93
CA GLU A 174 -39.35 -1.42 14.98
C GLU A 174 -39.15 -0.47 16.15
N GLN A 175 -37.91 -0.26 16.57
CA GLN A 175 -37.62 0.60 17.70
C GLN A 175 -37.78 2.08 17.36
N LEU A 176 -37.54 2.46 16.09
CA LEU A 176 -37.77 3.84 15.71
C LEU A 176 -39.25 4.18 15.85
N CYS A 177 -40.12 3.20 15.67
CA CYS A 177 -41.55 3.47 15.78
C CYS A 177 -42.03 3.61 17.21
N ASP A 178 -41.15 3.48 18.21
CA ASP A 178 -41.48 3.80 19.60
C ASP A 178 -41.27 5.28 19.94
N TYR A 179 -40.75 6.07 19.00
CA TYR A 179 -40.76 7.50 19.16
C TYR A 179 -42.11 8.02 18.70
N ASP A 180 -42.63 9.05 19.40
CA ASP A 180 -43.84 9.74 18.94
C ASP A 180 -43.57 10.69 17.78
N LEU A 181 -42.34 11.18 17.66
CA LEU A 181 -42.01 12.16 16.64
C LEU A 181 -40.60 11.84 16.15
N LEU A 182 -40.45 11.74 14.86
CA LEU A 182 -39.19 11.50 14.17
C LEU A 182 -38.91 12.70 13.29
N GLY A 183 -37.84 13.41 13.59
CA GLY A 183 -37.43 14.53 12.80
C GLY A 183 -36.24 14.19 11.94
N PHE A 184 -36.16 14.84 10.77
CA PHE A 184 -35.13 14.57 9.78
C PHE A 184 -34.60 15.87 9.17
N GLN A 185 -33.40 15.77 8.61
CA GLN A 185 -32.81 16.95 7.99
C GLN A 185 -33.54 17.36 6.72
N THR A 186 -33.98 16.39 5.93
CA THR A 186 -34.51 16.67 4.60
C THR A 186 -35.74 15.82 4.35
N GLU A 187 -36.48 16.23 3.32
CA GLU A 187 -37.64 15.45 2.94
C GLU A 187 -37.21 14.12 2.32
N ASN A 188 -36.04 14.08 1.69
CA ASN A 188 -35.59 12.79 1.19
C ASN A 188 -35.25 11.83 2.32
N ASP A 189 -34.69 12.32 3.41
CA ASP A 189 -34.42 11.41 4.51
C ASP A 189 -35.72 10.87 5.09
N ARG A 190 -36.70 11.76 5.32
CA ARG A 190 -37.97 11.36 5.88
C ARG A 190 -38.65 10.31 4.99
N LEU A 191 -38.66 10.57 3.69
CA LEU A 191 -39.30 9.63 2.78
C LEU A 191 -38.51 8.34 2.67
N ALA A 192 -37.17 8.39 2.75
CA ALA A 192 -36.42 7.16 2.76
C ALA A 192 -36.82 6.29 3.94
N PHE A 193 -36.95 6.91 5.11
CA PHE A 193 -37.37 6.16 6.28
C PHE A 193 -38.76 5.56 6.07
N LEU A 194 -39.68 6.31 5.46
CA LEU A 194 -41.01 5.72 5.24
C LEU A 194 -40.96 4.58 4.22
N ASP A 195 -40.06 4.67 3.22
CA ASP A 195 -39.85 3.55 2.32
C ASP A 195 -39.29 2.33 3.03
N CYS A 196 -38.33 2.53 3.93
CA CYS A 196 -37.78 1.36 4.62
C CYS A 196 -38.86 0.73 5.48
N LEU A 197 -39.66 1.56 6.14
CA LEU A 197 -40.70 1.04 7.00
C LEU A 197 -41.78 0.32 6.20
N SER A 198 -42.25 0.91 5.11
CA SER A 198 -43.34 0.27 4.38
C SER A 198 -42.86 -0.96 3.61
N ASN A 199 -41.58 -1.05 3.30
CA ASN A 199 -41.08 -2.28 2.70
C ASN A 199 -41.12 -3.42 3.71
N LEU A 200 -41.05 -3.11 4.99
CA LEU A 200 -41.08 -4.13 6.01
C LEU A 200 -42.49 -4.39 6.57
N THR A 201 -43.36 -3.39 6.63
CA THR A 201 -44.63 -3.57 7.34
C THR A 201 -45.69 -2.65 6.75
N ARG A 202 -46.97 -2.99 6.94
CA ARG A 202 -48.05 -2.11 6.47
C ARG A 202 -48.07 -0.83 7.28
N VAL A 203 -47.92 0.30 6.60
CA VAL A 203 -47.86 1.62 7.22
C VAL A 203 -49.06 2.43 6.74
N THR A 204 -49.78 3.06 7.67
CA THR A 204 -50.85 3.99 7.31
C THR A 204 -50.32 5.42 7.42
N THR A 205 -50.65 6.27 6.46
CA THR A 205 -50.28 7.69 6.48
C THR A 205 -51.50 8.59 6.24
N ARG A 206 -51.67 9.60 7.09
CA ARG A 206 -52.70 10.62 6.98
C ARG A 206 -52.08 12.00 6.96
N SER A 207 -52.88 12.99 6.55
CA SER A 207 -52.36 14.26 6.04
C SER A 207 -51.11 13.82 5.29
N ALA A 208 -49.93 14.30 5.71
CA ALA A 208 -48.69 13.85 5.10
C ALA A 208 -47.77 13.12 6.09
N LYS A 209 -47.92 13.43 7.39
CA LYS A 209 -46.87 13.11 8.34
C LYS A 209 -47.35 12.42 9.60
N SER A 210 -48.49 11.75 9.56
CA SER A 210 -49.04 11.01 10.69
C SER A 210 -49.17 9.54 10.34
N HIS A 211 -48.60 8.65 11.15
CA HIS A 211 -48.41 7.28 10.69
C HIS A 211 -48.76 6.27 11.77
N THR A 212 -48.96 5.03 11.32
CA THR A 212 -49.06 3.88 12.21
C THR A 212 -48.31 2.70 11.60
N ALA A 213 -47.67 1.92 12.48
CA ALA A 213 -46.96 0.71 12.09
C ALA A 213 -46.95 -0.22 13.30
N TRP A 214 -47.27 -1.49 13.08
CA TRP A 214 -47.40 -2.44 14.19
C TRP A 214 -48.33 -1.92 15.29
N GLY A 215 -49.36 -1.17 14.92
CA GLY A 215 -50.23 -0.55 15.89
C GLY A 215 -49.67 0.65 16.63
N LYS A 216 -48.43 1.07 16.36
CA LYS A 216 -47.84 2.24 17.01
C LYS A 216 -48.06 3.50 16.18
N ALA A 217 -48.47 4.59 16.83
CA ALA A 217 -48.68 5.87 16.17
C ALA A 217 -47.48 6.79 16.34
N PHE A 218 -47.09 7.47 15.26
CA PHE A 218 -45.97 8.40 15.32
C PHE A 218 -46.10 9.39 14.19
N ARG A 219 -45.41 10.54 14.35
CA ARG A 219 -45.34 11.56 13.32
C ARG A 219 -43.92 11.62 12.78
N THR A 220 -43.80 12.16 11.57
CA THR A 220 -42.51 12.45 10.97
C THR A 220 -42.54 13.90 10.53
N GLU A 221 -41.37 14.53 10.44
CA GLU A 221 -41.32 15.92 10.01
C GLU A 221 -39.88 16.27 9.64
N VAL A 222 -39.73 17.36 8.87
CA VAL A 222 -38.45 17.88 8.42
C VAL A 222 -38.10 19.12 9.23
N TYR A 223 -36.92 19.11 9.86
CA TYR A 223 -36.38 20.29 10.55
C TYR A 223 -34.93 20.45 10.14
N PRO A 224 -34.67 21.17 9.06
CA PRO A 224 -33.28 21.43 8.66
C PRO A 224 -32.61 22.25 9.77
N ILE A 225 -31.46 21.78 10.24
CA ILE A 225 -30.77 22.48 11.32
C ILE A 225 -30.08 23.74 10.76
N GLY A 226 -30.10 24.81 11.55
CA GLY A 226 -29.49 26.02 11.10
C GLY A 226 -28.39 26.49 12.01
N ILE A 227 -28.00 27.75 11.79
CA ILE A 227 -26.94 28.41 12.55
C ILE A 227 -27.54 29.63 13.25
N GLU A 228 -26.69 30.34 14.00
CA GLU A 228 -26.93 31.65 14.62
C GLU A 228 -26.24 32.72 13.77
N PRO A 229 -26.95 33.42 12.87
CA PRO A 229 -26.26 34.23 11.87
C PRO A 229 -25.58 35.46 12.42
N LYS A 230 -26.13 36.11 13.44
CA LYS A 230 -25.47 37.33 13.88
C LYS A 230 -24.24 37.01 14.70
N GLU A 231 -24.15 35.83 15.32
CA GLU A 231 -22.90 35.52 15.99
C GLU A 231 -21.80 35.22 14.97
N ILE A 232 -22.14 34.51 13.90
CA ILE A 232 -21.20 34.29 12.80
C ILE A 232 -20.72 35.63 12.24
N ALA A 233 -21.65 36.56 11.98
CA ALA A 233 -21.28 37.86 11.40
C ALA A 233 -20.40 38.68 12.34
N LYS A 234 -20.58 38.52 13.65
CA LYS A 234 -19.76 39.26 14.59
C LYS A 234 -18.33 38.74 14.58
N GLN A 235 -18.16 37.43 14.64
CA GLN A 235 -16.81 36.89 14.56
C GLN A 235 -16.15 37.20 13.22
N ALA A 236 -16.92 37.28 12.14
CA ALA A 236 -16.31 37.37 10.82
C ALA A 236 -15.74 38.74 10.59
N ALA A 237 -16.36 39.76 11.16
CA ALA A 237 -15.99 41.14 10.88
C ALA A 237 -14.99 41.69 11.87
N GLY A 238 -14.61 40.92 12.90
CA GLY A 238 -13.60 41.34 13.82
C GLY A 238 -12.25 41.49 13.16
N PRO A 239 -11.33 42.23 13.81
CA PRO A 239 -9.96 42.33 13.28
C PRO A 239 -9.15 41.06 13.51
N LEU A 240 -8.14 40.90 12.65
CA LEU A 240 -7.35 39.68 12.56
C LEU A 240 -6.29 39.60 13.67
N PRO A 241 -5.96 38.38 14.09
CA PRO A 241 -4.75 38.15 14.92
C PRO A 241 -3.50 38.69 14.24
N PRO A 242 -2.45 39.02 15.01
CA PRO A 242 -1.38 39.87 14.42
C PRO A 242 -0.75 39.32 13.17
N LYS A 243 -0.36 38.04 13.23
CA LYS A 243 0.35 37.37 12.15
C LYS A 243 -0.60 37.03 10.99
N LEU A 244 -1.90 36.95 11.25
CA LEU A 244 -2.85 36.73 10.19
C LEU A 244 -3.45 38.04 9.70
N ALA A 245 -3.27 39.13 10.47
CA ALA A 245 -3.57 40.48 9.97
C ALA A 245 -2.58 40.86 8.88
N GLN A 246 -1.32 40.51 9.08
CA GLN A 246 -0.24 40.88 8.17
C GLN A 246 -0.48 40.37 6.75
N LEU A 247 -1.17 39.23 6.59
CA LEU A 247 -1.17 38.54 5.30
C LEU A 247 -2.46 38.68 4.49
N LYS A 248 -3.56 39.19 5.08
CA LYS A 248 -4.60 39.74 4.20
C LYS A 248 -4.02 40.84 3.34
N ALA A 249 -2.97 41.49 3.85
CA ALA A 249 -2.14 42.37 3.06
C ALA A 249 -1.20 41.62 2.12
N GLU A 250 -0.86 40.37 2.38
CA GLU A 250 -0.18 39.66 1.30
C GLU A 250 -1.14 39.01 0.29
N LEU A 251 -2.42 38.67 0.67
CA LEU A 251 -3.35 38.01 -0.28
C LEU A 251 -4.19 38.98 -1.09
N LYS A 252 -3.55 39.98 -1.67
CA LYS A 252 -4.23 41.04 -2.41
C LYS A 252 -4.56 40.68 -3.83
N ASN A 253 -3.60 40.08 -4.53
CA ASN A 253 -3.76 39.70 -5.93
C ASN A 253 -4.07 38.21 -6.13
N VAL A 254 -4.58 37.52 -5.11
CA VAL A 254 -4.94 36.12 -5.25
C VAL A 254 -6.38 35.93 -4.79
N GLN A 255 -7.14 35.17 -5.58
CA GLN A 255 -8.47 34.76 -5.17
C GLN A 255 -8.36 33.43 -4.45
N ASN A 256 -9.00 33.34 -3.31
CA ASN A 256 -8.90 32.14 -2.49
C ASN A 256 -10.18 31.35 -2.62
N ILE A 257 -10.05 30.08 -3.00
CA ILE A 257 -11.10 29.09 -2.82
C ILE A 257 -10.83 28.40 -1.48
N PHE A 258 -11.86 28.28 -0.66
CA PHE A 258 -11.65 27.82 0.71
C PHE A 258 -12.59 26.67 1.07
N SER A 259 -12.08 25.77 1.90
CA SER A 259 -12.87 24.67 2.42
C SER A 259 -12.32 24.26 3.77
N VAL A 260 -13.21 23.93 4.70
CA VAL A 260 -12.80 23.41 6.01
C VAL A 260 -13.77 22.29 6.38
N GLU A 261 -13.25 21.08 6.58
CA GLU A 261 -14.09 19.93 6.83
C GLU A 261 -13.31 18.94 7.66
N ARG A 262 -14.02 18.18 8.49
CA ARG A 262 -13.44 17.02 9.16
C ARG A 262 -13.11 15.94 8.15
N LEU A 263 -12.07 15.16 8.47
CA LEU A 263 -11.71 14.03 7.62
C LEU A 263 -12.70 12.90 7.77
N ASP A 264 -13.35 12.54 6.68
CA ASP A 264 -14.41 11.55 6.71
C ASP A 264 -14.75 11.19 5.27
N TYR A 265 -15.03 9.90 5.03
CA TYR A 265 -15.25 9.41 3.68
C TYR A 265 -16.43 10.11 3.01
N SER A 266 -17.39 10.57 3.81
CA SER A 266 -18.58 11.19 3.22
C SER A 266 -18.28 12.55 2.62
N LYS A 267 -17.15 13.18 2.96
CA LYS A 267 -16.87 14.56 2.56
C LYS A 267 -16.24 14.66 1.19
N GLY A 268 -15.72 13.58 0.67
CA GLY A 268 -15.16 13.57 -0.67
C GLY A 268 -14.02 14.52 -0.84
N LEU A 269 -13.09 14.52 0.12
CA LEU A 269 -12.04 15.50 -0.01
C LEU A 269 -11.08 15.15 -1.16
N PRO A 270 -10.75 13.89 -1.43
CA PRO A 270 -9.98 13.61 -2.65
C PRO A 270 -10.66 14.09 -3.93
N GLU A 271 -11.98 14.08 -3.98
CA GLU A 271 -12.70 14.50 -5.18
C GLU A 271 -12.69 16.01 -5.35
N ARG A 272 -12.71 16.77 -4.24
CA ARG A 272 -12.48 18.20 -4.31
C ARG A 272 -11.11 18.52 -4.88
N PHE A 273 -10.06 17.80 -4.41
CA PHE A 273 -8.72 18.03 -4.95
C PHE A 273 -8.70 17.79 -6.44
N LEU A 274 -9.31 16.68 -6.89
CA LEU A 274 -9.34 16.39 -8.31
C LEU A 274 -10.15 17.43 -9.08
N ALA A 275 -11.19 17.99 -8.44
CA ALA A 275 -11.91 19.10 -9.08
C ALA A 275 -11.02 20.32 -9.21
N TYR A 276 -10.15 20.53 -8.24
CA TYR A 276 -9.27 21.66 -8.32
C TYR A 276 -8.23 21.41 -9.38
N GLU A 277 -7.76 20.16 -9.50
CA GLU A 277 -6.83 19.86 -10.57
C GLU A 277 -7.49 20.05 -11.94
N ALA A 278 -8.79 19.70 -12.06
CA ALA A 278 -9.51 19.91 -13.32
C ALA A 278 -9.61 21.38 -13.70
N LEU A 279 -9.78 22.25 -12.71
CA LEU A 279 -9.80 23.68 -12.93
C LEU A 279 -8.45 24.17 -13.44
N LEU A 280 -7.37 23.74 -12.78
CA LEU A 280 -6.02 24.14 -13.17
C LEU A 280 -5.66 23.59 -14.56
N GLU A 281 -6.11 22.39 -14.88
CA GLU A 281 -5.81 21.78 -16.17
C GLU A 281 -6.63 22.38 -17.28
N LYS A 282 -7.87 22.80 -17.02
CA LYS A 282 -8.76 23.26 -18.08
C LYS A 282 -9.02 24.77 -18.08
N TYR A 283 -8.56 25.51 -17.08
CA TYR A 283 -8.71 26.96 -17.09
C TYR A 283 -7.35 27.55 -16.76
N PRO A 284 -6.36 27.36 -17.64
CA PRO A 284 -5.01 27.84 -17.34
C PRO A 284 -4.96 29.33 -17.14
N GLN A 285 -5.99 30.06 -17.53
CA GLN A 285 -5.97 31.49 -17.29
C GLN A 285 -5.87 31.84 -15.80
N HIS A 286 -6.16 30.90 -14.90
CA HIS A 286 -6.12 31.20 -13.48
C HIS A 286 -4.75 30.97 -12.88
N HIS A 287 -3.82 30.37 -13.61
CA HIS A 287 -2.52 30.02 -13.03
C HIS A 287 -1.82 31.25 -12.45
N GLY A 288 -1.30 31.09 -11.24
CA GLY A 288 -0.65 32.16 -10.54
C GLY A 288 -1.55 33.21 -9.95
N LYS A 289 -2.87 33.12 -10.13
CA LYS A 289 -3.75 34.16 -9.66
C LYS A 289 -4.83 33.64 -8.70
N ILE A 290 -4.84 32.33 -8.39
CA ILE A 290 -5.83 31.77 -7.50
C ILE A 290 -5.14 30.87 -6.50
N ARG A 291 -5.89 30.48 -5.49
CA ARG A 291 -5.37 29.54 -4.50
C ARG A 291 -6.55 28.78 -3.93
N TYR A 292 -6.35 27.48 -3.74
CA TYR A 292 -7.27 26.61 -3.01
C TYR A 292 -6.63 26.31 -1.66
N THR A 293 -7.31 26.65 -0.58
CA THR A 293 -6.84 26.32 0.77
C THR A 293 -7.81 25.33 1.39
N GLN A 294 -7.30 24.19 1.83
CA GLN A 294 -8.13 23.19 2.49
C GLN A 294 -7.60 22.97 3.90
N ILE A 295 -8.43 23.28 4.88
CA ILE A 295 -8.13 23.02 6.29
C ILE A 295 -8.80 21.72 6.68
N ALA A 296 -8.02 20.81 7.24
CA ALA A 296 -8.49 19.48 7.62
C ALA A 296 -7.96 19.29 9.04
N PRO A 297 -8.77 19.53 10.06
CA PRO A 297 -8.25 19.47 11.43
C PRO A 297 -7.77 18.09 11.85
N THR A 298 -6.95 18.11 12.88
CA THR A 298 -6.52 16.91 13.59
C THR A 298 -7.74 16.30 14.27
N SER A 299 -7.83 14.98 14.34
CA SER A 299 -8.98 14.37 14.96
C SER A 299 -8.60 13.86 16.35
N ARG A 300 -9.38 14.30 17.34
CA ARG A 300 -9.29 13.79 18.71
C ARG A 300 -9.20 12.27 18.73
N GLY A 301 -10.17 11.59 18.10
CA GLY A 301 -10.36 10.16 18.19
C GLY A 301 -9.32 9.31 17.47
N ASP A 302 -8.46 9.92 16.65
CA ASP A 302 -7.36 9.22 15.98
C ASP A 302 -7.90 8.03 15.17
N VAL A 303 -8.94 8.28 14.38
CA VAL A 303 -9.77 7.18 13.91
C VAL A 303 -8.93 6.61 12.78
N GLN A 304 -8.51 5.35 12.87
CA GLN A 304 -7.60 4.85 11.84
C GLN A 304 -8.24 4.93 10.45
N ALA A 305 -9.57 4.75 10.37
CA ALA A 305 -10.24 4.87 9.08
C ALA A 305 -10.03 6.25 8.46
N TYR A 306 -9.95 7.30 9.30
CA TYR A 306 -9.83 8.66 8.77
C TYR A 306 -8.39 9.05 8.47
N GLN A 307 -7.40 8.25 8.89
CA GLN A 307 -6.01 8.56 8.57
C GLN A 307 -5.61 8.05 7.18
N ASP A 308 -6.25 6.99 6.67
CA ASP A 308 -6.12 6.68 5.25
C ASP A 308 -6.56 7.86 4.40
N ILE A 309 -7.59 8.59 4.84
CA ILE A 309 -8.01 9.77 4.11
C ILE A 309 -6.92 10.82 4.14
N ARG A 310 -6.31 11.02 5.32
CA ARG A 310 -5.28 12.04 5.45
C ARG A 310 -4.07 11.70 4.58
N HIS A 311 -3.66 10.44 4.59
CA HIS A 311 -2.59 9.98 3.73
C HIS A 311 -2.92 10.27 2.26
N GLN A 312 -4.19 10.10 1.87
CA GLN A 312 -4.57 10.27 0.48
C GLN A 312 -4.52 11.74 0.07
N LEU A 313 -4.90 12.65 0.98
CA LEU A 313 -4.89 14.08 0.71
C LEU A 313 -3.48 14.62 0.65
N GLU A 314 -2.64 14.18 1.59
CA GLU A 314 -1.24 14.58 1.57
C GLU A 314 -0.61 14.22 0.26
N ASN A 315 -0.92 13.04 -0.24
CA ASN A 315 -0.36 12.60 -1.51
C ASN A 315 -0.85 13.47 -2.65
N GLU A 316 -2.15 13.78 -2.66
CA GLU A 316 -2.70 14.52 -3.78
C GLU A 316 -2.31 15.97 -3.71
N ALA A 317 -2.15 16.52 -2.51
CA ALA A 317 -1.62 17.87 -2.39
C ALA A 317 -0.22 17.89 -3.00
N GLY A 318 0.63 16.95 -2.59
CA GLY A 318 1.95 16.88 -3.18
C GLY A 318 1.92 16.70 -4.67
N ARG A 319 1.00 15.88 -5.18
CA ARG A 319 1.05 15.58 -6.61
C ARG A 319 0.58 16.78 -7.42
N ILE A 320 -0.49 17.44 -6.97
CA ILE A 320 -1.07 18.54 -7.71
C ILE A 320 -0.14 19.74 -7.71
N ASN A 321 0.43 20.05 -6.56
CA ASN A 321 1.43 21.11 -6.52
C ASN A 321 2.66 20.72 -7.35
N GLY A 322 3.05 19.45 -7.32
CA GLY A 322 4.22 19.06 -8.10
C GLY A 322 4.01 19.28 -9.60
N LYS A 323 2.77 19.15 -10.07
CA LYS A 323 2.45 19.17 -11.49
C LYS A 323 2.09 20.57 -11.98
N TYR A 324 1.40 21.37 -11.15
CA TYR A 324 0.98 22.70 -11.60
C TYR A 324 1.71 23.83 -10.88
N GLY A 325 2.43 23.55 -9.80
CA GLY A 325 3.14 24.61 -9.11
C GLY A 325 4.20 25.24 -9.98
N GLN A 326 4.57 26.47 -9.60
CA GLN A 326 5.65 27.25 -10.21
C GLN A 326 6.64 27.57 -9.11
N LEU A 327 7.80 28.09 -9.51
CA LEU A 327 8.78 28.48 -8.52
C LEU A 327 8.27 29.55 -7.56
N GLY A 328 7.25 30.31 -7.95
CA GLY A 328 6.73 31.37 -7.11
C GLY A 328 5.24 31.25 -6.85
N TRP A 329 4.67 30.07 -7.04
CA TRP A 329 3.23 29.92 -6.86
C TRP A 329 2.90 28.50 -6.49
N THR A 330 2.31 28.33 -5.32
CA THR A 330 1.82 27.03 -4.95
C THR A 330 0.30 27.05 -5.06
N PRO A 331 -0.28 26.19 -5.91
CA PRO A 331 -1.74 26.23 -6.12
C PRO A 331 -2.57 25.84 -4.89
N LEU A 332 -2.15 24.84 -4.13
CA LEU A 332 -3.01 24.17 -3.14
C LEU A 332 -2.34 24.21 -1.78
N TYR A 333 -2.98 24.86 -0.84
CA TYR A 333 -2.53 24.90 0.55
C TYR A 333 -3.39 23.91 1.34
N TYR A 334 -2.81 22.83 1.77
CA TYR A 334 -3.51 21.85 2.61
C TYR A 334 -2.91 21.98 4.00
N LEU A 335 -3.75 22.27 4.98
CA LEU A 335 -3.25 22.47 6.35
C LEU A 335 -3.95 21.47 7.25
N ASN A 336 -3.17 20.58 7.83
CA ASN A 336 -3.69 19.62 8.80
C ASN A 336 -3.42 20.17 10.19
N GLN A 337 -4.14 21.25 10.50
CA GLN A 337 -3.97 22.03 11.71
C GLN A 337 -5.32 22.47 12.28
N HIS A 338 -5.33 22.77 13.57
CA HIS A 338 -6.53 23.32 14.20
C HIS A 338 -6.50 24.84 14.07
N PHE A 339 -7.57 25.40 13.55
CA PHE A 339 -7.72 26.84 13.55
C PHE A 339 -8.90 27.19 14.45
N ASP A 340 -8.72 28.22 15.24
CA ASP A 340 -9.76 28.63 16.16
C ASP A 340 -11.00 29.07 15.38
N ARG A 341 -12.17 28.77 15.95
CA ARG A 341 -13.40 28.92 15.20
C ARG A 341 -13.66 30.38 14.79
N LYS A 342 -13.33 31.34 15.66
CA LYS A 342 -13.50 32.77 15.31
C LYS A 342 -12.60 33.19 14.16
N LEU A 343 -11.43 32.54 14.01
CA LEU A 343 -10.54 32.84 12.90
C LEU A 343 -11.07 32.25 11.59
N LEU A 344 -11.71 31.07 11.64
CA LEU A 344 -12.30 30.50 10.44
C LEU A 344 -13.35 31.40 9.84
N MET A 345 -14.17 32.04 10.71
CA MET A 345 -15.21 32.92 10.21
C MET A 345 -14.62 34.07 9.42
N LYS A 346 -13.50 34.63 9.89
CA LYS A 346 -12.82 35.69 9.15
C LYS A 346 -12.26 35.15 7.84
N ILE A 347 -11.67 33.96 7.87
CA ILE A 347 -11.16 33.37 6.64
C ILE A 347 -12.29 33.19 5.64
N PHE A 348 -13.45 32.71 6.10
CA PHE A 348 -14.65 32.67 5.27
C PHE A 348 -14.94 34.03 4.61
N ARG A 349 -14.94 35.09 5.40
CA ARG A 349 -15.35 36.40 4.87
C ARG A 349 -14.41 36.90 3.76
N TYR A 350 -13.13 36.65 3.89
CA TYR A 350 -12.16 37.13 2.93
C TYR A 350 -11.92 36.14 1.80
N SER A 351 -12.67 35.05 1.75
CA SER A 351 -12.49 34.06 0.69
C SER A 351 -13.49 34.30 -0.42
N ASP A 352 -12.98 34.35 -1.65
CA ASP A 352 -13.84 34.63 -2.78
C ASP A 352 -14.80 33.51 -3.04
N VAL A 353 -14.39 32.28 -2.80
CA VAL A 353 -15.21 31.13 -3.11
C VAL A 353 -15.17 30.20 -1.92
N GLY A 354 -16.37 29.73 -1.49
CA GLY A 354 -16.48 28.69 -0.52
C GLY A 354 -16.91 27.42 -1.22
N LEU A 355 -16.09 26.38 -1.08
CA LEU A 355 -16.28 25.09 -1.75
C LEU A 355 -16.73 24.05 -0.72
N VAL A 356 -18.01 23.64 -0.79
CA VAL A 356 -18.59 22.67 0.15
C VAL A 356 -19.24 21.58 -0.70
N THR A 357 -18.50 20.54 -1.01
CA THR A 357 -18.95 19.50 -1.94
C THR A 357 -18.80 18.11 -1.35
N PRO A 358 -19.55 17.78 -0.30
CA PRO A 358 -19.54 16.40 0.20
C PRO A 358 -20.26 15.47 -0.75
N LEU A 359 -19.92 14.18 -0.63
CA LEU A 359 -20.57 13.14 -1.40
C LEU A 359 -21.94 12.76 -0.82
N ARG A 360 -22.08 12.84 0.51
CA ARG A 360 -23.36 12.63 1.17
C ARG A 360 -23.31 13.29 2.54
N ASP A 361 -24.26 14.16 2.84
CA ASP A 361 -24.19 14.94 4.08
C ASP A 361 -25.60 15.19 4.57
N GLY A 362 -25.82 15.02 5.88
CA GLY A 362 -27.12 15.35 6.44
C GLY A 362 -27.51 16.80 6.25
N MET A 363 -26.63 17.70 6.65
CA MET A 363 -26.70 19.15 6.44
C MET A 363 -25.28 19.65 6.60
N ASN A 364 -24.75 20.33 5.63
CA ASN A 364 -23.41 20.83 5.87
C ASN A 364 -23.56 22.22 6.48
N LEU A 365 -23.23 22.38 7.77
CA LEU A 365 -23.38 23.72 8.34
C LEU A 365 -22.25 24.65 7.95
N VAL A 366 -21.09 24.14 7.52
CA VAL A 366 -20.07 25.02 6.95
C VAL A 366 -20.65 25.88 5.82
N ALA A 367 -21.57 25.30 5.03
CA ALA A 367 -22.19 26.02 3.94
C ALA A 367 -22.91 27.26 4.43
N LYS A 368 -23.67 27.13 5.52
CA LYS A 368 -24.43 28.28 6.02
C LYS A 368 -23.53 29.27 6.73
N GLU A 369 -22.54 28.78 7.48
CA GLU A 369 -21.57 29.67 8.10
C GLU A 369 -20.84 30.51 7.08
N TYR A 370 -20.52 29.92 5.92
CA TYR A 370 -19.81 30.66 4.89
C TYR A 370 -20.64 31.84 4.42
N VAL A 371 -21.92 31.60 4.10
CA VAL A 371 -22.69 32.72 3.59
C VAL A 371 -23.02 33.70 4.71
N ALA A 372 -23.23 33.21 5.95
CA ALA A 372 -23.49 34.15 7.03
C ALA A 372 -22.27 35.01 7.36
N ALA A 373 -21.07 34.54 7.00
CA ALA A 373 -19.83 35.25 7.28
C ALA A 373 -19.50 36.32 6.25
N GLN A 374 -20.14 36.31 5.09
CA GLN A 374 -19.74 37.22 4.04
C GLN A 374 -20.13 38.66 4.40
N ASP A 375 -19.35 39.58 3.90
CA ASP A 375 -19.76 40.97 3.86
C ASP A 375 -20.87 41.09 2.83
N PRO A 376 -22.09 41.45 3.23
CA PRO A 376 -23.21 41.46 2.26
C PRO A 376 -22.98 42.40 1.09
N ALA A 377 -22.21 43.46 1.26
CA ALA A 377 -22.00 44.41 0.18
C ALA A 377 -20.99 43.92 -0.85
N ASN A 378 -20.23 42.88 -0.52
CA ASN A 378 -19.26 42.31 -1.44
C ASN A 378 -19.00 40.84 -1.07
N PRO A 379 -19.96 39.95 -1.32
CA PRO A 379 -19.82 38.56 -0.88
C PRO A 379 -19.14 37.63 -1.87
N GLY A 380 -18.58 36.57 -1.31
CA GLY A 380 -18.04 35.51 -2.11
C GLY A 380 -19.16 34.58 -2.57
N VAL A 381 -18.77 33.54 -3.31
CA VAL A 381 -19.68 32.59 -3.94
C VAL A 381 -19.60 31.26 -3.24
N LEU A 382 -20.74 30.62 -3.05
CA LEU A 382 -20.81 29.29 -2.44
C LEU A 382 -20.96 28.24 -3.54
N VAL A 383 -20.02 27.27 -3.60
CA VAL A 383 -20.15 26.12 -4.51
C VAL A 383 -20.53 24.91 -3.69
N LEU A 384 -21.69 24.33 -3.98
CA LEU A 384 -22.31 23.38 -3.06
C LEU A 384 -22.69 22.10 -3.77
N SER A 385 -22.37 20.98 -3.15
CA SER A 385 -22.83 19.70 -3.66
C SER A 385 -24.32 19.57 -3.52
N GLN A 386 -24.95 18.99 -4.55
CA GLN A 386 -26.37 18.66 -4.53
C GLN A 386 -26.67 17.51 -3.56
N PHE A 387 -25.67 16.82 -3.06
CA PHE A 387 -25.89 15.80 -2.04
C PHE A 387 -25.72 16.35 -0.63
N ALA A 388 -25.44 17.63 -0.48
CA ALA A 388 -25.50 18.27 0.82
C ALA A 388 -26.95 18.60 1.16
N GLY A 389 -27.39 18.23 2.36
CA GLY A 389 -28.76 18.56 2.76
C GLY A 389 -29.07 20.05 2.58
N ALA A 390 -28.07 20.90 2.73
CA ALA A 390 -28.28 22.34 2.58
C ALA A 390 -28.70 22.75 1.18
N ALA A 391 -28.41 21.92 0.17
CA ALA A 391 -28.77 22.25 -1.21
C ALA A 391 -30.29 22.38 -1.38
N ASN A 392 -31.10 21.84 -0.45
CA ASN A 392 -32.55 21.94 -0.59
C ASN A 392 -33.05 23.29 -0.20
N GLU A 393 -32.36 24.00 0.68
CA GLU A 393 -32.80 25.36 0.91
C GLU A 393 -31.88 26.41 0.32
N LEU A 394 -30.60 26.10 0.06
CA LEU A 394 -29.65 27.06 -0.53
C LEU A 394 -29.62 26.99 -2.07
N THR A 395 -30.79 27.20 -2.67
CA THR A 395 -30.95 26.96 -4.10
C THR A 395 -30.17 27.93 -4.98
N SER A 396 -29.80 29.09 -4.47
CA SER A 396 -29.04 30.05 -5.26
C SER A 396 -27.54 29.87 -5.11
N ALA A 397 -27.09 28.86 -4.38
CA ALA A 397 -25.69 28.48 -4.49
C ALA A 397 -25.43 27.93 -5.88
N LEU A 398 -24.17 27.74 -6.23
CA LEU A 398 -23.83 27.05 -7.47
C LEU A 398 -23.81 25.55 -7.18
N ILE A 399 -24.88 24.87 -7.52
CA ILE A 399 -25.06 23.48 -7.18
C ILE A 399 -24.31 22.62 -8.18
N VAL A 400 -23.55 21.64 -7.67
CA VAL A 400 -22.74 20.80 -8.54
C VAL A 400 -22.87 19.37 -8.07
N ASN A 401 -22.59 18.45 -9.02
CA ASN A 401 -22.48 17.00 -8.81
C ASN A 401 -21.01 16.68 -8.66
N PRO A 402 -20.54 16.33 -7.46
CA PRO A 402 -19.10 16.08 -7.27
C PRO A 402 -18.57 14.87 -8.04
N TYR A 403 -19.42 14.01 -8.59
CA TYR A 403 -18.87 12.93 -9.38
C TYR A 403 -18.43 13.36 -10.77
N ASP A 404 -18.75 14.58 -11.17
CA ASP A 404 -18.33 15.18 -12.43
C ASP A 404 -17.32 16.28 -12.07
N ARG A 405 -16.04 15.93 -12.07
CA ARG A 405 -15.05 16.91 -11.64
C ARG A 405 -14.95 18.10 -12.60
N ASP A 406 -15.30 17.91 -13.90
CA ASP A 406 -15.29 19.04 -14.82
C ASP A 406 -16.44 19.99 -14.54
N GLU A 407 -17.56 19.45 -14.07
CA GLU A 407 -18.67 20.30 -13.71
C GLU A 407 -18.35 21.12 -12.44
N VAL A 408 -17.63 20.53 -11.48
CA VAL A 408 -17.22 21.29 -10.31
C VAL A 408 -16.22 22.38 -10.70
N ALA A 409 -15.22 22.03 -11.54
CA ALA A 409 -14.27 23.00 -12.06
C ALA A 409 -14.98 24.15 -12.80
N ALA A 410 -15.95 23.84 -13.65
CA ALA A 410 -16.69 24.88 -14.34
C ALA A 410 -17.47 25.76 -13.35
N ALA A 411 -17.91 25.20 -12.22
CA ALA A 411 -18.61 26.05 -11.27
C ALA A 411 -17.63 26.97 -10.55
N LEU A 412 -16.43 26.45 -10.24
CA LEU A 412 -15.38 27.26 -9.62
C LEU A 412 -14.93 28.37 -10.55
N ASP A 413 -14.72 28.06 -11.84
CA ASP A 413 -14.39 29.11 -12.77
C ASP A 413 -15.50 30.15 -12.85
N ARG A 414 -16.77 29.72 -12.89
CA ARG A 414 -17.87 30.66 -12.82
C ARG A 414 -17.87 31.45 -11.51
N ALA A 415 -17.54 30.81 -10.41
CA ALA A 415 -17.54 31.51 -9.12
C ALA A 415 -16.46 32.58 -9.09
N LEU A 416 -15.27 32.28 -9.63
CA LEU A 416 -14.15 33.21 -9.60
C LEU A 416 -14.33 34.45 -10.49
N THR A 417 -15.20 34.40 -11.49
CA THR A 417 -15.39 35.50 -12.44
C THR A 417 -16.77 36.14 -12.33
N MET A 418 -17.55 35.78 -11.31
CA MET A 418 -18.90 36.29 -11.17
C MET A 418 -18.90 37.78 -10.81
N SER A 419 -19.74 38.54 -11.49
CA SER A 419 -19.85 39.96 -11.24
C SER A 419 -20.36 40.21 -9.83
N LEU A 420 -20.15 41.45 -9.34
CA LEU A 420 -20.60 41.81 -8.00
C LEU A 420 -22.13 41.78 -7.89
N ALA A 421 -22.85 42.25 -8.94
CA ALA A 421 -24.31 42.27 -8.85
C ALA A 421 -24.87 40.87 -8.61
N GLU A 422 -24.37 39.87 -9.36
CA GLU A 422 -24.88 38.51 -9.20
C GLU A 422 -24.42 37.87 -7.88
N ARG A 423 -23.21 38.16 -7.41
CA ARG A 423 -22.81 37.66 -6.11
C ARG A 423 -23.73 38.22 -5.01
N ILE A 424 -24.04 39.51 -5.07
CA ILE A 424 -24.97 40.06 -4.08
C ILE A 424 -26.33 39.41 -4.21
N SER A 425 -26.81 39.22 -5.44
CA SER A 425 -28.12 38.62 -5.64
C SER A 425 -28.18 37.20 -5.09
N ARG A 426 -27.17 36.37 -5.42
CA ARG A 426 -27.15 34.99 -4.92
C ARG A 426 -26.94 34.95 -3.41
N HIS A 427 -26.05 35.77 -2.89
CA HIS A 427 -25.80 35.75 -1.47
C HIS A 427 -27.00 36.26 -0.67
N ALA A 428 -27.66 37.30 -1.16
CA ALA A 428 -28.77 37.88 -0.40
C ALA A 428 -29.90 36.90 -0.26
N GLU A 429 -30.14 36.11 -1.29
CA GLU A 429 -31.23 35.16 -1.23
C GLU A 429 -30.90 33.98 -0.31
N MET A 430 -29.65 33.51 -0.30
CA MET A 430 -29.27 32.48 0.66
C MET A 430 -29.31 33.01 2.09
N LEU A 431 -28.83 34.24 2.33
CA LEU A 431 -28.79 34.75 3.70
C LEU A 431 -30.20 34.88 4.27
N ASP A 432 -31.16 35.26 3.43
CA ASP A 432 -32.53 35.36 3.89
C ASP A 432 -33.04 34.00 4.36
N VAL A 433 -32.75 32.93 3.59
CA VAL A 433 -33.14 31.57 3.94
C VAL A 433 -32.56 31.16 5.29
N ILE A 434 -31.28 31.47 5.50
CA ILE A 434 -30.56 31.10 6.71
C ILE A 434 -30.99 31.97 7.90
N VAL A 435 -31.30 33.24 7.66
CA VAL A 435 -31.76 34.07 8.77
C VAL A 435 -33.17 33.67 9.18
N LYS A 436 -34.03 33.33 8.23
CA LYS A 436 -35.40 32.96 8.54
C LYS A 436 -35.48 31.59 9.23
N ASN A 437 -34.62 30.64 8.86
CA ASN A 437 -34.56 29.32 9.50
C ASN A 437 -33.24 29.16 10.26
N ASP A 438 -33.12 29.89 11.35
CA ASP A 438 -31.91 29.82 12.14
C ASP A 438 -32.06 28.72 13.20
N ILE A 439 -30.98 28.51 13.96
CA ILE A 439 -30.94 27.42 14.92
C ILE A 439 -32.06 27.56 15.95
N ASN A 440 -32.48 28.78 16.26
CA ASN A 440 -33.50 28.95 17.27
C ASN A 440 -34.89 28.61 16.73
N HIS A 441 -35.15 28.99 15.49
CA HIS A 441 -36.34 28.54 14.80
C HIS A 441 -36.41 27.01 14.75
N TRP A 442 -35.27 26.36 14.55
CA TRP A 442 -35.20 24.91 14.44
C TRP A 442 -35.68 24.22 15.73
N GLN A 443 -35.11 24.61 16.89
CA GLN A 443 -35.50 23.94 18.12
C GLN A 443 -36.93 24.31 18.53
N GLU A 444 -37.38 25.54 18.24
CA GLU A 444 -38.76 25.90 18.57
C GLU A 444 -39.77 25.09 17.76
N CYS A 445 -39.52 24.90 16.47
CA CYS A 445 -40.41 24.08 15.66
C CYS A 445 -40.50 22.64 16.18
N PHE A 446 -39.38 22.06 16.60
CA PHE A 446 -39.38 20.67 17.04
C PHE A 446 -40.07 20.52 18.41
N ILE A 447 -39.72 21.37 19.38
CA ILE A 447 -40.37 21.28 20.70
C ILE A 447 -41.87 21.58 20.62
N SER A 448 -42.26 22.55 19.80
CA SER A 448 -43.68 22.84 19.66
C SER A 448 -44.43 21.65 19.05
N ASP A 449 -43.81 20.96 18.08
CA ASP A 449 -44.41 19.74 17.54
C ASP A 449 -44.37 18.60 18.55
N LEU A 450 -43.30 18.54 19.34
CA LEU A 450 -43.19 17.49 20.33
C LEU A 450 -44.24 17.69 21.41
N LYS A 451 -44.49 18.95 21.82
CA LYS A 451 -45.43 19.22 22.90
C LYS A 451 -46.87 18.91 22.52
N GLN A 452 -47.29 19.24 21.30
CA GLN A 452 -48.69 19.03 20.93
C GLN A 452 -49.04 17.56 20.68
N ILE A 453 -48.05 16.66 20.72
CA ILE A 453 -48.32 15.23 20.69
C ILE A 453 -49.11 14.85 21.94
N VAL A 454 -50.14 14.04 21.78
CA VAL A 454 -50.88 13.53 22.93
C VAL A 454 -50.31 12.16 23.27
N PRO A 455 -49.85 11.95 24.51
CA PRO A 455 -49.20 10.73 25.00
C PRO A 455 -49.95 9.47 24.59
N SER B 1 47.14 6.49 -31.89
CA SER B 1 46.75 7.90 -31.77
C SER B 1 45.26 8.16 -31.90
N ARG B 2 44.61 7.54 -32.89
CA ARG B 2 43.19 7.77 -33.10
C ARG B 2 42.37 7.17 -31.94
N LEU B 3 41.29 7.86 -31.58
CA LEU B 3 40.53 7.56 -30.38
C LEU B 3 39.16 7.02 -30.75
N VAL B 4 38.83 5.86 -30.17
CA VAL B 4 37.54 5.21 -30.28
C VAL B 4 36.90 5.28 -28.90
N VAL B 5 35.75 5.95 -28.81
CA VAL B 5 34.98 6.10 -27.59
C VAL B 5 33.71 5.28 -27.74
N VAL B 6 33.44 4.41 -26.78
CA VAL B 6 32.23 3.60 -26.77
C VAL B 6 31.49 3.95 -25.50
N SER B 7 30.24 4.39 -25.65
CA SER B 7 29.39 4.71 -24.51
C SER B 7 27.98 4.24 -24.80
N ASN B 8 27.19 4.11 -23.74
CA ASN B 8 25.85 3.55 -23.88
C ASN B 8 24.96 4.43 -24.77
N ARG B 9 25.34 5.67 -25.02
CA ARG B 9 24.56 6.51 -25.90
C ARG B 9 25.45 7.63 -26.40
N ILE B 10 25.30 8.00 -27.68
CA ILE B 10 26.04 9.11 -28.24
C ILE B 10 25.10 10.30 -28.38
N ALA B 11 25.70 11.49 -28.49
CA ALA B 11 25.13 12.81 -28.64
C ALA B 11 25.18 13.26 -30.09
N PRO B 12 24.06 13.73 -30.67
CA PRO B 12 23.97 13.97 -32.13
C PRO B 12 25.07 14.89 -32.68
N PRO B 13 25.25 16.12 -32.13
CA PRO B 13 26.38 16.79 -32.79
C PRO B 13 27.55 17.01 -31.80
N SER B 19 28.22 24.02 -23.30
CA SER B 19 27.40 23.12 -24.12
C SER B 19 26.05 22.82 -23.40
N ALA B 20 25.65 21.56 -23.36
CA ALA B 20 24.40 21.18 -22.71
C ALA B 20 24.60 20.09 -21.66
N GLY B 21 25.83 19.85 -21.21
CA GLY B 21 26.08 18.76 -20.28
C GLY B 21 27.56 18.70 -19.95
N GLY B 22 27.92 17.69 -19.16
CA GLY B 22 29.29 17.55 -18.70
C GLY B 22 30.10 16.52 -19.46
N LEU B 23 29.65 15.27 -19.44
CA LEU B 23 30.45 14.19 -20.02
C LEU B 23 30.52 14.30 -21.53
N ALA B 24 29.48 14.88 -22.15
CA ALA B 24 29.54 15.09 -23.59
C ALA B 24 30.70 16.02 -23.96
N VAL B 25 30.97 17.04 -23.14
CA VAL B 25 32.04 17.98 -23.41
C VAL B 25 33.41 17.30 -23.31
N GLY B 26 33.61 16.45 -22.32
CA GLY B 26 34.89 15.77 -22.21
C GLY B 26 35.12 14.76 -23.33
N ILE B 27 34.08 14.02 -23.71
CA ILE B 27 34.24 13.08 -24.80
C ILE B 27 34.50 13.82 -26.12
N LEU B 28 33.76 14.91 -26.37
CA LEU B 28 34.00 15.66 -27.60
C LEU B 28 35.29 16.45 -27.56
N GLY B 29 35.67 16.96 -26.39
CA GLY B 29 36.97 17.56 -26.31
C GLY B 29 38.05 16.58 -26.65
N ALA B 30 37.93 15.35 -26.16
CA ALA B 30 38.93 14.33 -26.45
C ALA B 30 38.93 13.94 -27.93
N LEU B 31 37.74 13.75 -28.53
CA LEU B 31 37.73 13.33 -29.93
C LEU B 31 38.27 14.39 -30.88
N LYS B 32 38.20 15.67 -30.51
CA LYS B 32 38.81 16.63 -31.42
C LYS B 32 40.32 16.69 -31.27
N ALA B 33 40.85 16.28 -30.11
CA ALA B 33 42.29 16.44 -29.88
C ALA B 33 43.12 15.54 -30.79
N ALA B 34 42.63 14.33 -31.08
CA ALA B 34 43.37 13.44 -31.97
C ALA B 34 42.50 12.77 -33.03
N GLY B 35 41.24 13.20 -33.19
CA GLY B 35 40.34 12.62 -34.18
C GLY B 35 39.86 11.23 -33.79
N GLY B 36 38.72 10.80 -34.31
CA GLY B 36 38.37 9.44 -34.02
C GLY B 36 36.88 9.20 -34.13
N LEU B 37 36.42 8.19 -33.38
CA LEU B 37 35.09 7.64 -33.56
C LEU B 37 34.36 7.51 -32.22
N TRP B 38 33.11 7.91 -32.21
CA TRP B 38 32.22 7.73 -31.08
C TRP B 38 31.16 6.73 -31.48
N PHE B 39 31.06 5.64 -30.72
CA PHE B 39 30.25 4.48 -31.06
C PHE B 39 29.27 4.28 -29.91
N GLY B 40 27.99 4.23 -30.22
CA GLY B 40 27.06 4.14 -29.11
C GLY B 40 25.64 3.93 -29.57
N TRP B 41 24.80 3.63 -28.59
CA TRP B 41 23.39 3.34 -28.85
C TRP B 41 22.65 4.61 -29.20
N SER B 42 21.74 4.50 -30.18
CA SER B 42 21.13 5.69 -30.74
C SER B 42 19.83 6.13 -30.06
N GLY B 43 19.29 5.31 -29.14
CA GLY B 43 18.04 5.61 -28.42
C GLY B 43 16.72 4.90 -28.82
N GLU B 44 16.65 4.26 -30.00
CA GLU B 44 15.41 3.70 -30.56
C GLU B 44 15.48 2.18 -30.60
N THR B 45 14.38 1.52 -30.95
CA THR B 45 14.26 0.09 -30.69
C THR B 45 13.35 -0.57 -31.74
N GLY B 46 13.55 -1.87 -31.92
CA GLY B 46 12.72 -2.72 -32.76
C GLY B 46 13.14 -2.85 -34.20
N ASN B 47 14.15 -2.12 -34.66
CA ASN B 47 14.72 -2.33 -35.98
C ASN B 47 16.24 -2.28 -35.81
N GLU B 48 16.86 -3.45 -35.67
CA GLU B 48 18.26 -3.62 -35.33
C GLU B 48 19.14 -3.76 -36.57
N ASP B 49 18.60 -4.35 -37.65
CA ASP B 49 19.44 -4.81 -38.75
C ASP B 49 19.66 -3.77 -39.84
N GLN B 50 19.20 -2.53 -39.67
CA GLN B 50 19.68 -1.48 -40.55
C GLN B 50 21.18 -1.33 -40.38
N PRO B 51 21.86 -0.86 -41.40
CA PRO B 51 23.28 -0.55 -41.27
C PRO B 51 23.54 0.46 -40.16
N LEU B 52 24.82 0.57 -39.82
CA LEU B 52 25.31 1.59 -38.90
C LEU B 52 24.99 3.01 -39.35
N LYS B 53 24.05 3.65 -38.66
CA LYS B 53 23.90 5.09 -38.71
C LYS B 53 25.26 5.77 -38.51
N LYS B 54 25.75 6.49 -39.51
CA LYS B 54 27.01 7.19 -39.34
C LYS B 54 26.96 8.61 -39.86
N VAL B 55 27.32 9.55 -38.99
CA VAL B 55 27.44 10.96 -39.33
C VAL B 55 28.89 11.38 -39.13
N LYS B 56 29.45 12.05 -40.13
CA LYS B 56 30.82 12.52 -40.07
C LYS B 56 30.89 14.03 -40.13
N LYS B 57 31.70 14.61 -39.24
CA LYS B 57 31.97 16.06 -39.17
C LYS B 57 33.46 16.26 -38.98
N GLY B 58 34.19 16.51 -40.07
CA GLY B 58 35.58 16.89 -39.95
C GLY B 58 36.53 15.87 -39.30
N ASN B 59 36.75 16.07 -38.02
CA ASN B 59 37.73 15.33 -37.25
C ASN B 59 37.16 14.03 -36.67
N ILE B 60 35.83 13.95 -36.56
CA ILE B 60 35.14 12.95 -35.77
C ILE B 60 34.04 12.28 -36.59
N THR B 61 33.73 11.03 -36.25
CA THR B 61 32.64 10.29 -36.86
C THR B 61 31.74 9.77 -35.73
N TRP B 62 30.44 9.95 -35.88
CA TRP B 62 29.47 9.39 -34.94
C TRP B 62 28.90 8.12 -35.54
N ALA B 63 28.97 7.01 -34.81
CA ALA B 63 28.46 5.74 -35.31
C ALA B 63 27.47 5.17 -34.30
N SER B 64 26.27 4.86 -34.77
CA SER B 64 25.21 4.46 -33.86
C SER B 64 24.37 3.31 -34.40
N PHE B 65 23.66 2.67 -33.48
CA PHE B 65 22.88 1.49 -33.77
C PHE B 65 21.60 1.45 -32.95
N ASN B 66 20.76 0.47 -33.29
CA ASN B 66 19.55 0.12 -32.56
C ASN B 66 19.52 -1.32 -32.05
N LEU B 67 18.51 -1.52 -31.22
CA LEU B 67 18.59 -2.57 -30.23
C LEU B 67 17.20 -3.21 -30.24
N SER B 68 17.11 -4.52 -30.07
CA SER B 68 15.72 -4.98 -30.01
C SER B 68 15.22 -4.81 -28.58
N GLU B 69 13.91 -4.89 -28.44
CA GLU B 69 13.19 -4.62 -27.21
C GLU B 69 13.55 -5.67 -26.17
N GLN B 70 13.84 -6.88 -26.66
CA GLN B 70 14.24 -8.00 -25.83
C GLN B 70 15.62 -7.79 -25.26
N ASP B 71 16.53 -7.27 -26.06
CA ASP B 71 17.88 -7.03 -25.59
C ASP B 71 17.88 -5.87 -24.61
N LEU B 72 17.12 -4.83 -24.93
CA LEU B 72 17.15 -3.65 -24.09
C LEU B 72 16.63 -3.96 -22.70
N ASP B 73 15.62 -4.81 -22.59
CA ASP B 73 15.06 -5.04 -21.27
C ASP B 73 15.95 -5.96 -20.44
N GLU B 74 16.53 -6.99 -21.06
CA GLU B 74 17.41 -7.87 -20.30
C GLU B 74 18.75 -7.20 -20.00
N TYR B 75 19.34 -6.56 -21.01
CA TYR B 75 20.67 -5.98 -20.85
C TYR B 75 20.60 -4.70 -20.04
N TYR B 76 19.70 -3.79 -20.40
CA TYR B 76 19.70 -2.44 -19.88
C TYR B 76 18.67 -2.25 -18.76
N ASN B 77 17.40 -2.59 -19.00
CA ASN B 77 16.40 -2.47 -17.94
C ASN B 77 16.62 -3.47 -16.82
N GLN B 78 17.06 -4.71 -17.14
CA GLN B 78 17.21 -5.69 -16.07
C GLN B 78 18.62 -5.69 -15.52
N PHE B 79 19.59 -6.26 -16.25
CA PHE B 79 20.87 -6.47 -15.59
C PHE B 79 21.55 -5.15 -15.24
N SER B 80 21.67 -4.24 -16.20
CA SER B 80 22.38 -3.00 -15.94
C SER B 80 21.72 -2.21 -14.83
N ASN B 81 20.40 -2.01 -14.92
CA ASN B 81 19.70 -1.07 -14.04
C ASN B 81 18.96 -1.71 -12.88
N ALA B 82 18.79 -3.04 -12.89
CA ALA B 82 18.17 -3.72 -11.78
C ALA B 82 19.10 -4.70 -11.09
N VAL B 83 20.36 -4.83 -11.52
CA VAL B 83 21.32 -5.63 -10.76
C VAL B 83 22.57 -4.81 -10.43
N LEU B 84 23.28 -4.34 -11.46
CA LEU B 84 24.53 -3.60 -11.25
C LEU B 84 24.27 -2.26 -10.57
N TRP B 85 23.30 -1.52 -11.05
CA TRP B 85 23.10 -0.20 -10.48
C TRP B 85 22.71 -0.25 -9.01
N PRO B 86 21.71 -1.03 -8.57
CA PRO B 86 21.46 -1.10 -7.12
C PRO B 86 22.64 -1.61 -6.33
N ALA B 87 23.35 -2.63 -6.82
CA ALA B 87 24.48 -3.19 -6.06
C ALA B 87 25.62 -2.19 -5.92
N PHE B 88 25.92 -1.46 -7.00
CA PHE B 88 27.01 -0.51 -6.91
C PHE B 88 26.64 0.69 -6.06
N HIS B 89 25.36 0.95 -5.81
CA HIS B 89 24.93 1.97 -4.87
C HIS B 89 24.52 1.37 -3.54
N TYR B 90 25.06 0.21 -3.18
CA TYR B 90 24.91 -0.38 -1.85
C TYR B 90 23.46 -0.68 -1.51
N ARG B 91 22.71 -1.26 -2.47
CA ARG B 91 21.31 -1.63 -2.22
C ARG B 91 21.05 -3.05 -2.75
N LEU B 92 21.61 -4.03 -2.03
CA LEU B 92 21.34 -5.42 -2.37
C LEU B 92 19.87 -5.77 -2.27
N ASP B 93 19.15 -5.08 -1.39
CA ASP B 93 17.73 -5.37 -1.22
C ASP B 93 16.90 -5.00 -2.46
N LEU B 94 17.43 -4.19 -3.38
CA LEU B 94 16.74 -3.88 -4.62
C LEU B 94 17.30 -4.66 -5.81
N VAL B 95 18.27 -5.57 -5.59
CA VAL B 95 18.82 -6.37 -6.66
C VAL B 95 17.82 -7.44 -7.07
N GLN B 96 17.52 -7.48 -8.37
CA GLN B 96 16.67 -8.48 -9.01
C GLN B 96 17.51 -9.16 -10.06
N PHE B 97 18.28 -10.13 -9.63
CA PHE B 97 19.08 -10.93 -10.55
C PHE B 97 18.25 -12.10 -11.03
N GLN B 98 18.25 -12.30 -12.35
CA GLN B 98 17.75 -13.51 -12.97
C GLN B 98 18.72 -13.86 -14.09
N ARG B 99 19.03 -15.16 -14.25
CA ARG B 99 20.06 -15.52 -15.20
C ARG B 99 19.75 -15.12 -16.65
N PRO B 100 18.50 -15.15 -17.14
CA PRO B 100 18.29 -14.64 -18.51
C PRO B 100 18.78 -13.22 -18.72
N ALA B 101 18.62 -12.35 -17.72
CA ALA B 101 19.09 -10.97 -17.84
C ALA B 101 20.61 -10.91 -17.94
N TRP B 102 21.30 -11.71 -17.13
CA TRP B 102 22.76 -11.81 -17.24
C TRP B 102 23.18 -12.27 -18.64
N ASP B 103 22.54 -13.33 -19.15
CA ASP B 103 22.91 -13.83 -20.48
C ASP B 103 22.64 -12.78 -21.55
N GLY B 104 21.54 -12.03 -21.40
CA GLY B 104 21.24 -10.95 -22.32
C GLY B 104 22.22 -9.79 -22.23
N TYR B 105 22.68 -9.49 -21.03
CA TYR B 105 23.73 -8.50 -20.84
C TYR B 105 24.98 -8.88 -21.61
N LEU B 106 25.37 -10.15 -21.52
CA LEU B 106 26.55 -10.57 -22.26
C LEU B 106 26.27 -10.54 -23.75
N ARG B 107 25.04 -10.87 -24.14
CA ARG B 107 24.79 -11.00 -25.56
C ARG B 107 24.85 -9.64 -26.23
N VAL B 108 24.29 -8.60 -25.59
CA VAL B 108 24.34 -7.25 -26.14
C VAL B 108 25.78 -6.74 -26.18
N ASN B 109 26.55 -6.99 -25.13
CA ASN B 109 27.95 -6.56 -25.12
C ASN B 109 28.72 -7.21 -26.27
N ALA B 110 28.53 -8.53 -26.45
CA ALA B 110 29.16 -9.21 -27.56
C ALA B 110 28.65 -8.71 -28.89
N LEU B 111 27.38 -8.33 -28.97
CA LEU B 111 26.82 -7.92 -30.25
C LEU B 111 27.38 -6.55 -30.67
N LEU B 112 27.61 -5.66 -29.71
CA LEU B 112 28.21 -4.38 -30.06
C LEU B 112 29.71 -4.47 -30.23
N ALA B 113 30.38 -5.44 -29.61
CA ALA B 113 31.77 -5.66 -29.96
C ALA B 113 31.91 -6.05 -31.43
N ASP B 114 30.99 -6.87 -31.95
CA ASP B 114 31.07 -7.29 -33.35
C ASP B 114 30.71 -6.15 -34.30
N LYS B 115 29.78 -5.27 -33.90
CA LYS B 115 29.51 -4.09 -34.74
C LYS B 115 30.73 -3.18 -34.81
N LEU B 116 31.49 -3.10 -33.72
CA LEU B 116 32.59 -2.14 -33.67
C LEU B 116 33.83 -2.69 -34.35
N LEU B 117 33.98 -4.01 -34.33
CA LEU B 117 35.21 -4.63 -34.83
C LEU B 117 35.59 -4.19 -36.24
N PRO B 118 34.67 -4.11 -37.22
CA PRO B 118 35.06 -3.62 -38.56
C PRO B 118 35.66 -2.23 -38.57
N LEU B 119 35.27 -1.34 -37.65
CA LEU B 119 35.72 0.05 -37.64
C LEU B 119 37.07 0.26 -36.97
N LEU B 120 37.62 -0.74 -36.30
CA LEU B 120 38.83 -0.50 -35.51
C LEU B 120 40.08 -0.59 -36.38
N GLN B 121 41.14 0.05 -35.90
CA GLN B 121 42.46 -0.08 -36.49
C GLN B 121 43.44 -0.50 -35.39
N ASP B 122 44.55 -1.09 -35.82
CA ASP B 122 45.43 -1.76 -34.87
C ASP B 122 46.02 -0.80 -33.87
N ASP B 123 46.05 0.50 -34.20
CA ASP B 123 46.71 1.54 -33.42
C ASP B 123 45.76 2.31 -32.50
N ASP B 124 44.44 2.27 -32.74
CA ASP B 124 43.48 3.03 -31.97
C ASP B 124 43.67 2.75 -30.49
N ILE B 125 43.48 3.79 -29.69
CA ILE B 125 43.23 3.61 -28.27
C ILE B 125 41.71 3.60 -28.09
N ILE B 126 41.22 2.73 -27.21
CA ILE B 126 39.78 2.51 -27.03
C ILE B 126 39.39 2.91 -25.61
N TRP B 127 38.34 3.75 -25.50
CA TRP B 127 37.83 4.30 -24.25
C TRP B 127 36.38 3.90 -24.09
N ILE B 128 36.12 3.04 -23.11
CA ILE B 128 34.79 2.49 -22.83
C ILE B 128 34.24 3.15 -21.59
N HIS B 129 32.95 3.49 -21.59
CA HIS B 129 32.48 4.24 -20.44
C HIS B 129 31.74 3.44 -19.39
N ASP B 130 30.44 3.49 -19.27
CA ASP B 130 29.98 3.19 -17.91
C ASP B 130 29.78 1.69 -17.60
N TYR B 131 29.02 1.40 -16.55
CA TYR B 131 28.78 0.03 -16.09
C TYR B 131 27.97 -0.82 -17.08
N HIS B 132 27.30 -0.21 -18.07
CA HIS B 132 26.59 -0.98 -19.06
C HIS B 132 27.52 -1.85 -19.90
N LEU B 133 28.81 -1.54 -19.91
CA LEU B 133 29.74 -2.15 -20.84
C LEU B 133 30.96 -2.71 -20.13
N LEU B 134 30.79 -3.20 -18.89
CA LEU B 134 31.88 -3.88 -18.19
C LEU B 134 32.50 -5.00 -19.00
N PRO B 135 31.75 -5.87 -19.68
CA PRO B 135 32.36 -6.99 -20.40
C PRO B 135 32.95 -6.63 -21.75
N PHE B 136 32.96 -5.35 -22.14
CA PHE B 136 33.22 -5.01 -23.53
C PHE B 136 34.66 -5.34 -23.91
N ALA B 137 35.62 -4.98 -23.05
CA ALA B 137 37.01 -5.30 -23.37
C ALA B 137 37.18 -6.80 -23.59
N HIS B 138 36.66 -7.59 -22.66
CA HIS B 138 36.80 -9.02 -22.77
C HIS B 138 36.26 -9.53 -24.09
N GLU B 139 35.16 -8.94 -24.54
CA GLU B 139 34.60 -9.35 -25.82
C GLU B 139 35.51 -8.97 -26.97
N LEU B 140 36.20 -7.83 -26.85
CA LEU B 140 37.13 -7.40 -27.90
C LEU B 140 38.41 -8.24 -27.88
N ARG B 141 38.89 -8.61 -26.68
CA ARG B 141 40.08 -9.46 -26.62
C ARG B 141 39.81 -10.82 -27.26
N LYS B 142 38.59 -11.35 -27.07
CA LYS B 142 38.22 -12.62 -27.70
C LYS B 142 38.25 -12.51 -29.23
N ARG B 143 38.03 -11.33 -29.78
CA ARG B 143 38.20 -11.08 -31.21
C ARG B 143 39.61 -10.66 -31.59
N GLY B 144 40.59 -10.86 -30.71
CA GLY B 144 41.95 -10.55 -31.10
C GLY B 144 42.33 -9.08 -31.05
N VAL B 145 41.54 -8.23 -30.36
CA VAL B 145 41.86 -6.81 -30.21
C VAL B 145 42.94 -6.65 -29.15
N ASN B 146 44.13 -6.20 -29.58
CA ASN B 146 45.26 -6.02 -28.70
C ASN B 146 45.49 -4.56 -28.35
N ASN B 147 44.58 -3.68 -28.75
CA ASN B 147 44.77 -2.25 -28.56
C ASN B 147 44.85 -1.88 -27.07
N ARG B 148 45.33 -0.67 -26.84
CA ARG B 148 45.19 -0.03 -25.54
C ARG B 148 43.71 0.31 -25.30
N ILE B 149 43.08 -0.33 -24.30
CA ILE B 149 41.67 -0.14 -23.95
C ILE B 149 41.59 0.41 -22.53
N GLY B 150 40.84 1.49 -22.36
CA GLY B 150 40.59 2.07 -21.06
C GLY B 150 39.11 1.98 -20.72
N PHE B 151 38.83 1.87 -19.42
CA PHE B 151 37.47 1.84 -18.87
C PHE B 151 37.33 2.94 -17.83
N PHE B 152 36.21 3.66 -17.85
CA PHE B 152 35.92 4.58 -16.77
C PHE B 152 34.55 4.30 -16.19
N LEU B 153 34.49 4.11 -14.88
CA LEU B 153 33.25 3.85 -14.14
C LEU B 153 32.76 5.16 -13.54
N HIS B 154 31.54 5.54 -13.86
CA HIS B 154 31.00 6.80 -13.38
C HIS B 154 30.28 6.70 -12.04
N ILE B 155 29.91 5.49 -11.63
CA ILE B 155 29.17 5.24 -10.39
C ILE B 155 30.15 4.65 -9.37
N PRO B 156 29.75 4.44 -8.12
CA PRO B 156 30.68 3.89 -7.14
C PRO B 156 30.98 2.45 -7.45
N PHE B 157 32.08 1.98 -6.91
CA PHE B 157 32.35 0.55 -6.97
C PHE B 157 32.18 -0.02 -5.57
N PRO B 158 31.29 -0.98 -5.37
CA PRO B 158 30.94 -1.39 -4.02
C PRO B 158 32.02 -2.26 -3.38
N THR B 159 32.07 -2.17 -2.05
CA THR B 159 32.97 -2.94 -1.22
C THR B 159 32.66 -4.43 -1.34
N PRO B 160 33.65 -5.29 -1.08
CA PRO B 160 33.48 -6.75 -1.31
C PRO B 160 32.24 -7.42 -0.71
N GLU B 161 31.85 -7.09 0.53
CA GLU B 161 30.72 -7.78 1.15
C GLU B 161 29.43 -7.47 0.45
N ILE B 162 29.39 -6.39 -0.32
CA ILE B 162 28.23 -6.14 -1.15
C ILE B 162 28.44 -6.73 -2.54
N PHE B 163 29.61 -6.50 -3.12
CA PHE B 163 29.85 -6.90 -4.51
C PHE B 163 29.81 -8.42 -4.67
N ASN B 164 30.38 -9.17 -3.73
CA ASN B 164 30.46 -10.63 -3.88
C ASN B 164 29.13 -11.30 -3.67
N ALA B 165 28.12 -10.57 -3.20
CA ALA B 165 26.77 -11.12 -3.20
C ALA B 165 26.20 -11.20 -4.60
N LEU B 166 26.80 -10.55 -5.60
CA LEU B 166 26.31 -10.68 -6.98
C LEU B 166 26.58 -12.09 -7.48
N PRO B 167 25.57 -12.78 -8.01
CA PRO B 167 25.81 -14.14 -8.49
C PRO B 167 26.87 -14.24 -9.58
N THR B 168 27.17 -13.19 -10.35
CA THR B 168 28.18 -13.31 -11.40
C THR B 168 29.42 -12.46 -11.12
N TYR B 169 29.68 -12.17 -9.84
CA TYR B 169 30.74 -11.25 -9.46
C TYR B 169 32.12 -11.72 -9.94
N ASP B 170 32.36 -13.04 -9.95
CA ASP B 170 33.70 -13.47 -10.36
C ASP B 170 33.89 -13.28 -11.86
N THR B 171 32.85 -13.49 -12.66
CA THR B 171 32.98 -13.23 -14.09
C THR B 171 33.20 -11.75 -14.36
N LEU B 172 32.42 -10.89 -13.72
CA LEU B 172 32.60 -9.45 -13.87
C LEU B 172 34.01 -9.02 -13.58
N LEU B 173 34.59 -9.53 -12.48
CA LEU B 173 35.94 -9.16 -12.09
C LEU B 173 36.98 -9.60 -13.11
N GLU B 174 36.89 -10.85 -13.59
CA GLU B 174 37.83 -11.36 -14.61
C GLU B 174 37.79 -10.51 -15.88
N GLN B 175 36.58 -10.09 -16.30
CA GLN B 175 36.47 -9.30 -17.51
C GLN B 175 36.98 -7.87 -17.31
N LEU B 176 36.88 -7.34 -16.09
CA LEU B 176 37.42 -6.00 -15.88
C LEU B 176 38.93 -5.99 -16.08
N CYS B 177 39.60 -7.09 -15.78
CA CYS B 177 41.05 -7.14 -15.91
C CYS B 177 41.52 -7.30 -17.34
N ASP B 178 40.61 -7.39 -18.31
CA ASP B 178 41.01 -7.35 -19.70
C ASP B 178 41.19 -5.94 -20.23
N TYR B 179 40.86 -4.92 -19.43
CA TYR B 179 41.20 -3.54 -19.76
C TYR B 179 42.63 -3.27 -19.35
N ASP B 180 43.34 -2.44 -20.13
CA ASP B 180 44.69 -2.04 -19.71
C ASP B 180 44.69 -0.96 -18.63
N LEU B 181 43.65 -0.13 -18.57
CA LEU B 181 43.57 1.00 -17.66
C LEU B 181 42.15 1.06 -17.13
N LEU B 182 42.01 1.13 -15.81
CA LEU B 182 40.70 1.22 -15.17
C LEU B 182 40.65 2.54 -14.40
N GLY B 183 39.71 3.42 -14.76
CA GLY B 183 39.56 4.69 -14.10
C GLY B 183 38.38 4.75 -13.14
N PHE B 184 38.52 5.54 -12.06
CA PHE B 184 37.47 5.63 -11.06
C PHE B 184 37.25 7.08 -10.64
N GLN B 185 36.05 7.36 -10.12
CA GLN B 185 35.71 8.71 -9.68
C GLN B 185 36.50 9.09 -8.42
N THR B 186 36.69 8.15 -7.51
CA THR B 186 37.25 8.43 -6.21
C THR B 186 38.23 7.34 -5.83
N GLU B 187 39.09 7.64 -4.85
CA GLU B 187 40.06 6.65 -4.45
C GLU B 187 39.41 5.48 -3.70
N ASN B 188 38.28 5.70 -3.01
CA ASN B 188 37.56 4.61 -2.34
C ASN B 188 36.96 3.63 -3.37
N ASP B 189 36.53 4.12 -4.52
CA ASP B 189 36.06 3.21 -5.55
C ASP B 189 37.19 2.32 -6.06
N ARG B 190 38.35 2.93 -6.36
CA ARG B 190 39.51 2.20 -6.87
C ARG B 190 39.96 1.12 -5.86
N LEU B 191 40.06 1.48 -4.59
CA LEU B 191 40.50 0.52 -3.57
C LEU B 191 39.45 -0.55 -3.33
N ALA B 192 38.18 -0.21 -3.49
CA ALA B 192 37.11 -1.18 -3.39
C ALA B 192 37.24 -2.26 -4.46
N PHE B 193 37.52 -1.86 -5.70
CA PHE B 193 37.71 -2.85 -6.75
C PHE B 193 38.92 -3.72 -6.47
N LEU B 194 40.03 -3.10 -6.01
CA LEU B 194 41.23 -3.90 -5.73
C LEU B 194 41.01 -4.85 -4.56
N ASP B 195 40.18 -4.49 -3.58
CA ASP B 195 39.81 -5.44 -2.53
C ASP B 195 38.99 -6.60 -3.06
N CYS B 196 37.97 -6.34 -3.90
CA CYS B 196 37.17 -7.44 -4.44
C CYS B 196 38.02 -8.38 -5.27
N LEU B 197 38.93 -7.80 -6.05
CA LEU B 197 39.83 -8.61 -6.88
C LEU B 197 40.76 -9.46 -6.01
N SER B 198 41.28 -8.87 -4.92
CA SER B 198 42.18 -9.58 -4.02
C SER B 198 41.48 -10.69 -3.25
N ASN B 199 40.17 -10.55 -2.99
CA ASN B 199 39.42 -11.65 -2.40
C ASN B 199 39.25 -12.80 -3.37
N LEU B 200 39.29 -12.51 -4.67
CA LEU B 200 39.04 -13.55 -5.66
C LEU B 200 40.33 -14.19 -6.16
N THR B 201 41.40 -13.42 -6.30
CA THR B 201 42.62 -13.90 -6.91
C THR B 201 43.79 -13.12 -6.34
N ARG B 202 44.98 -13.71 -6.40
CA ARG B 202 46.15 -13.03 -5.88
C ARG B 202 46.64 -11.99 -6.86
N VAL B 203 46.85 -10.78 -6.35
CA VAL B 203 47.09 -9.57 -7.11
C VAL B 203 48.44 -9.02 -6.68
N THR B 204 49.24 -8.65 -7.65
CA THR B 204 50.49 -7.97 -7.41
C THR B 204 50.27 -6.49 -7.71
N THR B 205 50.79 -5.61 -6.84
CA THR B 205 50.75 -4.16 -7.00
C THR B 205 52.13 -3.56 -6.78
N ARG B 206 52.66 -2.85 -7.79
CA ARG B 206 53.75 -1.88 -7.65
C ARG B 206 53.30 -0.45 -7.76
N SER B 207 54.25 0.40 -7.38
CA SER B 207 53.89 1.77 -7.05
C SER B 207 52.56 1.53 -6.38
N ALA B 208 51.56 2.34 -6.68
CA ALA B 208 50.25 2.07 -6.10
C ALA B 208 49.24 1.56 -7.13
N LYS B 209 49.50 1.80 -8.43
CA LYS B 209 48.45 1.64 -9.41
C LYS B 209 48.84 0.76 -10.59
N SER B 210 49.82 -0.13 -10.42
CA SER B 210 50.21 -1.07 -11.47
C SER B 210 50.00 -2.50 -10.97
N HIS B 211 49.24 -3.29 -11.71
CA HIS B 211 48.72 -4.52 -11.14
C HIS B 211 48.83 -5.66 -12.13
N THR B 212 48.79 -6.88 -11.57
CA THR B 212 48.64 -8.10 -12.35
C THR B 212 47.74 -9.05 -11.58
N ALA B 213 46.88 -9.75 -12.32
CA ALA B 213 45.96 -10.75 -11.80
C ALA B 213 45.67 -11.70 -12.95
N TRP B 214 45.68 -13.01 -12.65
CA TRP B 214 45.58 -14.06 -13.68
C TRP B 214 46.60 -13.84 -14.82
N GLY B 215 47.78 -13.30 -14.51
CA GLY B 215 48.75 -12.98 -15.56
C GLY B 215 48.43 -11.77 -16.42
N LYS B 216 47.31 -11.10 -16.21
CA LYS B 216 46.97 -9.92 -17.00
C LYS B 216 47.45 -8.64 -16.30
N ALA B 217 48.07 -7.76 -17.07
CA ALA B 217 48.60 -6.51 -16.56
C ALA B 217 47.58 -5.42 -16.79
N PHE B 218 47.38 -4.59 -15.78
CA PHE B 218 46.48 -3.46 -15.94
C PHE B 218 46.83 -2.41 -14.92
N ARG B 219 46.41 -1.18 -15.20
CA ARG B 219 46.59 -0.10 -14.26
C ARG B 219 45.23 0.36 -13.75
N THR B 220 45.22 0.97 -12.58
CA THR B 220 44.04 1.67 -12.07
C THR B 220 44.44 3.11 -11.78
N GLU B 221 43.47 4.02 -11.83
CA GLU B 221 43.74 5.42 -11.53
C GLU B 221 42.44 6.12 -11.18
N VAL B 222 42.56 7.26 -10.51
CA VAL B 222 41.44 8.10 -10.10
C VAL B 222 41.40 9.34 -10.97
N TYR B 223 40.26 9.55 -11.61
CA TYR B 223 40.01 10.75 -12.43
C TYR B 223 38.62 11.27 -12.08
N PRO B 224 38.50 12.11 -11.05
CA PRO B 224 37.18 12.71 -10.71
C PRO B 224 36.69 13.58 -11.86
N ILE B 225 35.48 13.29 -12.35
CA ILE B 225 34.93 14.02 -13.49
C ILE B 225 34.49 15.42 -13.06
N GLY B 226 34.74 16.40 -13.91
CA GLY B 226 34.39 17.77 -13.63
C GLY B 226 33.41 18.38 -14.61
N ILE B 227 33.30 19.71 -14.56
CA ILE B 227 32.38 20.48 -15.37
C ILE B 227 33.24 21.48 -16.13
N GLU B 228 32.63 22.32 -16.99
CA GLU B 228 33.38 23.42 -17.61
C GLU B 228 32.88 24.71 -16.94
N PRO B 229 33.63 25.27 -16.00
CA PRO B 229 33.03 26.30 -15.15
C PRO B 229 32.70 27.57 -15.89
N LYS B 230 33.45 27.93 -16.94
CA LYS B 230 33.22 29.21 -17.62
C LYS B 230 31.83 29.24 -18.25
N GLU B 231 31.42 28.12 -18.85
CA GLU B 231 30.12 28.07 -19.51
C GLU B 231 28.98 28.10 -18.49
N ILE B 232 29.16 27.46 -17.35
CA ILE B 232 28.14 27.53 -16.31
C ILE B 232 27.98 28.96 -15.80
N ALA B 233 29.10 29.66 -15.56
CA ALA B 233 29.00 31.05 -15.11
C ALA B 233 28.33 31.92 -16.16
N LYS B 234 28.53 31.58 -17.42
CA LYS B 234 27.96 32.38 -18.51
C LYS B 234 26.44 32.21 -18.58
N GLN B 235 25.97 30.95 -18.54
CA GLN B 235 24.52 30.72 -18.51
C GLN B 235 23.88 31.27 -17.24
N ALA B 236 24.61 31.26 -16.14
CA ALA B 236 24.05 31.63 -14.85
C ALA B 236 23.86 33.15 -14.72
N ALA B 237 24.69 33.95 -15.41
CA ALA B 237 24.65 35.39 -15.18
C ALA B 237 23.74 36.15 -16.14
N GLY B 238 23.19 35.50 -17.17
CA GLY B 238 22.21 36.13 -18.01
C GLY B 238 20.92 36.42 -17.26
N PRO B 239 20.08 37.26 -17.86
CA PRO B 239 18.80 37.55 -17.23
C PRO B 239 17.74 36.48 -17.55
N LEU B 240 16.73 36.45 -16.70
CA LEU B 240 15.73 35.42 -16.48
C LEU B 240 14.68 35.51 -17.58
N PRO B 241 13.83 34.44 -17.69
CA PRO B 241 12.64 34.56 -18.34
C PRO B 241 11.77 35.67 -17.68
N PRO B 242 10.98 36.40 -18.46
CA PRO B 242 10.32 37.60 -17.90
C PRO B 242 9.42 37.24 -16.74
N LYS B 243 8.62 36.18 -16.91
CA LYS B 243 7.70 35.82 -15.86
C LYS B 243 8.44 35.37 -14.63
N LEU B 244 9.66 34.88 -14.82
CA LEU B 244 10.59 34.45 -13.79
C LEU B 244 11.66 35.50 -13.50
N ALA B 245 11.65 36.60 -14.27
CA ALA B 245 12.58 37.70 -14.05
C ALA B 245 12.43 38.29 -12.67
N GLN B 246 11.20 38.44 -12.22
CA GLN B 246 11.06 39.13 -10.96
C GLN B 246 10.11 38.37 -10.02
N LEU B 247 10.07 37.02 -10.15
CA LEU B 247 9.85 36.26 -8.92
C LEU B 247 11.10 36.29 -8.04
N LYS B 248 12.29 36.41 -8.63
CA LYS B 248 13.40 36.87 -7.82
C LYS B 248 12.95 38.11 -7.14
N ALA B 249 12.10 38.91 -7.81
CA ALA B 249 11.60 40.11 -7.12
C ALA B 249 10.34 39.94 -6.26
N GLU B 250 9.60 38.85 -6.44
CA GLU B 250 8.53 38.56 -5.52
C GLU B 250 9.07 38.12 -4.17
N LEU B 251 10.16 37.34 -4.16
CA LEU B 251 10.72 36.81 -2.93
C LEU B 251 12.01 37.43 -2.44
N LYS B 252 11.98 38.72 -2.10
CA LYS B 252 13.21 39.34 -1.59
C LYS B 252 13.46 39.05 -0.14
N ASN B 253 12.38 38.77 0.54
CA ASN B 253 12.32 38.54 1.94
C ASN B 253 12.40 37.06 2.25
N VAL B 254 12.82 36.24 1.29
CA VAL B 254 12.85 34.80 1.49
C VAL B 254 14.19 34.22 1.09
N GLN B 255 14.74 33.37 1.97
CA GLN B 255 15.95 32.64 1.66
C GLN B 255 15.56 31.28 1.07
N ASN B 256 16.19 30.92 -0.02
CA ASN B 256 15.85 29.74 -0.77
C ASN B 256 16.90 28.66 -0.59
N ILE B 257 16.46 27.51 -0.13
CA ILE B 257 17.24 26.28 -0.19
C ILE B 257 16.82 25.53 -1.43
N PHE B 258 17.77 25.12 -2.22
CA PHE B 258 17.43 24.57 -3.52
C PHE B 258 18.11 23.23 -3.75
N SER B 259 17.43 22.34 -4.45
CA SER B 259 18.10 21.13 -4.90
C SER B 259 17.38 20.65 -6.16
N VAL B 260 18.16 20.06 -7.07
CA VAL B 260 17.65 19.50 -8.31
C VAL B 260 18.36 18.17 -8.55
N GLU B 261 17.57 17.10 -8.62
CA GLU B 261 18.07 15.75 -8.72
C GLU B 261 17.03 14.90 -9.40
N ARG B 262 17.49 13.92 -10.14
CA ARG B 262 16.55 12.95 -10.69
C ARG B 262 16.11 11.96 -9.61
N LEU B 263 14.96 11.34 -9.81
CA LEU B 263 14.41 10.45 -8.79
C LEU B 263 15.10 9.11 -8.83
N ASP B 264 15.68 8.72 -7.69
CA ASP B 264 16.55 7.57 -7.58
C ASP B 264 16.74 7.19 -6.12
N TYR B 265 16.87 5.90 -5.83
CA TYR B 265 17.04 5.46 -4.44
C TYR B 265 18.34 5.97 -3.86
N SER B 266 19.37 6.10 -4.68
CA SER B 266 20.65 6.56 -4.18
C SER B 266 20.65 8.02 -3.75
N LYS B 267 19.69 8.84 -4.21
CA LYS B 267 19.79 10.28 -3.95
C LYS B 267 19.23 10.67 -2.59
N GLY B 268 18.47 9.79 -1.95
CA GLY B 268 17.96 10.03 -0.62
C GLY B 268 17.03 11.22 -0.49
N LEU B 269 16.12 11.34 -1.43
CA LEU B 269 15.28 12.52 -1.42
C LEU B 269 14.28 12.47 -0.26
N PRO B 270 13.68 11.35 0.09
CA PRO B 270 12.88 11.34 1.31
C PRO B 270 13.64 11.80 2.54
N GLU B 271 14.94 11.52 2.64
CA GLU B 271 15.68 11.93 3.83
C GLU B 271 15.97 13.42 3.84
N ARG B 272 16.13 14.06 2.66
CA ARG B 272 16.25 15.52 2.63
C ARG B 272 14.99 16.16 3.15
N PHE B 273 13.83 15.67 2.73
CA PHE B 273 12.59 16.23 3.24
C PHE B 273 12.56 16.11 4.76
N LEU B 274 12.95 14.95 5.29
CA LEU B 274 12.98 14.81 6.76
C LEU B 274 14.00 15.75 7.39
N ALA B 275 15.14 15.97 6.73
CA ALA B 275 16.08 16.96 7.25
C ALA B 275 15.46 18.35 7.25
N TYR B 276 14.67 18.68 6.21
CA TYR B 276 14.03 20.00 6.18
C TYR B 276 12.95 20.08 7.24
N GLU B 277 12.22 18.98 7.48
CA GLU B 277 11.24 18.98 8.56
C GLU B 277 11.92 19.19 9.90
N ALA B 278 13.11 18.59 10.11
CA ALA B 278 13.88 18.79 11.33
C ALA B 278 14.30 20.26 11.50
N LEU B 279 14.64 20.92 10.39
CA LEU B 279 14.96 22.34 10.41
C LEU B 279 13.76 23.16 10.85
N LEU B 280 12.57 22.84 10.34
CA LEU B 280 11.36 23.58 10.70
C LEU B 280 10.98 23.34 12.16
N GLU B 281 11.16 22.10 12.63
CA GLU B 281 10.78 21.73 14.00
C GLU B 281 11.71 22.30 15.05
N LYS B 282 13.00 22.45 14.75
CA LYS B 282 13.98 22.80 15.78
C LYS B 282 14.55 24.19 15.62
N TYR B 283 14.25 24.89 14.54
CA TYR B 283 14.70 26.26 14.33
C TYR B 283 13.51 27.13 13.91
N PRO B 284 12.52 27.28 14.78
CA PRO B 284 11.29 27.99 14.38
C PRO B 284 11.50 29.44 13.97
N GLN B 285 12.67 30.00 14.27
CA GLN B 285 12.98 31.35 13.86
C GLN B 285 13.02 31.54 12.34
N HIS B 286 13.03 30.45 11.55
CA HIS B 286 13.05 30.55 10.09
C HIS B 286 11.65 30.53 9.48
N HIS B 287 10.64 30.23 10.28
CA HIS B 287 9.28 30.10 9.78
C HIS B 287 8.88 31.36 9.07
N GLY B 288 8.26 31.20 7.90
CA GLY B 288 7.85 32.33 7.09
C GLY B 288 8.98 33.06 6.43
N LYS B 289 10.23 32.61 6.60
CA LYS B 289 11.35 33.36 6.05
C LYS B 289 12.26 32.50 5.20
N ILE B 290 11.93 31.25 5.00
CA ILE B 290 12.72 30.42 4.12
C ILE B 290 11.80 29.59 3.24
N ARG B 291 12.44 28.94 2.28
CA ARG B 291 11.75 28.02 1.40
C ARG B 291 12.75 26.97 0.95
N TYR B 292 12.28 25.74 0.90
CA TYR B 292 12.99 24.62 0.28
C TYR B 292 12.27 24.29 -1.04
N THR B 293 13.01 24.36 -2.14
CA THR B 293 12.49 23.99 -3.46
C THR B 293 13.24 22.77 -3.96
N GLN B 294 12.49 21.73 -4.30
CA GLN B 294 13.06 20.50 -4.82
C GLN B 294 12.52 20.31 -6.22
N ILE B 295 13.41 20.30 -7.19
CA ILE B 295 12.99 20.01 -8.55
C ILE B 295 13.40 18.59 -8.83
N ALA B 296 12.43 17.78 -9.23
CA ALA B 296 12.65 16.37 -9.46
C ALA B 296 11.89 15.91 -10.67
N PRO B 297 12.47 16.04 -11.86
CA PRO B 297 11.78 15.59 -13.07
C PRO B 297 11.62 14.07 -13.09
N THR B 298 10.59 13.58 -13.78
CA THR B 298 10.48 12.15 -14.03
C THR B 298 10.80 11.89 -15.50
N SER B 299 11.56 10.84 -15.76
CA SER B 299 11.94 10.44 -17.11
C SER B 299 11.48 9.03 -17.49
N VAL B 303 10.53 5.12 -16.22
CA VAL B 303 10.72 3.83 -15.56
C VAL B 303 9.88 3.70 -14.30
N GLN B 304 9.03 2.68 -14.21
CA GLN B 304 8.29 2.43 -12.99
C GLN B 304 9.24 1.97 -11.87
N ALA B 305 10.55 1.90 -12.02
CA ALA B 305 11.29 1.61 -10.78
C ALA B 305 11.30 2.81 -9.84
N TYR B 306 11.03 3.99 -10.39
CA TYR B 306 11.26 5.27 -9.72
C TYR B 306 9.99 5.99 -9.25
N GLN B 307 8.80 5.50 -9.56
CA GLN B 307 7.57 6.16 -9.17
C GLN B 307 7.19 5.97 -7.71
N ASP B 308 7.68 4.90 -7.08
CA ASP B 308 7.43 4.69 -5.66
C ASP B 308 8.23 5.70 -4.87
N ILE B 309 9.38 6.09 -5.40
CA ILE B 309 10.07 7.25 -4.84
C ILE B 309 9.25 8.49 -5.09
N ARG B 310 8.68 8.62 -6.27
CA ARG B 310 7.89 9.81 -6.55
C ARG B 310 6.66 9.89 -5.66
N HIS B 311 5.99 8.76 -5.47
CA HIS B 311 4.84 8.67 -4.59
C HIS B 311 5.17 9.07 -3.15
N GLN B 312 6.35 8.65 -2.67
CA GLN B 312 6.72 8.95 -1.30
C GLN B 312 7.02 10.42 -1.12
N LEU B 313 7.63 11.06 -2.14
CA LEU B 313 7.97 12.46 -2.03
C LEU B 313 6.72 13.32 -2.07
N GLU B 314 5.77 13.00 -2.96
CA GLU B 314 4.50 13.71 -2.97
C GLU B 314 3.83 13.63 -1.62
N ASN B 315 3.85 12.44 -1.02
CA ASN B 315 3.27 12.29 0.30
C ASN B 315 4.01 13.14 1.33
N GLU B 316 5.35 13.19 1.26
CA GLU B 316 6.05 13.94 2.28
C GLU B 316 5.96 15.44 2.07
N ALA B 317 5.87 15.90 0.82
CA ALA B 317 5.58 17.31 0.60
C ALA B 317 4.26 17.68 1.24
N GLY B 318 3.22 16.89 0.95
CA GLY B 318 1.92 17.16 1.54
C GLY B 318 1.93 17.11 3.05
N ARG B 319 2.68 16.20 3.64
CA ARG B 319 2.60 16.06 5.09
C ARG B 319 3.32 17.21 5.77
N ILE B 320 4.48 17.60 5.24
CA ILE B 320 5.29 18.64 5.85
C ILE B 320 4.64 20.01 5.68
N ASN B 321 4.15 20.31 4.49
CA ASN B 321 3.38 21.54 4.32
C ASN B 321 2.12 21.51 5.19
N GLY B 322 1.45 20.36 5.28
CA GLY B 322 0.27 20.25 6.12
C GLY B 322 0.56 20.54 7.59
N LYS B 323 1.77 20.26 8.03
CA LYS B 323 2.12 20.40 9.43
C LYS B 323 2.76 21.75 9.77
N TYR B 324 3.60 22.31 8.88
CA TYR B 324 4.30 23.54 9.19
C TYR B 324 3.84 24.69 8.33
N GLY B 325 2.99 24.45 7.36
CA GLY B 325 2.53 25.51 6.50
C GLY B 325 1.64 26.48 7.24
N GLN B 326 1.55 27.68 6.67
CA GLN B 326 0.71 28.76 7.16
C GLN B 326 -0.25 29.18 6.06
N LEU B 327 -1.25 30.01 6.41
CA LEU B 327 -2.19 30.46 5.38
C LEU B 327 -1.49 31.25 4.30
N GLY B 328 -0.35 31.85 4.62
CA GLY B 328 0.42 32.64 3.68
C GLY B 328 1.87 32.24 3.57
N TRP B 329 2.22 31.04 4.01
CA TRP B 329 3.61 30.60 3.84
C TRP B 329 3.63 29.10 3.73
N THR B 330 4.12 28.60 2.60
CA THR B 330 4.33 27.17 2.39
C THR B 330 5.83 26.87 2.43
N PRO B 331 6.26 26.00 3.34
CA PRO B 331 7.70 25.73 3.50
C PRO B 331 8.39 25.04 2.31
N LEU B 332 7.73 24.12 1.62
CA LEU B 332 8.37 23.20 0.69
C LEU B 332 7.71 23.30 -0.69
N TYR B 333 8.46 23.70 -1.68
CA TYR B 333 8.01 23.72 -3.06
C TYR B 333 8.61 22.49 -3.75
N TYR B 334 7.78 21.53 -4.08
CA TYR B 334 8.21 20.30 -4.76
C TYR B 334 7.73 20.36 -6.20
N LEU B 335 8.66 20.28 -7.15
CA LEU B 335 8.28 20.42 -8.55
C LEU B 335 8.69 19.20 -9.35
N ASN B 336 7.71 18.51 -9.86
CA ASN B 336 7.91 17.36 -10.71
C ASN B 336 7.69 17.81 -12.15
N GLN B 337 8.64 18.66 -12.58
CA GLN B 337 8.63 19.35 -13.86
C GLN B 337 10.05 19.43 -14.42
N HIS B 338 10.16 19.44 -15.74
CA HIS B 338 11.45 19.63 -16.40
C HIS B 338 11.72 21.11 -16.60
N PHE B 339 12.86 21.57 -16.12
CA PHE B 339 13.34 22.92 -16.32
C PHE B 339 14.58 22.88 -17.20
N ASP B 340 14.69 23.81 -18.12
CA ASP B 340 15.83 23.82 -19.02
C ASP B 340 17.10 24.22 -18.27
N ARG B 341 18.22 23.62 -18.69
CA ARG B 341 19.46 23.65 -17.94
C ARG B 341 19.97 25.07 -17.73
N LYS B 342 19.74 25.97 -18.70
CA LYS B 342 20.25 27.33 -18.56
C LYS B 342 19.44 28.12 -17.54
N LEU B 343 18.20 27.71 -17.27
CA LEU B 343 17.44 28.33 -16.19
C LEU B 343 17.85 27.78 -14.83
N LEU B 344 18.18 26.48 -14.75
CA LEU B 344 18.63 25.92 -13.47
C LEU B 344 19.87 26.63 -12.95
N MET B 345 20.81 26.98 -13.84
CA MET B 345 22.02 27.66 -13.41
C MET B 345 21.70 29.00 -12.79
N LYS B 346 20.74 29.73 -13.38
CA LYS B 346 20.29 31.00 -12.79
C LYS B 346 19.61 30.76 -11.46
N ILE B 347 18.78 29.73 -11.36
CA ILE B 347 18.18 29.41 -10.07
C ILE B 347 19.28 29.07 -9.05
N PHE B 348 20.29 28.28 -9.45
CA PHE B 348 21.44 28.05 -8.58
C PHE B 348 21.99 29.37 -8.07
N ARG B 349 22.21 30.31 -9.00
CA ARG B 349 22.90 31.54 -8.64
C ARG B 349 22.11 32.33 -7.60
N TYR B 350 20.79 32.38 -7.75
CA TYR B 350 19.96 33.18 -6.87
C TYR B 350 19.55 32.43 -5.61
N SER B 351 19.94 31.16 -5.47
CA SER B 351 19.58 30.38 -4.30
C SER B 351 20.64 30.54 -3.21
N ASP B 352 20.19 30.77 -1.98
CA ASP B 352 21.11 31.00 -0.87
C ASP B 352 21.80 29.72 -0.42
N VAL B 353 21.15 28.58 -0.55
CA VAL B 353 21.73 27.32 -0.09
C VAL B 353 21.45 26.29 -1.15
N GLY B 354 22.57 25.57 -1.58
CA GLY B 354 22.43 24.44 -2.45
C GLY B 354 22.59 23.20 -1.61
N LEU B 355 21.58 22.32 -1.67
CA LEU B 355 21.52 21.13 -0.83
C LEU B 355 21.75 19.89 -1.70
N VAL B 356 22.90 19.24 -1.55
CA VAL B 356 23.25 18.07 -2.35
C VAL B 356 23.62 16.94 -1.39
N THR B 357 22.64 16.13 -1.01
CA THR B 357 22.84 15.11 0.02
C THR B 357 22.39 13.71 -0.42
N PRO B 358 23.02 13.15 -1.46
CA PRO B 358 22.69 11.77 -1.84
C PRO B 358 23.23 10.81 -0.81
N LEU B 359 22.63 9.60 -0.77
CA LEU B 359 23.11 8.56 0.14
C LEU B 359 24.31 7.82 -0.40
N ARG B 360 24.47 7.78 -1.71
CA ARG B 360 25.62 7.21 -2.37
C ARG B 360 25.65 7.80 -3.77
N ASP B 361 26.79 8.35 -4.19
CA ASP B 361 26.91 8.93 -5.52
C ASP B 361 28.37 8.81 -5.95
N GLY B 362 28.56 8.40 -7.21
CA GLY B 362 29.90 8.36 -7.78
C GLY B 362 30.54 9.74 -7.87
N MET B 363 29.82 10.69 -8.41
CA MET B 363 30.21 12.09 -8.40
C MET B 363 28.95 12.89 -8.68
N ASN B 364 28.62 13.78 -7.78
CA ASN B 364 27.48 14.64 -8.03
C ASN B 364 27.96 15.90 -8.74
N LEU B 365 27.56 16.06 -10.01
CA LEU B 365 27.97 17.25 -10.73
C LEU B 365 27.11 18.46 -10.39
N VAL B 366 25.90 18.26 -9.88
CA VAL B 366 25.07 19.38 -9.42
C VAL B 366 25.82 20.22 -8.39
N ALA B 367 26.56 19.56 -7.51
CA ALA B 367 27.35 20.25 -6.49
C ALA B 367 28.36 21.18 -7.13
N LYS B 368 29.02 20.72 -8.19
CA LYS B 368 30.01 21.59 -8.85
C LYS B 368 29.32 22.63 -9.72
N GLU B 369 28.21 22.28 -10.35
CA GLU B 369 27.47 23.27 -11.08
C GLU B 369 27.00 24.38 -10.14
N TYR B 370 26.54 24.02 -8.94
CA TYR B 370 26.04 25.03 -8.01
C TYR B 370 27.14 26.01 -7.63
N VAL B 371 28.34 25.48 -7.36
CA VAL B 371 29.44 26.38 -7.01
C VAL B 371 29.86 27.19 -8.22
N ALA B 372 29.93 26.57 -9.40
CA ALA B 372 30.36 27.34 -10.57
C ALA B 372 29.33 28.41 -10.97
N ALA B 373 28.07 28.25 -10.57
CA ALA B 373 27.01 29.20 -10.92
C ALA B 373 26.97 30.43 -10.01
N GLN B 374 27.65 30.43 -8.87
CA GLN B 374 27.44 31.51 -7.91
C GLN B 374 28.07 32.81 -8.37
N ASP B 375 27.48 33.92 -7.93
CA ASP B 375 28.14 35.21 -7.99
C ASP B 375 29.31 35.19 -7.01
N PRO B 376 30.56 35.28 -7.48
CA PRO B 376 31.70 35.18 -6.56
C PRO B 376 31.68 36.22 -5.47
N ALA B 377 31.11 37.41 -5.71
CA ALA B 377 31.07 38.43 -4.68
C ALA B 377 29.97 38.20 -3.67
N ASN B 378 29.02 37.33 -3.97
CA ASN B 378 27.93 37.03 -3.03
C ASN B 378 27.39 35.63 -3.30
N PRO B 379 28.15 34.61 -2.93
CA PRO B 379 27.81 33.23 -3.26
C PRO B 379 26.98 32.54 -2.19
N GLY B 380 26.25 31.54 -2.62
CA GLY B 380 25.55 30.69 -1.70
C GLY B 380 26.46 29.66 -1.08
N VAL B 381 25.84 28.84 -0.25
CA VAL B 381 26.49 27.80 0.52
C VAL B 381 26.08 26.45 -0.04
N LEU B 382 27.06 25.56 -0.17
CA LEU B 382 26.85 24.19 -0.60
C LEU B 382 26.78 23.30 0.63
N VAL B 383 25.70 22.54 0.77
CA VAL B 383 25.61 21.53 1.82
C VAL B 383 25.70 20.18 1.15
N LEU B 384 26.69 19.37 1.53
CA LEU B 384 27.04 18.22 0.71
C LEU B 384 27.13 16.95 1.55
N SER B 385 26.58 15.87 1.02
CA SER B 385 26.72 14.59 1.67
C SER B 385 28.17 14.10 1.64
N GLN B 386 28.58 13.46 2.72
CA GLN B 386 29.89 12.84 2.76
C GLN B 386 29.96 11.61 1.86
N PHE B 387 28.83 11.11 1.38
CA PHE B 387 28.85 9.99 0.48
C PHE B 387 28.81 10.43 -0.97
N ALA B 388 28.81 11.73 -1.24
CA ALA B 388 28.99 12.18 -2.62
C ALA B 388 30.46 12.11 -2.97
N GLY B 389 30.77 11.56 -4.14
CA GLY B 389 32.15 11.57 -4.56
C GLY B 389 32.76 12.96 -4.54
N ALA B 390 31.93 13.99 -4.77
CA ALA B 390 32.44 15.36 -4.81
C ALA B 390 32.98 15.83 -3.48
N ALA B 391 32.58 15.17 -2.39
CA ALA B 391 33.00 15.57 -1.05
C ALA B 391 34.50 15.41 -0.82
N ASN B 392 35.19 14.60 -1.66
CA ASN B 392 36.63 14.43 -1.49
C ASN B 392 37.41 15.63 -2.03
N GLU B 393 36.85 16.40 -2.98
CA GLU B 393 37.56 17.60 -3.38
C GLU B 393 36.92 18.90 -2.93
N LEU B 394 35.62 18.90 -2.65
CA LEU B 394 34.92 20.11 -2.19
C LEU B 394 34.91 20.17 -0.65
N THR B 395 36.10 20.13 -0.07
CA THR B 395 36.21 20.05 1.39
C THR B 395 35.74 21.30 2.13
N SER B 396 35.65 22.45 1.47
CA SER B 396 35.17 23.64 2.16
C SER B 396 33.66 23.79 2.09
N ALA B 397 32.97 22.81 1.49
CA ALA B 397 31.52 22.71 1.63
C ALA B 397 31.16 22.32 3.07
N LEU B 398 29.88 22.45 3.41
CA LEU B 398 29.40 21.99 4.71
C LEU B 398 29.06 20.51 4.53
N ILE B 399 29.94 19.63 5.01
CA ILE B 399 29.79 18.19 4.81
C ILE B 399 28.89 17.62 5.90
N VAL B 400 27.94 16.77 5.51
CA VAL B 400 26.97 16.20 6.44
C VAL B 400 26.82 14.72 6.19
N ASN B 401 26.36 14.02 7.26
CA ASN B 401 25.92 12.63 7.18
C ASN B 401 24.40 12.64 7.03
N PRO B 402 23.86 12.32 5.84
CA PRO B 402 22.40 12.38 5.65
C PRO B 402 21.61 11.39 6.50
N TYR B 403 22.26 10.41 7.13
CA TYR B 403 21.54 9.54 8.05
C TYR B 403 21.23 10.21 9.37
N ASP B 404 21.81 11.38 9.64
CA ASP B 404 21.58 12.19 10.85
C ASP B 404 20.83 13.44 10.40
N ARG B 405 19.49 13.38 10.45
CA ARG B 405 18.67 14.48 9.93
C ARG B 405 18.86 15.77 10.73
N ASP B 406 19.18 15.68 12.02
CA ASP B 406 19.43 16.88 12.81
C ASP B 406 20.76 17.54 12.42
N GLU B 407 21.75 16.74 12.06
CA GLU B 407 23.02 17.30 11.63
C GLU B 407 22.89 18.03 10.31
N VAL B 408 22.04 17.50 9.40
CA VAL B 408 21.77 18.23 8.15
C VAL B 408 21.02 19.52 8.44
N ALA B 409 20.00 19.46 9.31
CA ALA B 409 19.27 20.65 9.71
C ALA B 409 20.22 21.66 10.33
N ALA B 410 21.17 21.20 11.16
CA ALA B 410 22.12 22.14 11.76
C ALA B 410 22.99 22.82 10.70
N ALA B 411 23.32 22.10 9.63
CA ALA B 411 24.12 22.64 8.54
C ALA B 411 23.31 23.61 7.69
N LEU B 412 22.01 23.33 7.50
CA LEU B 412 21.13 24.25 6.81
C LEU B 412 21.00 25.56 7.57
N ASP B 413 20.83 25.48 8.90
CA ASP B 413 20.75 26.68 9.68
C ASP B 413 22.06 27.48 9.65
N ARG B 414 23.19 26.78 9.77
CA ARG B 414 24.48 27.42 9.62
C ARG B 414 24.63 28.02 8.21
N ALA B 415 24.15 27.33 7.20
CA ALA B 415 24.25 27.88 5.85
C ALA B 415 23.38 29.12 5.71
N LEU B 416 22.19 29.10 6.32
CA LEU B 416 21.28 30.24 6.18
C LEU B 416 21.77 31.50 6.91
N THR B 417 22.61 31.39 7.92
CA THR B 417 23.03 32.53 8.72
C THR B 417 24.50 32.88 8.53
N MET B 418 25.17 32.27 7.55
CA MET B 418 26.60 32.45 7.35
C MET B 418 26.94 33.82 6.76
N SER B 419 27.95 34.46 7.35
CA SER B 419 28.40 35.78 6.94
C SER B 419 28.95 35.73 5.54
N LEU B 420 28.96 36.90 4.90
CA LEU B 420 29.46 36.97 3.54
C LEU B 420 30.94 36.62 3.50
N ALA B 421 31.70 37.02 4.53
CA ALA B 421 33.13 36.72 4.57
C ALA B 421 33.39 35.23 4.47
N GLU B 422 32.71 34.44 5.29
CA GLU B 422 32.93 33.01 5.26
C GLU B 422 32.34 32.38 4.00
N ARG B 423 31.23 32.92 3.50
CA ARG B 423 30.68 32.45 2.23
C ARG B 423 31.67 32.63 1.08
N ILE B 424 32.33 33.78 1.02
CA ILE B 424 33.32 34.00 -0.04
C ILE B 424 34.51 33.05 0.11
N SER B 425 35.03 32.86 1.33
CA SER B 425 36.21 32.01 1.50
C SER B 425 35.92 30.58 1.12
N ARG B 426 34.77 30.04 1.59
CA ARG B 426 34.37 28.68 1.22
C ARG B 426 34.13 28.56 -0.27
N HIS B 427 33.44 29.53 -0.87
CA HIS B 427 33.14 29.42 -2.30
C HIS B 427 34.40 29.59 -3.13
N ALA B 428 35.26 30.53 -2.76
CA ALA B 428 36.44 30.76 -3.59
C ALA B 428 37.33 29.52 -3.62
N GLU B 429 37.42 28.80 -2.51
CA GLU B 429 38.29 27.65 -2.43
C GLU B 429 37.71 26.43 -3.14
N MET B 430 36.38 26.23 -3.08
CA MET B 430 35.74 25.22 -3.92
C MET B 430 35.85 25.59 -5.40
N LEU B 431 35.72 26.86 -5.74
CA LEU B 431 35.79 27.23 -7.15
C LEU B 431 37.19 26.96 -7.70
N ASP B 432 38.22 27.19 -6.89
CA ASP B 432 39.58 26.90 -7.36
C ASP B 432 39.75 25.41 -7.67
N VAL B 433 39.20 24.54 -6.80
CA VAL B 433 39.24 23.09 -7.04
C VAL B 433 38.57 22.75 -8.37
N ILE B 434 37.37 23.30 -8.61
CA ILE B 434 36.62 22.98 -9.81
C ILE B 434 37.28 23.55 -11.07
N VAL B 435 37.88 24.74 -10.98
CA VAL B 435 38.52 25.32 -12.17
C VAL B 435 39.81 24.55 -12.50
N LYS B 436 40.58 24.19 -11.48
CA LYS B 436 41.83 23.47 -11.74
C LYS B 436 41.58 22.09 -12.31
N ASN B 437 40.55 21.39 -11.84
CA ASN B 437 40.24 20.05 -12.34
C ASN B 437 38.91 20.09 -13.09
N ASP B 438 38.91 20.70 -14.25
CA ASP B 438 37.68 20.81 -15.01
C ASP B 438 37.52 19.62 -15.95
N ILE B 439 36.40 19.61 -16.69
CA ILE B 439 36.13 18.48 -17.57
C ILE B 439 37.26 18.30 -18.57
N ASN B 440 37.94 19.38 -18.94
CA ASN B 440 38.96 19.24 -19.97
C ASN B 440 40.25 18.61 -19.39
N HIS B 441 40.64 19.00 -18.18
CA HIS B 441 41.73 18.34 -17.48
C HIS B 441 41.45 16.84 -17.28
N TRP B 442 40.19 16.48 -17.02
CA TRP B 442 39.81 15.09 -16.79
C TRP B 442 40.09 14.22 -18.01
N GLN B 443 39.59 14.62 -19.19
CA GLN B 443 39.80 13.80 -20.37
C GLN B 443 41.27 13.78 -20.79
N GLU B 444 42.01 14.87 -20.57
CA GLU B 444 43.43 14.87 -20.93
C GLU B 444 44.22 13.88 -20.07
N CYS B 445 43.99 13.88 -18.76
CA CYS B 445 44.70 12.97 -17.88
C CYS B 445 44.44 11.52 -18.27
N PHE B 446 43.18 11.21 -18.64
CA PHE B 446 42.82 9.85 -19.00
C PHE B 446 43.43 9.45 -20.33
N ILE B 447 43.34 10.30 -21.35
CA ILE B 447 43.93 10.00 -22.64
C ILE B 447 45.45 9.88 -22.50
N SER B 448 46.06 10.77 -21.71
CA SER B 448 47.52 10.74 -21.54
C SER B 448 47.97 9.46 -20.85
N ASP B 449 47.22 9.01 -19.85
CA ASP B 449 47.54 7.74 -19.23
C ASP B 449 47.26 6.55 -20.15
N LEU B 450 46.19 6.65 -20.95
CA LEU B 450 45.83 5.51 -21.79
C LEU B 450 46.86 5.26 -22.89
N LYS B 451 47.39 6.34 -23.51
CA LYS B 451 48.35 6.27 -24.61
C LYS B 451 49.65 5.62 -24.16
N GLN B 452 50.16 6.03 -22.99
CA GLN B 452 51.44 5.58 -22.49
C GLN B 452 51.43 4.12 -22.03
N ILE B 453 50.30 3.42 -22.07
CA ILE B 453 50.28 1.96 -21.87
C ILE B 453 50.98 1.27 -23.04
N VAL B 454 51.64 0.16 -22.76
CA VAL B 454 52.31 -0.64 -23.79
C VAL B 454 51.46 -1.88 -24.07
N PRO B 455 50.98 -2.10 -25.30
CA PRO B 455 50.15 -3.24 -25.71
C PRO B 455 50.84 -4.60 -25.58
N SER C 1 37.73 -15.40 40.09
CA SER C 1 37.14 -16.72 39.91
C SER C 1 35.63 -16.69 39.56
N ARG C 2 34.86 -15.89 40.31
CA ARG C 2 33.42 -15.84 40.08
C ARG C 2 33.08 -15.14 38.76
N LEU C 3 31.98 -15.57 38.12
CA LEU C 3 31.62 -15.09 36.80
C LEU C 3 30.34 -14.27 36.87
N VAL C 4 30.36 -13.08 36.26
CA VAL C 4 29.19 -12.21 36.14
C VAL C 4 28.80 -12.19 34.65
N VAL C 5 27.60 -12.64 34.34
CA VAL C 5 27.10 -12.64 32.97
C VAL C 5 25.99 -11.60 32.87
N VAL C 6 26.12 -10.71 31.90
CA VAL C 6 25.14 -9.67 31.63
C VAL C 6 24.59 -9.93 30.24
N SER C 7 23.27 -10.10 30.16
CA SER C 7 22.58 -10.23 28.87
C SER C 7 21.26 -9.50 29.00
N ASN C 8 20.69 -9.14 27.85
CA ASN C 8 19.50 -8.31 27.89
C ASN C 8 18.32 -9.02 28.54
N ARG C 9 18.30 -10.37 28.57
CA ARG C 9 17.28 -11.14 29.29
C ARG C 9 17.84 -12.42 29.91
N ILE C 10 17.07 -12.94 30.88
CA ILE C 10 17.45 -14.11 31.66
C ILE C 10 16.27 -15.06 31.85
N ALA C 11 16.61 -16.33 32.12
CA ALA C 11 15.61 -17.36 32.43
C ALA C 11 15.60 -17.63 33.93
N PRO C 12 14.47 -17.44 34.60
CA PRO C 12 14.48 -17.36 36.11
C PRO C 12 14.80 -18.67 36.82
N PRO C 13 13.95 -19.76 36.72
CA PRO C 13 14.54 -21.04 37.27
C PRO C 13 15.51 -21.71 36.28
N SER C 19 17.81 -27.27 27.31
CA SER C 19 16.61 -27.89 26.71
C SER C 19 15.67 -26.94 25.91
N ALA C 20 15.75 -25.64 26.15
CA ALA C 20 14.92 -24.69 25.43
C ALA C 20 15.72 -23.71 24.58
N GLY C 21 17.00 -23.96 24.35
CA GLY C 21 17.78 -23.02 23.58
C GLY C 21 19.24 -23.40 23.54
N GLY C 22 20.02 -22.54 22.90
CA GLY C 22 21.45 -22.75 22.78
C GLY C 22 22.19 -21.90 23.79
N LEU C 23 22.10 -20.56 23.70
CA LEU C 23 22.96 -19.68 24.49
C LEU C 23 22.65 -19.69 25.98
N ALA C 24 21.40 -19.94 26.39
CA ALA C 24 21.16 -20.13 27.81
C ALA C 24 21.97 -21.32 28.32
N VAL C 25 22.11 -22.38 27.49
CA VAL C 25 22.85 -23.58 27.88
C VAL C 25 24.33 -23.25 28.08
N GLY C 26 24.92 -22.43 27.20
CA GLY C 26 26.31 -22.05 27.35
C GLY C 26 26.55 -21.12 28.54
N ILE C 27 25.65 -20.15 28.73
CA ILE C 27 25.77 -19.23 29.85
C ILE C 27 25.63 -19.97 31.17
N LEU C 28 24.69 -20.93 31.25
CA LEU C 28 24.51 -21.67 32.48
C LEU C 28 25.65 -22.66 32.66
N GLY C 29 26.21 -23.17 31.57
CA GLY C 29 27.39 -23.98 31.72
C GLY C 29 28.55 -23.23 32.34
N ALA C 30 28.80 -21.99 31.88
CA ALA C 30 29.90 -21.20 32.43
C ALA C 30 29.67 -20.84 33.88
N LEU C 31 28.46 -20.40 34.21
CA LEU C 31 28.17 -20.03 35.58
C LEU C 31 28.30 -21.24 36.51
N LYS C 32 27.94 -22.44 36.03
CA LYS C 32 28.05 -23.59 36.93
C LYS C 32 29.49 -23.97 37.17
N ALA C 33 30.39 -23.60 36.26
CA ALA C 33 31.76 -24.07 36.37
C ALA C 33 32.52 -23.33 37.49
N ALA C 34 32.22 -22.04 37.71
CA ALA C 34 32.90 -21.28 38.75
C ALA C 34 31.96 -20.47 39.65
N GLY C 35 30.65 -20.71 39.56
CA GLY C 35 29.68 -19.97 40.35
C GLY C 35 29.54 -18.56 39.84
N GLY C 36 28.41 -17.91 40.12
CA GLY C 36 28.36 -16.51 39.80
C GLY C 36 26.94 -15.97 39.74
N LEU C 37 26.79 -14.91 38.96
CA LEU C 37 25.63 -14.05 38.93
C LEU C 37 25.22 -13.88 37.46
N TRP C 38 23.93 -13.99 37.19
CA TRP C 38 23.38 -13.68 35.89
C TRP C 38 22.50 -12.45 36.04
N PHE C 39 22.83 -11.40 35.32
CA PHE C 39 22.22 -10.10 35.52
C PHE C 39 21.58 -9.68 34.21
N GLY C 40 20.29 -9.40 34.27
CA GLY C 40 19.60 -9.00 33.06
C GLY C 40 18.16 -8.66 33.36
N TRP C 41 17.54 -8.03 32.38
CA TRP C 41 16.18 -7.52 32.49
C TRP C 41 15.15 -8.65 32.34
N SER C 42 14.05 -8.52 33.08
CA SER C 42 13.04 -9.57 33.16
C SER C 42 12.02 -9.51 32.06
N GLY C 43 11.97 -8.43 31.27
CA GLY C 43 11.06 -8.35 30.16
C GLY C 43 9.81 -7.55 30.42
N GLU C 44 9.48 -7.30 31.69
CA GLU C 44 8.27 -6.56 32.08
C GLU C 44 8.56 -5.07 32.14
N THR C 45 7.47 -4.30 32.15
CA THR C 45 7.60 -2.86 32.03
C THR C 45 7.16 -2.26 33.36
N GLY C 46 7.64 -1.07 33.67
CA GLY C 46 7.11 -0.36 34.82
C GLY C 46 7.72 -0.78 36.13
N ASN C 47 7.65 0.16 37.10
CA ASN C 47 8.10 -0.06 38.47
C ASN C 47 9.61 -0.24 38.51
N GLU C 48 10.33 0.71 37.93
CA GLU C 48 11.79 0.64 37.84
C GLU C 48 12.44 0.86 39.20
N ASP C 49 11.83 1.69 40.06
CA ASP C 49 12.39 1.97 41.39
C ASP C 49 12.33 0.78 42.34
N GLN C 50 11.60 -0.29 41.99
CA GLN C 50 11.58 -1.49 42.82
C GLN C 50 12.99 -2.08 42.94
N PRO C 51 13.27 -2.82 44.01
CA PRO C 51 14.60 -3.41 44.19
C PRO C 51 14.85 -4.52 43.18
N LEU C 52 16.13 -4.89 43.06
CA LEU C 52 16.49 -6.04 42.25
C LEU C 52 15.81 -7.30 42.80
N LYS C 53 15.43 -8.18 41.89
CA LYS C 53 14.84 -9.46 42.22
C LYS C 53 15.93 -10.50 42.07
N LYS C 54 16.34 -11.10 43.18
CA LYS C 54 17.35 -12.13 43.14
C LYS C 54 16.74 -13.48 43.44
N VAL C 55 16.98 -14.46 42.58
CA VAL C 55 16.60 -15.83 42.87
C VAL C 55 17.90 -16.61 42.93
N LYS C 56 18.08 -17.40 43.98
CA LYS C 56 19.34 -18.13 44.11
C LYS C 56 19.08 -19.63 44.10
N LYS C 57 19.85 -20.35 43.30
CA LYS C 57 19.83 -21.80 43.21
C LYS C 57 21.25 -22.34 43.22
N GLY C 58 21.67 -22.82 44.37
CA GLY C 58 22.98 -23.40 44.57
C GLY C 58 24.11 -22.40 44.40
N ASN C 59 24.94 -22.56 43.39
CA ASN C 59 26.11 -21.71 43.22
C ASN C 59 25.89 -20.54 42.26
N ILE C 60 24.63 -20.29 41.85
CA ILE C 60 24.23 -19.34 40.81
C ILE C 60 23.26 -18.38 41.47
N THR C 61 23.28 -17.10 41.07
CA THR C 61 22.30 -16.09 41.47
C THR C 61 21.76 -15.42 40.21
N TRP C 62 20.45 -15.31 40.09
CA TRP C 62 19.80 -14.53 39.04
C TRP C 62 19.32 -13.22 39.65
N ALA C 63 19.70 -12.11 39.05
CA ALA C 63 19.29 -10.78 39.50
C ALA C 63 18.65 -10.05 38.34
N SER C 64 17.46 -9.48 38.54
CA SER C 64 16.72 -8.88 37.44
C SER C 64 16.11 -7.53 37.83
N PHE C 65 15.71 -6.77 36.82
CA PHE C 65 15.14 -5.43 36.93
C PHE C 65 14.12 -5.24 35.81
N ASN C 66 13.30 -4.17 35.90
CA ASN C 66 12.42 -3.77 34.81
C ASN C 66 12.74 -2.35 34.34
N LEU C 67 12.11 -1.96 33.23
CA LEU C 67 12.35 -0.65 32.61
C LEU C 67 11.04 0.08 32.30
N SER C 68 11.13 1.40 32.18
CA SER C 68 9.97 2.22 31.84
C SER C 68 9.64 2.14 30.35
N GLU C 69 8.42 2.57 29.94
CA GLU C 69 8.21 2.44 28.51
C GLU C 69 9.19 3.23 27.70
N GLN C 70 9.44 4.45 28.07
CA GLN C 70 10.14 5.22 27.07
C GLN C 70 11.61 4.82 27.01
N ASP C 71 12.22 4.40 28.14
CA ASP C 71 13.59 3.90 28.00
C ASP C 71 13.62 2.59 27.23
N LEU C 72 12.64 1.71 27.45
CA LEU C 72 12.63 0.47 26.66
C LEU C 72 12.47 0.78 25.17
N ASP C 73 11.68 1.78 24.84
CA ASP C 73 11.45 2.06 23.43
C ASP C 73 12.63 2.83 22.81
N GLU C 74 13.26 3.74 23.56
CA GLU C 74 14.41 4.47 23.03
C GLU C 74 15.67 3.60 23.00
N TYR C 75 15.91 2.88 24.09
CA TYR C 75 17.11 2.06 24.19
C TYR C 75 17.01 0.84 23.29
N TYR C 76 15.89 0.11 23.42
CA TYR C 76 15.78 -1.21 22.81
C TYR C 76 14.96 -1.26 21.53
N ASN C 77 13.76 -0.67 21.49
CA ASN C 77 13.02 -0.65 20.23
C ASN C 77 13.66 0.29 19.22
N GLN C 78 14.25 1.39 19.67
CA GLN C 78 14.80 2.33 18.70
C GLN C 78 16.28 2.06 18.42
N PHE C 79 17.19 2.45 19.34
CA PHE C 79 18.59 2.44 18.87
C PHE C 79 19.11 1.02 18.62
N SER C 80 18.91 0.10 19.55
CA SER C 80 19.44 -1.24 19.31
C SER C 80 18.77 -1.89 18.11
N ASN C 81 17.45 -1.79 17.97
CA ASN C 81 16.75 -2.55 16.92
C ASN C 81 16.42 -1.74 15.67
N ALA C 82 16.52 -0.41 15.70
CA ALA C 82 16.28 0.41 14.51
C ALA C 82 17.51 1.16 14.03
N VAL C 83 18.66 1.03 14.71
CA VAL C 83 19.92 1.55 14.19
C VAL C 83 20.95 0.41 14.11
N LEU C 84 21.32 -0.17 15.26
CA LEU C 84 22.40 -1.16 15.30
C LEU C 84 22.03 -2.43 14.55
N TRP C 85 20.86 -2.99 14.85
CA TRP C 85 20.46 -4.25 14.22
C TRP C 85 20.48 -4.13 12.70
N PRO C 86 19.71 -3.22 12.07
CA PRO C 86 19.67 -3.22 10.60
C PRO C 86 21.01 -2.86 9.95
N ALA C 87 21.77 -1.93 10.54
CA ALA C 87 23.08 -1.58 10.00
C ALA C 87 24.08 -2.74 10.10
N PHE C 88 24.03 -3.49 11.21
CA PHE C 88 24.98 -4.58 11.36
C PHE C 88 24.62 -5.72 10.43
N HIS C 89 23.39 -5.75 9.93
CA HIS C 89 22.98 -6.67 8.90
C HIS C 89 22.97 -6.05 7.51
N TYR C 90 23.77 -5.00 7.29
CA TYR C 90 23.98 -4.42 5.97
C TYR C 90 22.67 -3.87 5.36
N ARG C 91 21.86 -3.20 6.18
CA ARG C 91 20.63 -2.57 5.69
C ARG C 91 20.59 -1.11 6.16
N LEU C 92 21.49 -0.29 5.60
CA LEU C 92 21.47 1.12 5.92
C LEU C 92 20.16 1.78 5.55
N ASP C 93 19.44 1.23 4.57
CA ASP C 93 18.17 1.81 4.15
C ASP C 93 17.08 1.69 5.22
N LEU C 94 17.25 0.80 6.19
CA LEU C 94 16.29 0.63 7.28
C LEU C 94 16.71 1.32 8.56
N VAL C 95 17.89 1.94 8.57
CA VAL C 95 18.37 2.61 9.78
C VAL C 95 17.53 3.86 10.01
N GLN C 96 17.00 3.99 11.21
CA GLN C 96 16.24 5.16 11.60
C GLN C 96 16.96 5.73 12.81
N PHE C 97 18.01 6.49 12.55
CA PHE C 97 18.77 7.13 13.60
C PHE C 97 18.12 8.45 13.98
N GLN C 98 17.93 8.65 15.28
CA GLN C 98 17.61 9.94 15.86
C GLN C 98 18.36 10.08 17.17
N ARG C 99 18.87 11.28 17.43
CA ARG C 99 19.70 11.46 18.60
C ARG C 99 18.98 11.21 19.93
N PRO C 100 17.68 11.49 20.09
CA PRO C 100 17.03 11.08 21.36
C PRO C 100 17.14 9.59 21.65
N ALA C 101 17.01 8.75 20.63
CA ALA C 101 17.17 7.31 20.84
C ALA C 101 18.61 6.94 21.21
N TRP C 102 19.59 7.61 20.59
CA TRP C 102 20.98 7.41 20.96
C TRP C 102 21.21 7.75 22.43
N ASP C 103 20.65 8.85 22.91
CA ASP C 103 20.83 9.23 24.30
C ASP C 103 20.16 8.22 25.21
N GLY C 104 19.02 7.69 24.78
CA GLY C 104 18.35 6.69 25.58
C GLY C 104 19.14 5.41 25.66
N TYR C 105 19.80 5.03 24.57
CA TYR C 105 20.67 3.86 24.61
C TYR C 105 21.79 4.03 25.64
N LEU C 106 22.43 5.20 25.67
CA LEU C 106 23.50 5.44 26.64
C LEU C 106 22.97 5.51 28.07
N ARG C 107 21.77 6.05 28.25
CA ARG C 107 21.22 6.23 29.59
C ARG C 107 20.79 4.89 30.19
N VAL C 108 20.15 4.04 29.41
CA VAL C 108 19.80 2.70 29.89
C VAL C 108 21.05 1.88 30.19
N ASN C 109 22.09 1.98 29.38
CA ASN C 109 23.33 1.27 29.65
C ASN C 109 23.99 1.75 30.94
N ALA C 110 24.07 3.08 31.13
CA ALA C 110 24.58 3.67 32.37
C ALA C 110 23.72 3.28 33.57
N LEU C 111 22.40 3.17 33.38
CA LEU C 111 21.53 2.88 34.50
C LEU C 111 21.69 1.46 34.96
N LEU C 112 21.93 0.53 34.04
CA LEU C 112 22.18 -0.84 34.47
C LEU C 112 23.62 -1.02 34.92
N ALA C 113 24.54 -0.19 34.48
CA ALA C 113 25.87 -0.21 35.09
C ALA C 113 25.77 0.12 36.58
N ASP C 114 24.91 1.07 36.96
CA ASP C 114 24.77 1.40 38.38
C ASP C 114 24.01 0.33 39.16
N LYS C 115 23.00 -0.29 38.55
CA LYS C 115 22.30 -1.35 39.26
C LYS C 115 23.22 -2.53 39.53
N LEU C 116 24.17 -2.82 38.62
CA LEU C 116 25.06 -3.96 38.84
C LEU C 116 26.26 -3.66 39.73
N LEU C 117 26.70 -2.41 39.79
CA LEU C 117 27.93 -2.07 40.49
C LEU C 117 27.99 -2.59 41.92
N PRO C 118 26.93 -2.45 42.75
CA PRO C 118 27.00 -3.02 44.12
C PRO C 118 27.22 -4.52 44.17
N LEU C 119 26.83 -5.26 43.15
CA LEU C 119 26.94 -6.72 43.18
C LEU C 119 28.36 -7.20 42.84
N LEU C 120 29.24 -6.32 42.38
CA LEU C 120 30.52 -6.77 41.83
C LEU C 120 31.56 -7.01 42.92
N GLN C 121 32.47 -7.94 42.65
CA GLN C 121 33.60 -8.23 43.52
C GLN C 121 34.89 -8.09 42.73
N ASP C 122 35.98 -7.92 43.46
CA ASP C 122 37.26 -7.53 42.85
C ASP C 122 37.78 -8.57 41.87
N ASP C 123 37.47 -9.84 42.10
CA ASP C 123 37.99 -10.99 41.39
C ASP C 123 37.07 -11.48 40.26
N ASP C 124 35.87 -10.88 40.12
CA ASP C 124 34.91 -11.34 39.13
C ASP C 124 35.42 -11.11 37.72
N ILE C 125 35.19 -12.08 36.85
CA ILE C 125 35.27 -11.89 35.41
C ILE C 125 33.86 -11.62 34.92
N ILE C 126 33.73 -10.65 34.02
CA ILE C 126 32.44 -10.14 33.56
C ILE C 126 32.29 -10.42 32.08
N TRP C 127 31.15 -11.00 31.70
CA TRP C 127 30.86 -11.41 30.33
C TRP C 127 29.61 -10.67 29.85
N ILE C 128 29.76 -9.78 28.89
CA ILE C 128 28.66 -9.02 28.35
C ILE C 128 28.29 -9.56 26.98
N HIS C 129 26.99 -9.65 26.71
CA HIS C 129 26.59 -10.29 25.47
C HIS C 129 26.20 -9.36 24.33
N ASP C 130 24.96 -9.16 23.96
CA ASP C 130 24.80 -8.77 22.55
C ASP C 130 24.98 -7.24 22.32
N TYR C 131 24.53 -6.77 21.15
CA TYR C 131 24.69 -5.39 20.73
C TYR C 131 23.88 -4.39 21.58
N HIS C 132 22.90 -4.84 22.36
CA HIS C 132 22.20 -3.90 23.22
C HIS C 132 23.12 -3.26 24.25
N LEU C 133 24.28 -3.86 24.50
CA LEU C 133 25.17 -3.47 25.59
C LEU C 133 26.58 -3.18 25.12
N LEU C 134 26.76 -2.69 23.90
CA LEU C 134 28.08 -2.23 23.48
C LEU C 134 28.72 -1.27 24.47
N PRO C 135 28.01 -0.25 25.01
CA PRO C 135 28.66 0.73 25.89
C PRO C 135 28.80 0.30 27.34
N PHE C 136 28.50 -0.96 27.69
CA PHE C 136 28.41 -1.34 29.10
C PHE C 136 29.77 -1.32 29.80
N ALA C 137 30.81 -1.88 29.16
CA ALA C 137 32.15 -1.84 29.73
C ALA C 137 32.60 -0.40 29.95
N HIS C 138 32.39 0.46 28.95
CA HIS C 138 32.70 1.87 29.11
C HIS C 138 32.01 2.46 30.33
N GLU C 139 30.75 2.13 30.55
CA GLU C 139 30.06 2.64 31.73
C GLU C 139 30.67 2.06 33.00
N LEU C 140 31.13 0.81 32.95
CA LEU C 140 31.78 0.21 34.10
C LEU C 140 33.17 0.80 34.35
N ARG C 141 33.94 1.09 33.29
CA ARG C 141 35.25 1.69 33.50
C ARG C 141 35.12 3.09 34.09
N LYS C 142 34.11 3.85 33.67
CA LYS C 142 33.90 5.16 34.27
C LYS C 142 33.59 5.04 35.76
N ARG C 143 33.01 3.92 36.20
CA ARG C 143 32.75 3.65 37.62
C ARG C 143 33.90 2.93 38.29
N GLY C 144 35.08 2.91 37.70
CA GLY C 144 36.22 2.36 38.40
C GLY C 144 36.31 0.85 38.41
N VAL C 145 35.53 0.15 37.60
CA VAL C 145 35.59 -1.31 37.50
C VAL C 145 36.81 -1.68 36.67
N ASN C 146 37.81 -2.27 37.30
CA ASN C 146 39.07 -2.66 36.66
C ASN C 146 39.11 -4.13 36.30
N ASN C 147 38.02 -4.87 36.52
CA ASN C 147 37.93 -6.31 36.28
C ASN C 147 38.07 -6.63 34.80
N ARG C 148 38.26 -7.92 34.54
CA ARG C 148 38.35 -8.42 33.18
C ARG C 148 36.95 -8.48 32.60
N ILE C 149 36.73 -7.80 31.47
CA ILE C 149 35.41 -7.74 30.86
C ILE C 149 35.49 -8.21 29.43
N GLY C 150 34.67 -9.19 29.10
CA GLY C 150 34.61 -9.75 27.77
C GLY C 150 33.28 -9.42 27.12
N PHE C 151 33.30 -9.33 25.80
CA PHE C 151 32.11 -9.02 25.03
C PHE C 151 31.96 -10.08 23.94
N PHE C 152 30.74 -10.59 23.74
CA PHE C 152 30.49 -11.45 22.60
C PHE C 152 29.37 -10.86 21.74
N LEU C 153 29.65 -10.71 20.45
CA LEU C 153 28.70 -10.18 19.48
C LEU C 153 28.07 -11.34 18.73
N HIS C 154 26.76 -11.47 18.82
CA HIS C 154 26.09 -12.58 18.18
C HIS C 154 25.69 -12.30 16.73
N ILE C 155 25.69 -11.04 16.31
CA ILE C 155 25.24 -10.66 14.96
C ILE C 155 26.47 -10.32 14.12
N PRO C 156 26.36 -10.03 12.82
CA PRO C 156 27.58 -9.69 12.08
C PRO C 156 28.12 -8.35 12.53
N PHE C 157 29.40 -8.13 12.24
CA PHE C 157 29.97 -6.79 12.35
C PHE C 157 30.15 -6.26 10.94
N PRO C 158 29.59 -5.10 10.61
CA PRO C 158 29.63 -4.65 9.21
C PRO C 158 30.97 -4.11 8.80
N THR C 159 31.27 -4.25 7.53
CA THR C 159 32.50 -3.68 6.98
C THR C 159 32.40 -2.14 7.00
N PRO C 160 33.54 -1.42 6.99
CA PRO C 160 33.53 0.06 7.19
C PRO C 160 32.58 0.91 6.32
N GLU C 161 32.41 0.62 5.02
CA GLU C 161 31.56 1.52 4.24
C GLU C 161 30.14 1.49 4.73
N ILE C 162 29.80 0.46 5.48
CA ILE C 162 28.51 0.39 6.10
C ILE C 162 28.54 0.96 7.49
N PHE C 163 29.58 0.57 8.27
CA PHE C 163 29.64 0.94 9.67
C PHE C 163 29.84 2.45 9.86
N ASN C 164 30.66 3.07 9.01
CA ASN C 164 31.02 4.47 9.18
C ASN C 164 29.89 5.40 8.83
N ALA C 165 28.83 4.91 8.18
CA ALA C 165 27.66 5.72 7.93
C ALA C 165 26.85 5.97 9.20
N LEU C 166 27.07 5.22 10.27
CA LEU C 166 26.35 5.44 11.51
C LEU C 166 26.79 6.77 12.13
N PRO C 167 25.87 7.66 12.45
CA PRO C 167 26.29 8.96 13.00
C PRO C 167 27.10 8.85 14.29
N THR C 168 26.95 7.80 15.08
CA THR C 168 27.75 7.69 16.30
C THR C 168 28.79 6.57 16.22
N TYR C 169 29.24 6.24 15.02
CA TYR C 169 30.15 5.10 14.80
C TYR C 169 31.46 5.24 15.58
N ASP C 170 31.96 6.46 15.74
CA ASP C 170 33.27 6.62 16.38
C ASP C 170 33.18 6.36 17.88
N THR C 171 32.08 6.79 18.51
CA THR C 171 31.83 6.47 19.90
C THR C 171 31.66 4.98 20.12
N LEU C 172 30.89 4.33 19.25
CA LEU C 172 30.74 2.89 19.36
C LEU C 172 32.10 2.19 19.32
N LEU C 173 32.99 2.64 18.43
CA LEU C 173 34.30 2.01 18.35
C LEU C 173 35.12 2.24 19.61
N GLU C 174 35.14 3.47 20.14
CA GLU C 174 35.91 3.73 21.37
C GLU C 174 35.40 2.87 22.52
N GLN C 175 34.08 2.76 22.67
CA GLN C 175 33.55 2.01 23.81
C GLN C 175 33.79 0.51 23.66
N LEU C 176 33.83 0.03 22.41
CA LEU C 176 34.17 -1.38 22.24
C LEU C 176 35.58 -1.69 22.72
N CYS C 177 36.50 -0.72 22.68
CA CYS C 177 37.86 -0.94 23.11
C CYS C 177 38.04 -0.89 24.64
N ASP C 178 36.99 -0.66 25.40
CA ASP C 178 37.07 -0.78 26.86
C ASP C 178 36.85 -2.22 27.33
N TYR C 179 36.53 -3.16 26.42
CA TYR C 179 36.53 -4.57 26.75
C TYR C 179 37.95 -5.12 26.65
N ASP C 180 38.30 -6.05 27.56
CA ASP C 180 39.58 -6.72 27.45
C ASP C 180 39.58 -7.79 26.37
N LEU C 181 38.42 -8.35 26.06
CA LEU C 181 38.29 -9.46 25.13
C LEU C 181 37.03 -9.22 24.31
N LEU C 182 37.15 -9.26 22.98
CA LEU C 182 36.03 -9.05 22.07
C LEU C 182 35.88 -10.32 21.26
N GLY C 183 34.75 -11.02 21.44
CA GLY C 183 34.46 -12.23 20.71
C GLY C 183 33.50 -11.99 19.54
N PHE C 184 33.71 -12.76 18.46
CA PHE C 184 32.91 -12.66 17.24
C PHE C 184 32.53 -14.04 16.70
N GLN C 185 31.43 -14.09 15.93
CA GLN C 185 30.96 -15.35 15.33
C GLN C 185 31.92 -15.86 14.26
N THR C 186 32.50 -14.96 13.48
CA THR C 186 33.30 -15.37 12.32
C THR C 186 34.54 -14.50 12.20
N GLU C 187 35.49 -14.97 11.39
CA GLU C 187 36.69 -14.17 11.20
C GLU C 187 36.40 -12.89 10.41
N ASN C 188 35.42 -12.92 9.49
CA ASN C 188 35.08 -11.71 8.74
C ASN C 188 34.55 -10.61 9.65
N ASP C 189 33.75 -10.98 10.66
CA ASP C 189 33.26 -9.95 11.60
C ASP C 189 34.42 -9.34 12.38
N ARG C 190 35.31 -10.20 12.91
CA ARG C 190 36.47 -9.72 13.63
C ARG C 190 37.33 -8.82 12.76
N LEU C 191 37.57 -9.22 11.49
CA LEU C 191 38.36 -8.37 10.61
C LEU C 191 37.61 -7.10 10.21
N ALA C 192 36.30 -7.18 10.03
CA ALA C 192 35.52 -5.98 9.77
C ALA C 192 35.63 -4.98 10.94
N PHE C 193 35.57 -5.48 12.17
CA PHE C 193 35.76 -4.60 13.32
C PHE C 193 37.15 -3.97 13.33
N LEU C 194 38.19 -4.76 13.06
CA LEU C 194 39.53 -4.18 13.07
C LEU C 194 39.73 -3.22 11.92
N ASP C 195 39.07 -3.46 10.79
CA ASP C 195 39.14 -2.53 9.67
C ASP C 195 38.48 -1.19 10.02
N CYS C 196 37.31 -1.22 10.66
CA CYS C 196 36.66 0.03 11.07
C CYS C 196 37.52 0.77 12.09
N LEU C 197 38.08 0.04 13.05
CA LEU C 197 38.90 0.69 14.08
C LEU C 197 40.15 1.34 13.47
N SER C 198 40.80 0.63 12.53
CA SER C 198 42.02 1.11 11.90
C SER C 198 41.78 2.31 10.98
N ASN C 199 40.60 2.45 10.40
CA ASN C 199 40.25 3.65 9.66
C ASN C 199 40.03 4.84 10.59
N LEU C 200 39.69 4.59 11.84
CA LEU C 200 39.43 5.71 12.73
C LEU C 200 40.66 6.13 13.52
N THR C 201 41.53 5.20 13.90
CA THR C 201 42.65 5.50 14.78
C THR C 201 43.79 4.56 14.49
N ARG C 202 44.96 4.86 15.04
CA ARG C 202 46.11 3.96 14.92
C ARG C 202 45.90 2.72 15.80
N VAL C 203 45.85 1.55 15.16
CA VAL C 203 45.74 0.27 15.84
C VAL C 203 47.08 -0.45 15.68
N THR C 204 47.65 -0.88 16.79
CA THR C 204 48.88 -1.66 16.79
C THR C 204 48.53 -3.11 17.12
N THR C 205 49.01 -4.03 16.28
CA THR C 205 48.77 -5.45 16.48
C THR C 205 50.13 -6.13 16.42
N ARG C 206 50.61 -6.67 17.54
CA ARG C 206 51.96 -7.20 17.49
C ARG C 206 52.14 -8.65 17.95
N SER C 207 51.16 -9.27 18.62
CA SER C 207 51.09 -10.73 18.54
C SER C 207 49.96 -11.07 17.56
N ALA C 208 49.11 -12.07 17.81
CA ALA C 208 48.18 -12.41 16.73
C ALA C 208 46.80 -11.79 16.85
N LYS C 209 46.22 -11.72 18.05
CA LYS C 209 44.85 -11.25 18.23
C LYS C 209 44.83 -10.29 19.41
N SER C 210 45.95 -9.63 19.61
CA SER C 210 46.17 -8.73 20.72
C SER C 210 46.46 -7.36 20.12
N HIS C 211 45.77 -6.34 20.63
CA HIS C 211 45.72 -5.02 19.99
C HIS C 211 45.83 -3.92 21.03
N THR C 212 46.18 -2.72 20.55
CA THR C 212 46.11 -1.52 21.35
C THR C 212 45.52 -0.40 20.51
N ALA C 213 44.67 0.40 21.13
CA ALA C 213 44.10 1.55 20.46
C ALA C 213 43.74 2.57 21.52
N TRP C 214 44.12 3.84 21.30
CA TRP C 214 43.94 4.90 22.30
C TRP C 214 44.50 4.50 23.66
N GLY C 215 45.62 3.78 23.66
CA GLY C 215 46.16 3.33 24.94
C GLY C 215 45.39 2.20 25.61
N LYS C 216 44.29 1.73 25.05
CA LYS C 216 43.53 0.62 25.61
C LYS C 216 44.01 -0.68 24.95
N ALA C 217 44.20 -1.72 25.77
CA ALA C 217 44.58 -3.04 25.29
C ALA C 217 43.35 -3.95 25.24
N PHE C 218 43.26 -4.73 24.17
CA PHE C 218 42.17 -5.69 24.04
C PHE C 218 42.59 -6.79 23.09
N ARG C 219 41.98 -7.95 23.28
CA ARG C 219 42.15 -9.06 22.38
C ARG C 219 40.89 -9.23 21.56
N THR C 220 41.04 -9.75 20.34
CA THR C 220 39.87 -10.19 19.60
C THR C 220 39.98 -11.68 19.30
N GLU C 221 38.83 -12.36 19.20
CA GLU C 221 38.89 -13.79 18.96
C GLU C 221 37.58 -14.24 18.32
N VAL C 222 37.62 -15.39 17.67
CA VAL C 222 36.47 -15.97 16.99
C VAL C 222 35.97 -17.15 17.80
N TYR C 223 34.70 -17.10 18.20
CA TYR C 223 34.05 -18.21 18.89
C TYR C 223 32.70 -18.44 18.22
N PRO C 224 32.64 -19.30 17.21
CA PRO C 224 31.35 -19.62 16.59
C PRO C 224 30.44 -20.31 17.60
N ILE C 225 29.25 -19.77 17.76
CA ILE C 225 28.36 -20.38 18.75
C ILE C 225 27.79 -21.66 18.16
N GLY C 226 27.67 -22.69 19.00
CA GLY C 226 27.13 -23.98 18.62
C GLY C 226 25.92 -24.39 19.46
N ILE C 227 25.54 -25.65 19.37
CA ILE C 227 24.35 -26.16 20.04
C ILE C 227 24.77 -27.29 20.97
N GLU C 228 23.81 -27.92 21.63
CA GLU C 228 24.09 -29.12 22.40
C GLU C 228 23.54 -30.32 21.61
N PRO C 229 24.37 -31.02 20.83
CA PRO C 229 23.82 -31.97 19.84
C PRO C 229 23.21 -33.22 20.44
N LYS C 230 23.64 -33.66 21.62
CA LYS C 230 23.06 -34.85 22.25
C LYS C 230 21.61 -34.59 22.69
N GLU C 231 21.34 -33.42 23.25
CA GLU C 231 19.99 -33.10 23.65
C GLU C 231 19.08 -32.99 22.44
N ILE C 232 19.55 -32.37 21.35
CA ILE C 232 18.71 -32.24 20.17
C ILE C 232 18.32 -33.62 19.67
N ALA C 233 19.28 -34.55 19.60
CA ALA C 233 18.96 -35.89 19.09
C ALA C 233 17.96 -36.63 19.97
N LYS C 234 17.96 -36.36 21.29
CA LYS C 234 17.01 -37.04 22.19
C LYS C 234 15.60 -36.53 21.95
N GLN C 235 15.43 -35.21 21.87
CA GLN C 235 14.10 -34.66 21.59
C GLN C 235 13.59 -35.10 20.20
N ALA C 236 14.48 -35.25 19.22
CA ALA C 236 14.04 -35.56 17.87
C ALA C 236 13.63 -37.03 17.69
N ALA C 237 14.25 -37.97 18.41
CA ALA C 237 14.08 -39.38 18.13
C ALA C 237 12.99 -40.05 18.97
N GLY C 238 12.36 -39.35 19.91
CA GLY C 238 11.24 -39.94 20.61
C GLY C 238 10.09 -40.25 19.68
N PRO C 239 9.08 -40.99 20.16
CA PRO C 239 7.90 -41.28 19.34
C PRO C 239 7.03 -40.04 19.07
N LEU C 240 6.30 -40.09 17.97
CA LEU C 240 5.65 -38.88 17.48
C LEU C 240 4.39 -38.58 18.28
N PRO C 241 4.03 -37.30 18.45
CA PRO C 241 2.70 -36.98 18.99
C PRO C 241 1.62 -37.67 18.17
N PRO C 242 0.54 -38.15 18.80
CA PRO C 242 -0.42 -39.00 18.08
C PRO C 242 -1.00 -38.28 16.88
N LYS C 243 -1.31 -37.01 17.13
CA LYS C 243 -2.04 -36.12 16.26
C LYS C 243 -1.20 -35.73 15.06
N LEU C 244 0.13 -35.71 15.23
CA LEU C 244 1.09 -35.45 14.17
C LEU C 244 1.85 -36.69 13.70
N ALA C 245 1.75 -37.80 14.43
CA ALA C 245 2.18 -39.09 13.88
C ALA C 245 1.27 -39.46 12.73
N GLN C 246 0.01 -39.03 12.80
CA GLN C 246 -0.96 -39.29 11.74
C GLN C 246 -0.56 -38.60 10.45
N LEU C 247 0.01 -37.42 10.55
CA LEU C 247 0.48 -36.70 9.37
C LEU C 247 1.44 -37.54 8.54
N LYS C 248 2.59 -37.92 9.10
CA LYS C 248 3.57 -38.69 8.34
C LYS C 248 3.08 -40.10 8.00
N ALA C 249 1.94 -40.51 8.54
CA ALA C 249 1.31 -41.71 8.01
C ALA C 249 0.39 -41.42 6.83
N GLU C 250 -0.21 -40.23 6.80
CA GLU C 250 -0.92 -39.76 5.60
C GLU C 250 0.05 -39.40 4.47
N LEU C 251 1.21 -38.88 4.84
CA LEU C 251 2.23 -38.36 3.93
C LEU C 251 3.52 -39.17 3.76
N LYS C 252 3.34 -40.43 3.34
CA LYS C 252 4.45 -41.33 3.01
C LYS C 252 5.00 -41.05 1.61
N ASN C 253 4.16 -40.50 0.73
CA ASN C 253 4.45 -40.24 -0.68
C ASN C 253 4.93 -38.82 -0.97
N VAL C 254 5.32 -38.06 0.02
CA VAL C 254 5.71 -36.67 -0.17
C VAL C 254 6.96 -36.33 0.62
N GLN C 255 7.89 -35.64 -0.04
CA GLN C 255 9.11 -35.16 0.57
C GLN C 255 8.85 -33.73 1.05
N ASN C 256 9.27 -33.44 2.28
CA ASN C 256 9.01 -32.14 2.89
C ASN C 256 10.29 -31.35 2.88
N ILE C 257 10.21 -30.14 2.33
CA ILE C 257 11.22 -29.12 2.53
C ILE C 257 10.75 -28.26 3.70
N PHE C 258 11.63 -28.06 4.66
CA PHE C 258 11.22 -27.46 5.92
C PHE C 258 12.08 -26.27 6.27
N SER C 259 11.44 -25.28 6.88
CA SER C 259 12.10 -24.07 7.33
C SER C 259 11.32 -23.50 8.50
N VAL C 260 12.05 -23.00 9.50
CA VAL C 260 11.46 -22.31 10.63
C VAL C 260 12.38 -21.14 10.94
N GLU C 261 11.84 -19.93 10.89
CA GLU C 261 12.68 -18.75 11.08
C GLU C 261 11.82 -17.66 11.70
N ARG C 262 12.47 -16.75 12.42
CA ARG C 262 11.76 -15.60 12.96
C ARG C 262 11.60 -14.59 11.81
N LEU C 263 10.41 -13.96 11.72
CA LEU C 263 10.12 -12.99 10.68
C LEU C 263 11.00 -11.78 10.89
N ASP C 264 11.84 -11.53 9.93
CA ASP C 264 12.85 -10.51 10.06
C ASP C 264 13.52 -10.30 8.71
N TYR C 265 13.92 -9.06 8.42
CA TYR C 265 14.44 -8.69 7.09
C TYR C 265 15.73 -9.39 6.73
N SER C 266 16.53 -9.81 7.71
CA SER C 266 17.79 -10.45 7.35
C SER C 266 17.58 -11.87 6.85
N LYS C 267 16.39 -12.45 7.06
CA LYS C 267 16.16 -13.85 6.81
C LYS C 267 15.79 -14.17 5.37
N GLY C 268 15.45 -13.17 4.56
CA GLY C 268 15.16 -13.39 3.15
C GLY C 268 14.04 -14.36 2.91
N LEU C 269 12.95 -14.29 3.72
CA LEU C 269 11.91 -15.29 3.57
C LEU C 269 11.10 -15.11 2.28
N PRO C 270 10.76 -13.89 1.87
CA PRO C 270 10.20 -13.73 0.52
C PRO C 270 11.07 -14.32 -0.58
N GLU C 271 12.39 -14.34 -0.42
CA GLU C 271 13.24 -14.96 -1.44
C GLU C 271 13.21 -16.49 -1.39
N ARG C 272 13.04 -17.08 -0.20
CA ARG C 272 12.83 -18.53 -0.14
C ARG C 272 11.58 -18.90 -0.91
N PHE C 273 10.50 -18.14 -0.74
CA PHE C 273 9.26 -18.42 -1.44
C PHE C 273 9.48 -18.37 -2.94
N LEU C 274 10.15 -17.33 -3.41
CA LEU C 274 10.45 -17.20 -4.83
C LEU C 274 11.35 -18.32 -5.33
N ALA C 275 12.27 -18.81 -4.51
CA ALA C 275 13.09 -19.94 -4.93
C ALA C 275 12.27 -21.22 -5.02
N TYR C 276 11.28 -21.38 -4.14
CA TYR C 276 10.42 -22.58 -4.22
C TYR C 276 9.52 -22.52 -5.44
N GLU C 277 9.03 -21.32 -5.77
CA GLU C 277 8.29 -21.12 -7.00
C GLU C 277 9.16 -21.42 -8.21
N ALA C 278 10.46 -21.08 -8.13
CA ALA C 278 11.38 -21.41 -9.22
C ALA C 278 11.52 -22.93 -9.34
N LEU C 279 11.54 -23.63 -8.20
CA LEU C 279 11.58 -25.08 -8.21
C LEU C 279 10.33 -25.67 -8.85
N LEU C 280 9.15 -25.15 -8.49
CA LEU C 280 7.92 -25.66 -9.07
C LEU C 280 7.85 -25.35 -10.55
N GLU C 281 8.37 -24.18 -10.96
CA GLU C 281 8.27 -23.77 -12.35
C GLU C 281 9.22 -24.54 -13.25
N LYS C 282 10.47 -24.75 -12.83
CA LYS C 282 11.49 -25.35 -13.69
C LYS C 282 11.67 -26.84 -13.49
N TYR C 283 11.06 -27.44 -12.49
CA TYR C 283 11.17 -28.88 -12.24
C TYR C 283 9.78 -29.49 -12.04
N PRO C 284 8.93 -29.45 -13.09
CA PRO C 284 7.54 -29.91 -12.95
C PRO C 284 7.40 -31.38 -12.56
N GLN C 285 8.47 -32.18 -12.65
CA GLN C 285 8.43 -33.57 -12.20
C GLN C 285 8.17 -33.72 -10.71
N HIS C 286 8.32 -32.66 -9.92
CA HIS C 286 8.06 -32.74 -8.48
C HIS C 286 6.62 -32.38 -8.10
N HIS C 287 5.81 -31.88 -9.02
CA HIS C 287 4.44 -31.48 -8.71
C HIS C 287 3.65 -32.63 -8.07
N GLY C 288 2.92 -32.29 -7.01
CA GLY C 288 2.17 -33.31 -6.32
C GLY C 288 3.03 -34.23 -5.49
N LYS C 289 4.33 -34.02 -5.48
CA LYS C 289 5.18 -35.04 -4.91
C LYS C 289 6.13 -34.48 -3.87
N ILE C 290 6.07 -33.17 -3.60
CA ILE C 290 6.87 -32.45 -2.61
C ILE C 290 5.96 -31.42 -1.94
N ARG C 291 6.50 -30.82 -0.87
CA ARG C 291 5.83 -29.78 -0.11
C ARG C 291 6.87 -28.93 0.60
N TYR C 292 6.67 -27.61 0.60
CA TYR C 292 7.49 -26.70 1.38
C TYR C 292 6.65 -26.21 2.58
N THR C 293 7.18 -26.39 3.79
CA THR C 293 6.54 -25.99 5.01
C THR C 293 7.37 -24.89 5.62
N GLN C 294 6.75 -23.75 5.89
CA GLN C 294 7.44 -22.63 6.52
C GLN C 294 6.75 -22.36 7.83
N ILE C 295 7.44 -22.53 8.93
CA ILE C 295 6.87 -22.21 10.22
C ILE C 295 7.44 -20.89 10.68
N ALA C 296 6.55 -19.97 11.07
CA ALA C 296 6.97 -18.64 11.49
C ALA C 296 6.25 -18.25 12.78
N PRO C 297 6.91 -18.46 13.92
CA PRO C 297 6.34 -18.06 15.23
C PRO C 297 5.90 -16.59 15.28
N THR C 298 5.06 -16.27 16.26
CA THR C 298 4.64 -14.88 16.42
C THR C 298 5.30 -14.13 17.57
N SER C 299 5.60 -12.84 17.35
CA SER C 299 6.05 -11.94 18.41
C SER C 299 5.12 -10.74 18.50
N VAL C 303 6.17 -5.37 16.65
CA VAL C 303 7.25 -4.98 15.73
C VAL C 303 6.63 -4.65 14.37
N GLN C 304 6.88 -3.44 13.89
CA GLN C 304 6.33 -3.04 12.61
C GLN C 304 6.96 -3.82 11.46
N ALA C 305 8.28 -4.05 11.51
CA ALA C 305 8.91 -4.92 10.52
C ALA C 305 8.23 -6.29 10.49
N TYR C 306 8.02 -6.88 11.67
CA TYR C 306 7.42 -8.21 11.77
C TYR C 306 6.17 -8.33 10.90
N GLN C 307 5.31 -7.30 10.91
CA GLN C 307 4.02 -7.46 10.25
C GLN C 307 4.08 -7.16 8.75
N ASP C 308 4.93 -6.25 8.29
CA ASP C 308 5.07 -6.11 6.85
C ASP C 308 5.67 -7.36 6.21
N ILE C 309 6.59 -8.04 6.91
CA ILE C 309 7.13 -9.28 6.36
C ILE C 309 6.07 -10.37 6.37
N ARG C 310 5.30 -10.46 7.46
CA ARG C 310 4.25 -11.47 7.49
C ARG C 310 3.22 -11.22 6.40
N HIS C 311 2.89 -9.94 6.17
CA HIS C 311 1.93 -9.63 5.13
C HIS C 311 2.41 -10.14 3.76
N GLN C 312 3.71 -9.97 3.43
CA GLN C 312 4.17 -10.42 2.12
C GLN C 312 4.25 -11.91 2.03
N LEU C 313 4.53 -12.56 3.16
CA LEU C 313 4.57 -14.01 3.16
C LEU C 313 3.17 -14.59 2.99
N GLU C 314 2.19 -14.02 3.69
CA GLU C 314 0.80 -14.41 3.47
C GLU C 314 0.42 -14.22 2.01
N ASN C 315 0.79 -13.07 1.44
CA ASN C 315 0.46 -12.84 0.04
C ASN C 315 1.15 -13.84 -0.87
N GLU C 316 2.41 -14.14 -0.61
CA GLU C 316 3.15 -14.99 -1.52
C GLU C 316 2.79 -16.45 -1.33
N ALA C 317 2.38 -16.84 -0.12
CA ALA C 317 1.82 -18.17 0.08
C ALA C 317 0.55 -18.34 -0.75
N GLY C 318 -0.37 -17.37 -0.65
CA GLY C 318 -1.56 -17.42 -1.46
C GLY C 318 -1.27 -17.36 -2.96
N ARG C 319 -0.30 -16.55 -3.36
CA ARG C 319 -0.07 -16.42 -4.79
C ARG C 319 0.54 -17.69 -5.35
N ILE C 320 1.47 -18.31 -4.63
CA ILE C 320 2.15 -19.49 -5.16
C ILE C 320 1.20 -20.69 -5.19
N ASN C 321 0.47 -20.93 -4.08
CA ASN C 321 -0.54 -21.99 -4.04
C ASN C 321 -1.62 -21.77 -5.09
N GLY C 322 -2.07 -20.51 -5.25
CA GLY C 322 -3.08 -20.20 -6.26
C GLY C 322 -2.63 -20.53 -7.68
N LYS C 323 -1.33 -20.52 -7.94
CA LYS C 323 -0.82 -20.74 -9.28
C LYS C 323 -0.42 -22.20 -9.55
N TYR C 324 0.18 -22.88 -8.57
CA TYR C 324 0.67 -24.24 -8.77
C TYR C 324 -0.13 -25.27 -8.00
N GLY C 325 -1.03 -24.83 -7.13
CA GLY C 325 -1.85 -25.74 -6.36
C GLY C 325 -2.80 -26.53 -7.25
N GLN C 326 -3.25 -27.63 -6.70
CA GLN C 326 -4.23 -28.47 -7.35
C GLN C 326 -5.40 -28.67 -6.42
N LEU C 327 -6.47 -29.27 -6.94
CA LEU C 327 -7.59 -29.56 -6.05
C LEU C 327 -7.19 -30.50 -4.96
N GLY C 328 -6.13 -31.30 -5.16
CA GLY C 328 -5.68 -32.24 -4.17
C GLY C 328 -4.23 -32.19 -3.76
N TRP C 329 -3.55 -31.08 -4.05
CA TRP C 329 -2.15 -30.89 -3.71
C TRP C 329 -1.95 -29.40 -3.52
N THR C 330 -1.54 -29.00 -2.32
CA THR C 330 -1.15 -27.62 -2.07
C THR C 330 0.36 -27.56 -1.89
N PRO C 331 1.09 -26.82 -2.73
CA PRO C 331 2.57 -26.86 -2.68
C PRO C 331 3.19 -26.35 -1.39
N LEU C 332 2.59 -25.33 -0.79
CA LEU C 332 3.26 -24.55 0.24
C LEU C 332 2.37 -24.47 1.48
N TYR C 333 2.86 -25.02 2.60
CA TYR C 333 2.19 -24.91 3.90
C TYR C 333 2.91 -23.82 4.67
N TYR C 334 2.24 -22.69 4.89
CA TYR C 334 2.78 -21.57 5.67
C TYR C 334 2.03 -21.49 6.99
N LEU C 335 2.75 -21.57 8.10
CA LEU C 335 2.11 -21.59 9.40
C LEU C 335 2.68 -20.51 10.31
N ASN C 336 1.81 -19.62 10.74
CA ASN C 336 2.17 -18.59 11.71
C ASN C 336 1.67 -19.01 13.08
N GLN C 337 2.35 -20.02 13.60
CA GLN C 337 1.98 -20.62 14.86
C GLN C 337 3.22 -20.92 15.68
N HIS C 338 3.01 -21.08 16.97
CA HIS C 338 4.11 -21.41 17.83
C HIS C 338 4.05 -22.91 18.02
N PHE C 339 5.10 -23.59 17.60
CA PHE C 339 5.27 -25.01 17.77
C PHE C 339 6.26 -25.25 18.88
N ASP C 340 5.95 -26.19 19.75
CA ASP C 340 6.85 -26.47 20.85
C ASP C 340 8.17 -26.96 20.30
N ARG C 341 9.25 -26.58 20.98
CA ARG C 341 10.58 -26.75 20.39
C ARG C 341 10.95 -28.22 20.27
N LYS C 342 10.55 -29.04 21.23
CA LYS C 342 10.83 -30.45 21.06
C LYS C 342 10.04 -31.05 19.91
N LEU C 343 8.93 -30.45 19.52
CA LEU C 343 8.19 -30.93 18.36
C LEU C 343 8.86 -30.48 17.06
N LEU C 344 9.47 -29.29 17.07
CA LEU C 344 10.21 -28.85 15.91
C LEU C 344 11.37 -29.80 15.59
N MET C 345 12.06 -30.31 16.62
CA MET C 345 13.17 -31.22 16.38
C MET C 345 12.70 -32.48 15.65
N LYS C 346 11.51 -33.00 16.01
CA LYS C 346 10.98 -34.15 15.28
C LYS C 346 10.64 -33.80 13.84
N ILE C 347 10.06 -32.62 13.62
CA ILE C 347 9.77 -32.18 12.26
C ILE C 347 11.06 -32.06 11.45
N PHE C 348 12.13 -31.53 12.06
CA PHE C 348 13.45 -31.58 11.40
C PHE C 348 13.79 -33.01 10.98
N ARG C 349 13.60 -33.97 11.88
CA ARG C 349 14.08 -35.32 11.63
C ARG C 349 13.42 -35.94 10.43
N TYR C 350 12.12 -35.72 10.27
CA TYR C 350 11.40 -36.36 9.17
C TYR C 350 11.26 -35.46 7.95
N SER C 351 11.92 -34.34 7.94
CA SER C 351 11.99 -33.49 6.77
C SER C 351 13.16 -33.94 5.88
N ASP C 352 12.89 -34.11 4.60
CA ASP C 352 13.95 -34.58 3.72
C ASP C 352 14.96 -33.47 3.41
N VAL C 353 14.53 -32.21 3.45
CA VAL C 353 15.37 -31.05 3.12
C VAL C 353 15.11 -29.96 4.12
N GLY C 354 16.23 -29.43 4.75
CA GLY C 354 16.13 -28.26 5.58
C GLY C 354 16.69 -27.08 4.80
N LEU C 355 15.88 -26.04 4.68
CA LEU C 355 16.21 -24.87 3.87
C LEU C 355 16.51 -23.70 4.82
N VAL C 356 17.78 -23.29 4.89
CA VAL C 356 18.21 -22.22 5.78
C VAL C 356 19.02 -21.23 4.94
N THR C 357 18.34 -20.24 4.36
CA THR C 357 18.94 -19.32 3.39
C THR C 357 18.71 -17.85 3.73
N PRO C 358 19.21 -17.39 4.88
CA PRO C 358 19.12 -15.96 5.20
C PRO C 358 20.03 -15.12 4.31
N LEU C 359 19.71 -13.82 4.23
CA LEU C 359 20.55 -12.91 3.43
C LEU C 359 21.79 -12.47 4.19
N ARG C 360 21.72 -12.48 5.52
CA ARG C 360 22.83 -12.15 6.38
C ARG C 360 22.50 -12.68 7.76
N ASP C 361 23.41 -13.43 8.36
CA ASP C 361 23.11 -14.02 9.66
C ASP C 361 24.41 -14.19 10.44
N GLY C 362 24.39 -13.84 11.73
CA GLY C 362 25.60 -14.03 12.53
C GLY C 362 26.03 -15.48 12.58
N MET C 363 25.10 -16.34 12.96
CA MET C 363 25.22 -17.78 12.96
C MET C 363 23.79 -18.24 12.95
N ASN C 364 23.45 -19.09 12.02
CA ASN C 364 22.12 -19.62 12.05
C ASN C 364 22.16 -20.92 12.85
N LEU C 365 21.55 -20.94 14.03
CA LEU C 365 21.58 -22.16 14.81
C LEU C 365 20.57 -23.20 14.34
N VAL C 366 19.51 -22.77 13.66
CA VAL C 366 18.54 -23.70 13.07
C VAL C 366 19.27 -24.68 12.18
N ALA C 367 20.28 -24.20 11.45
CA ALA C 367 21.08 -25.05 10.59
C ALA C 367 21.72 -26.18 11.38
N LYS C 368 22.26 -25.86 12.56
CA LYS C 368 22.96 -26.89 13.32
C LYS C 368 21.97 -27.82 13.97
N GLU C 369 20.86 -27.27 14.46
CA GLU C 369 19.78 -28.09 15.01
C GLU C 369 19.28 -29.07 13.97
N TYR C 370 19.20 -28.62 12.72
CA TYR C 370 18.67 -29.44 11.65
C TYR C 370 19.54 -30.68 11.40
N VAL C 371 20.86 -30.52 11.34
CA VAL C 371 21.66 -31.71 11.09
C VAL C 371 21.75 -32.57 12.35
N ALA C 372 21.86 -31.96 13.52
CA ALA C 372 21.92 -32.74 14.76
C ALA C 372 20.63 -33.50 15.06
N ALA C 373 19.50 -33.08 14.48
CA ALA C 373 18.23 -33.76 14.72
C ALA C 373 18.04 -34.97 13.81
N GLN C 374 18.87 -35.11 12.78
CA GLN C 374 18.64 -36.14 11.80
C GLN C 374 18.96 -37.51 12.33
N ASP C 375 18.25 -38.51 11.81
CA ASP C 375 18.62 -39.91 11.98
C ASP C 375 19.91 -40.18 11.21
N PRO C 376 21.03 -40.52 11.88
CA PRO C 376 22.31 -40.72 11.18
C PRO C 376 22.24 -41.78 10.11
N ALA C 377 21.40 -42.80 10.28
CA ALA C 377 21.26 -43.82 9.25
C ALA C 377 20.39 -43.38 8.08
N ASN C 378 19.68 -42.25 8.19
CA ASN C 378 18.89 -41.78 7.07
C ASN C 378 18.64 -40.29 7.20
N PRO C 379 19.63 -39.45 6.94
CA PRO C 379 19.47 -38.02 7.21
C PRO C 379 18.96 -37.23 6.00
N GLY C 380 18.34 -36.10 6.32
CA GLY C 380 17.95 -35.16 5.29
C GLY C 380 19.12 -34.31 4.87
N VAL C 381 18.84 -33.42 3.94
CA VAL C 381 19.88 -32.59 3.35
C VAL C 381 19.67 -31.15 3.81
N LEU C 382 20.77 -30.49 4.14
CA LEU C 382 20.73 -29.09 4.54
C LEU C 382 21.13 -28.22 3.35
N VAL C 383 20.23 -27.33 2.91
CA VAL C 383 20.57 -26.32 1.92
C VAL C 383 20.75 -25.00 2.67
N LEU C 384 21.93 -24.40 2.53
CA LEU C 384 22.43 -23.33 3.42
C LEU C 384 22.95 -22.15 2.62
N SER C 385 22.57 -20.94 3.07
CA SER C 385 23.05 -19.70 2.49
C SER C 385 24.51 -19.45 2.81
N GLN C 386 25.25 -18.96 1.82
CA GLN C 386 26.65 -18.64 2.00
C GLN C 386 26.86 -17.42 2.89
N PHE C 387 25.82 -16.63 3.16
CA PHE C 387 25.92 -15.49 4.05
C PHE C 387 25.51 -15.81 5.48
N ALA C 388 25.15 -17.06 5.78
CA ALA C 388 25.00 -17.46 7.16
C ALA C 388 26.37 -17.77 7.71
N GLY C 389 26.66 -17.27 8.91
CA GLY C 389 27.93 -17.56 9.55
C GLY C 389 28.22 -19.06 9.64
N ALA C 390 27.16 -19.88 9.70
CA ALA C 390 27.30 -21.33 9.77
C ALA C 390 27.91 -21.93 8.50
N ALA C 391 27.82 -21.23 7.38
CA ALA C 391 28.39 -21.78 6.16
C ALA C 391 29.89 -21.93 6.26
N ASN C 392 30.54 -21.24 7.19
CA ASN C 392 31.99 -21.35 7.29
C ASN C 392 32.44 -22.63 7.93
N GLU C 393 31.61 -23.26 8.78
CA GLU C 393 32.00 -24.57 9.27
C GLU C 393 31.18 -25.72 8.69
N LEU C 394 29.97 -25.45 8.17
CA LEU C 394 29.13 -26.49 7.59
C LEU C 394 29.36 -26.61 6.07
N THR C 395 30.63 -26.81 5.71
CA THR C 395 31.02 -26.77 4.30
C THR C 395 30.43 -27.93 3.49
N SER C 396 30.03 -29.02 4.12
CA SER C 396 29.44 -30.11 3.36
C SER C 396 27.94 -29.97 3.21
N ALA C 397 27.36 -28.87 3.70
CA ALA C 397 26.01 -28.51 3.30
C ALA C 397 26.01 -28.12 1.82
N LEU C 398 24.80 -27.99 1.28
CA LEU C 398 24.62 -27.43 -0.05
C LEU C 398 24.59 -25.91 0.07
N ILE C 399 25.70 -25.26 -0.26
CA ILE C 399 25.84 -23.82 -0.10
C ILE C 399 25.29 -23.11 -1.34
N VAL C 400 24.47 -22.07 -1.10
CA VAL C 400 23.76 -21.35 -2.14
C VAL C 400 23.84 -19.85 -1.88
N ASN C 401 23.70 -19.09 -2.98
CA ASN C 401 23.52 -17.66 -2.96
C ASN C 401 22.03 -17.34 -3.09
N PRO C 402 21.35 -16.89 -2.05
CA PRO C 402 19.89 -16.64 -2.17
C PRO C 402 19.52 -15.56 -3.17
N TYR C 403 20.48 -14.77 -3.64
CA TYR C 403 20.10 -13.78 -4.66
C TYR C 403 19.91 -14.41 -6.05
N ASP C 404 20.32 -15.65 -6.24
CA ASP C 404 20.10 -16.40 -7.47
C ASP C 404 19.05 -17.48 -7.14
N ARG C 405 17.79 -17.18 -7.40
CA ARG C 405 16.74 -18.12 -7.03
C ARG C 405 16.85 -19.43 -7.82
N ASP C 406 17.32 -19.38 -9.06
CA ASP C 406 17.46 -20.62 -9.81
C ASP C 406 18.56 -21.49 -9.23
N GLU C 407 19.57 -20.88 -8.60
CA GLU C 407 20.62 -21.66 -7.94
C GLU C 407 20.07 -22.34 -6.67
N VAL C 408 19.21 -21.64 -5.93
CA VAL C 408 18.55 -22.23 -4.75
C VAL C 408 17.63 -23.36 -5.18
N ALA C 409 16.80 -23.11 -6.21
CA ALA C 409 15.91 -24.14 -6.72
C ALA C 409 16.70 -25.35 -7.20
N ALA C 410 17.83 -25.14 -7.87
CA ALA C 410 18.62 -26.28 -8.33
C ALA C 410 19.20 -27.08 -7.16
N ALA C 411 19.52 -26.42 -6.05
CA ALA C 411 20.02 -27.13 -4.88
C ALA C 411 18.89 -27.89 -4.16
N LEU C 412 17.69 -27.34 -4.16
CA LEU C 412 16.56 -28.07 -3.63
C LEU C 412 16.33 -29.34 -4.43
N ASP C 413 16.36 -29.23 -5.77
CA ASP C 413 16.20 -30.41 -6.61
C ASP C 413 17.29 -31.43 -6.36
N ARG C 414 18.53 -30.96 -6.27
CA ARG C 414 19.65 -31.83 -5.94
C ARG C 414 19.44 -32.49 -4.57
N ALA C 415 18.85 -31.76 -3.60
CA ALA C 415 18.62 -32.29 -2.26
C ALA C 415 17.51 -33.34 -2.25
N LEU C 416 16.46 -33.12 -3.03
CA LEU C 416 15.33 -34.04 -3.06
C LEU C 416 15.68 -35.38 -3.70
N THR C 417 16.72 -35.43 -4.53
CA THR C 417 17.10 -36.62 -5.28
C THR C 417 18.43 -37.19 -4.81
N MET C 418 18.98 -36.70 -3.71
CA MET C 418 20.31 -37.14 -3.31
C MET C 418 20.30 -38.57 -2.79
N SER C 419 21.30 -39.35 -3.21
CA SER C 419 21.40 -40.73 -2.77
C SER C 419 21.66 -40.80 -1.26
N LEU C 420 21.31 -41.95 -0.68
CA LEU C 420 21.48 -42.13 0.75
C LEU C 420 22.95 -42.13 1.14
N ALA C 421 23.80 -42.71 0.29
CA ALA C 421 25.23 -42.73 0.59
C ALA C 421 25.78 -41.32 0.73
N GLU C 422 25.44 -40.42 -0.21
CA GLU C 422 25.94 -39.05 -0.15
C GLU C 422 25.26 -38.25 0.97
N ARG C 423 23.98 -38.48 1.22
CA ARG C 423 23.34 -37.79 2.33
C ARG C 423 24.03 -38.15 3.64
N ILE C 424 24.34 -39.44 3.83
CA ILE C 424 25.07 -39.86 5.03
C ILE C 424 26.45 -39.23 5.07
N SER C 425 27.12 -39.17 3.92
CA SER C 425 28.45 -38.59 3.91
C SER C 425 28.40 -37.12 4.31
N ARG C 426 27.50 -36.35 3.71
CA ARG C 426 27.44 -34.93 4.07
C ARG C 426 26.97 -34.76 5.50
N HIS C 427 25.99 -35.53 5.93
CA HIS C 427 25.51 -35.34 7.29
C HIS C 427 26.59 -35.71 8.31
N ALA C 428 27.29 -36.81 8.10
CA ALA C 428 28.29 -37.23 9.09
C ALA C 428 29.38 -36.19 9.22
N GLU C 429 29.75 -35.57 8.11
CA GLU C 429 30.84 -34.60 8.17
C GLU C 429 30.36 -33.29 8.82
N MET C 430 29.11 -32.89 8.59
CA MET C 430 28.56 -31.75 9.33
C MET C 430 28.35 -32.07 10.79
N LEU C 431 27.90 -33.30 11.11
CA LEU C 431 27.66 -33.66 12.51
C LEU C 431 28.96 -33.62 13.29
N ASP C 432 30.06 -34.07 12.70
CA ASP C 432 31.33 -34.03 13.41
C ASP C 432 31.75 -32.60 13.77
N VAL C 433 31.63 -31.66 12.82
CA VAL C 433 31.94 -30.26 13.08
C VAL C 433 31.14 -29.74 14.27
N ILE C 434 29.85 -30.00 14.29
CA ILE C 434 28.96 -29.52 15.35
C ILE C 434 29.22 -30.23 16.66
N VAL C 435 29.66 -31.50 16.63
CA VAL C 435 29.93 -32.22 17.87
C VAL C 435 31.22 -31.70 18.51
N LYS C 436 32.26 -31.45 17.70
CA LYS C 436 33.50 -30.90 18.23
C LYS C 436 33.30 -29.48 18.76
N ASN C 437 32.54 -28.64 18.04
CA ASN C 437 32.37 -27.25 18.46
C ASN C 437 30.96 -27.03 18.97
N ASP C 438 30.68 -27.62 20.11
CA ASP C 438 29.34 -27.51 20.69
C ASP C 438 29.29 -26.30 21.63
N ILE C 439 28.09 -26.03 22.18
CA ILE C 439 27.88 -24.84 23.02
C ILE C 439 28.77 -24.88 24.23
N ASN C 440 29.07 -26.09 24.73
CA ASN C 440 29.89 -26.15 25.94
C ASN C 440 31.35 -25.82 25.62
N HIS C 441 31.87 -26.35 24.52
CA HIS C 441 33.20 -25.97 24.09
C HIS C 441 33.30 -24.46 23.87
N TRP C 442 32.25 -23.84 23.32
CA TRP C 442 32.22 -22.40 23.03
C TRP C 442 32.40 -21.56 24.29
N GLN C 443 31.63 -21.89 25.31
CA GLN C 443 31.68 -21.18 26.56
C GLN C 443 33.00 -21.41 27.29
N GLU C 444 33.57 -22.62 27.16
CA GLU C 444 34.86 -22.88 27.81
C GLU C 444 35.97 -22.08 27.15
N CYS C 445 36.01 -22.04 25.82
CA CYS C 445 37.03 -21.28 25.13
C CYS C 445 36.98 -19.80 25.52
N PHE C 446 35.79 -19.22 25.58
CA PHE C 446 35.66 -17.80 25.88
C PHE C 446 36.01 -17.51 27.34
N ILE C 447 35.50 -18.30 28.27
CA ILE C 447 35.83 -18.09 29.67
C ILE C 447 37.34 -18.31 29.89
N SER C 448 37.92 -19.30 29.22
CA SER C 448 39.33 -19.57 29.39
C SER C 448 40.20 -18.42 28.87
N ASP C 449 39.80 -17.78 27.77
CA ASP C 449 40.51 -16.60 27.27
C ASP C 449 40.24 -15.37 28.14
N LEU C 450 39.04 -15.28 28.70
CA LEU C 450 38.69 -14.13 29.53
C LEU C 450 39.49 -14.10 30.84
N LYS C 451 39.67 -15.26 31.48
CA LYS C 451 40.43 -15.39 32.72
C LYS C 451 41.92 -15.68 32.49
N GLN C 452 42.41 -15.50 31.27
CA GLN C 452 43.72 -16.03 30.91
C GLN C 452 44.88 -15.34 31.64
N ILE C 453 45.82 -16.16 32.09
CA ILE C 453 47.08 -15.69 32.67
C ILE C 453 48.25 -15.87 31.71
N VAL C 454 48.52 -17.12 31.30
CA VAL C 454 49.61 -17.44 30.37
C VAL C 454 49.12 -17.33 28.93
N PRO C 455 49.84 -16.67 28.02
CA PRO C 455 49.38 -16.58 26.62
C PRO C 455 49.53 -17.88 25.81
N SER D 1 -40.42 -11.04 -38.46
CA SER D 1 -40.28 -12.48 -38.22
C SER D 1 -38.83 -12.84 -37.92
N ARG D 2 -37.91 -12.35 -38.75
CA ARG D 2 -36.48 -12.63 -38.56
C ARG D 2 -35.93 -11.85 -37.37
N LEU D 3 -34.98 -12.46 -36.66
CA LEU D 3 -34.51 -11.93 -35.38
C LEU D 3 -33.07 -11.47 -35.50
N VAL D 4 -32.81 -10.25 -35.06
CA VAL D 4 -31.46 -9.71 -35.02
C VAL D 4 -31.06 -9.52 -33.55
N VAL D 5 -29.98 -10.17 -33.14
CA VAL D 5 -29.49 -10.11 -31.76
C VAL D 5 -28.19 -9.33 -31.75
N VAL D 6 -28.12 -8.31 -30.90
CA VAL D 6 -26.93 -7.50 -30.71
C VAL D 6 -26.49 -7.68 -29.27
N SER D 7 -25.27 -8.15 -29.09
CA SER D 7 -24.71 -8.25 -27.77
C SER D 7 -23.24 -7.88 -27.87
N ASN D 8 -22.66 -7.56 -26.72
CA ASN D 8 -21.33 -6.99 -26.71
C ASN D 8 -20.35 -7.87 -27.46
N ARG D 9 -20.49 -9.17 -27.31
CA ARG D 9 -19.57 -10.08 -27.93
C ARG D 9 -20.34 -11.32 -28.34
N ILE D 10 -20.23 -11.62 -29.60
CA ILE D 10 -20.59 -12.89 -30.19
C ILE D 10 -19.62 -14.00 -29.82
N ALA D 11 -20.13 -15.22 -29.97
CA ALA D 11 -19.31 -16.46 -29.77
C ALA D 11 -18.82 -17.11 -31.08
N PRO D 12 -17.56 -17.48 -31.19
CA PRO D 12 -17.11 -18.15 -32.24
C PRO D 12 -17.96 -19.39 -32.54
N PRO D 13 -18.34 -19.53 -33.78
CA PRO D 13 -19.04 -20.82 -34.08
C PRO D 13 -18.23 -21.76 -34.92
N SER D 19 -23.80 -26.30 -23.84
CA SER D 19 -22.54 -26.91 -23.43
C SER D 19 -21.47 -25.93 -22.93
N ALA D 20 -21.64 -24.64 -23.26
CA ALA D 20 -20.62 -23.65 -22.99
C ALA D 20 -21.06 -22.49 -22.10
N GLY D 21 -22.36 -22.26 -21.91
CA GLY D 21 -22.76 -21.07 -21.18
C GLY D 21 -24.26 -20.96 -21.11
N GLY D 22 -24.72 -19.83 -20.58
CA GLY D 22 -26.14 -19.61 -20.40
C GLY D 22 -26.76 -18.74 -21.46
N LEU D 23 -26.31 -17.48 -21.59
CA LEU D 23 -27.01 -16.57 -22.48
C LEU D 23 -26.79 -16.94 -23.96
N ALA D 24 -25.66 -17.56 -24.29
CA ALA D 24 -25.45 -18.04 -25.67
C ALA D 24 -26.49 -19.09 -26.07
N VAL D 25 -26.88 -19.96 -25.13
CA VAL D 25 -27.88 -20.98 -25.46
C VAL D 25 -29.24 -20.31 -25.71
N GLY D 26 -29.58 -19.30 -24.92
CA GLY D 26 -30.85 -18.61 -25.11
C GLY D 26 -30.86 -17.80 -26.39
N ILE D 27 -29.74 -17.11 -26.68
CA ILE D 27 -29.64 -16.38 -27.93
C ILE D 27 -29.69 -17.35 -29.10
N LEU D 28 -29.01 -18.51 -28.97
CA LEU D 28 -29.02 -19.44 -30.08
C LEU D 28 -30.36 -20.13 -30.21
N GLY D 29 -31.04 -20.37 -29.11
CA GLY D 29 -32.40 -20.87 -29.18
C GLY D 29 -33.31 -19.89 -29.86
N ALA D 30 -33.16 -18.60 -29.55
CA ALA D 30 -34.00 -17.61 -30.19
C ALA D 30 -33.72 -17.53 -31.69
N LEU D 31 -32.46 -17.52 -32.07
CA LEU D 31 -32.11 -17.33 -33.48
C LEU D 31 -32.58 -18.52 -34.32
N LYS D 32 -32.34 -19.76 -33.86
CA LYS D 32 -32.73 -20.89 -34.72
C LYS D 32 -34.24 -20.99 -34.87
N ALA D 33 -34.99 -20.59 -33.84
CA ALA D 33 -36.45 -20.73 -33.86
C ALA D 33 -37.09 -19.96 -35.02
N ALA D 34 -36.54 -18.79 -35.38
CA ALA D 34 -37.08 -18.04 -36.50
C ALA D 34 -36.02 -17.51 -37.46
N GLY D 35 -34.76 -17.92 -37.29
CA GLY D 35 -33.68 -17.45 -38.13
C GLY D 35 -33.28 -16.03 -37.84
N GLY D 36 -32.05 -15.68 -38.19
CA GLY D 36 -31.69 -14.29 -38.09
C GLY D 36 -30.19 -14.11 -38.01
N LEU D 37 -29.80 -13.00 -37.37
CA LEU D 37 -28.45 -12.48 -37.40
C LEU D 37 -27.99 -12.22 -35.97
N TRP D 38 -26.75 -12.60 -35.66
CA TRP D 38 -26.12 -12.27 -34.41
C TRP D 38 -24.97 -11.32 -34.65
N PHE D 39 -25.03 -10.15 -34.03
CA PHE D 39 -24.15 -9.04 -34.32
C PHE D 39 -23.45 -8.64 -33.03
N GLY D 40 -22.13 -8.59 -33.10
CA GLY D 40 -21.37 -8.23 -31.92
C GLY D 40 -19.91 -8.16 -32.26
N TRP D 41 -19.17 -7.59 -31.32
CA TRP D 41 -17.74 -7.35 -31.46
C TRP D 41 -16.93 -8.63 -31.27
N SER D 42 -15.80 -8.70 -31.98
CA SER D 42 -15.01 -9.94 -32.06
C SER D 42 -14.07 -10.13 -30.89
N GLY D 43 -13.85 -9.11 -30.07
CA GLY D 43 -12.94 -9.22 -28.97
C GLY D 43 -11.57 -8.74 -29.31
N GLU D 44 -11.28 -8.62 -30.61
CA GLU D 44 -9.95 -8.29 -31.10
C GLU D 44 -9.77 -6.79 -31.28
N THR D 45 -8.57 -6.33 -31.00
CA THR D 45 -8.26 -4.93 -31.22
C THR D 45 -7.60 -4.74 -32.59
N GLY D 46 -7.73 -3.52 -33.08
CA GLY D 46 -7.04 -3.11 -34.27
C GLY D 46 -7.79 -3.56 -35.49
N ASN D 47 -7.38 -3.03 -36.65
CA ASN D 47 -7.95 -3.46 -37.93
C ASN D 47 -9.44 -3.12 -37.99
N GLU D 48 -9.76 -1.87 -37.69
CA GLU D 48 -11.15 -1.45 -37.54
C GLU D 48 -11.88 -1.24 -38.86
N ASP D 49 -11.14 -1.06 -39.96
CA ASP D 49 -11.73 -0.59 -41.22
C ASP D 49 -12.11 -1.69 -42.21
N GLN D 50 -11.77 -2.95 -41.93
CA GLN D 50 -12.18 -4.06 -42.81
C GLN D 50 -13.68 -4.27 -42.71
N PRO D 51 -14.27 -5.01 -43.65
CA PRO D 51 -15.71 -5.27 -43.58
C PRO D 51 -15.99 -6.19 -42.40
N LEU D 52 -17.25 -6.23 -41.96
CA LEU D 52 -17.53 -7.29 -41.00
C LEU D 52 -17.31 -8.67 -41.58
N LYS D 53 -16.68 -9.48 -40.73
CA LYS D 53 -16.60 -10.92 -40.84
C LYS D 53 -18.00 -11.49 -40.62
N LYS D 54 -18.62 -11.98 -41.68
CA LYS D 54 -19.87 -12.72 -41.58
C LYS D 54 -19.61 -14.18 -41.91
N VAL D 55 -19.98 -15.07 -40.98
CA VAL D 55 -20.02 -16.51 -41.19
C VAL D 55 -21.46 -16.98 -40.99
N LYS D 56 -21.94 -17.81 -41.92
CA LYS D 56 -23.33 -18.27 -41.97
C LYS D 56 -23.41 -19.79 -41.78
N LYS D 57 -24.45 -20.22 -41.08
CA LYS D 57 -24.73 -21.62 -40.77
C LYS D 57 -26.22 -21.85 -40.80
N GLY D 58 -26.75 -22.43 -41.85
CA GLY D 58 -28.16 -22.73 -41.90
C GLY D 58 -29.01 -21.49 -41.80
N ASN D 59 -29.61 -21.35 -40.64
CA ASN D 59 -30.59 -20.31 -40.35
C ASN D 59 -29.98 -19.02 -39.79
N ILE D 60 -28.71 -19.02 -39.41
CA ILE D 60 -28.15 -17.92 -38.65
C ILE D 60 -26.89 -17.41 -39.32
N THR D 61 -26.65 -16.11 -39.14
CA THR D 61 -25.44 -15.44 -39.62
C THR D 61 -24.78 -14.80 -38.40
N TRP D 62 -23.48 -15.00 -38.28
CA TRP D 62 -22.68 -14.31 -37.28
C TRP D 62 -21.92 -13.19 -37.98
N ALA D 63 -22.02 -11.96 -37.46
CA ALA D 63 -21.34 -10.79 -38.03
C ALA D 63 -20.49 -10.13 -36.95
N SER D 64 -19.20 -9.94 -37.26
CA SER D 64 -18.29 -9.48 -36.22
C SER D 64 -17.42 -8.30 -36.71
N PHE D 65 -16.95 -7.50 -35.76
CA PHE D 65 -16.15 -6.31 -36.06
C PHE D 65 -15.10 -6.15 -34.96
N ASN D 66 -14.15 -5.26 -35.23
CA ASN D 66 -13.12 -4.87 -34.27
C ASN D 66 -13.22 -3.40 -33.93
N LEU D 67 -12.47 -2.97 -32.92
CA LEU D 67 -12.49 -1.57 -32.47
C LEU D 67 -11.08 -1.06 -32.23
N SER D 68 -10.93 0.26 -32.27
CA SER D 68 -9.63 0.81 -31.95
C SER D 68 -9.43 0.76 -30.43
N GLU D 69 -8.16 0.79 -30.01
CA GLU D 69 -7.88 0.73 -28.59
C GLU D 69 -8.35 1.96 -27.85
N GLN D 70 -8.43 3.10 -28.51
CA GLN D 70 -9.01 4.21 -27.76
C GLN D 70 -10.52 4.02 -27.62
N ASP D 71 -11.19 3.44 -28.63
CA ASP D 71 -12.62 3.19 -28.49
C ASP D 71 -12.89 2.15 -27.40
N LEU D 72 -12.08 1.10 -27.34
CA LEU D 72 -12.26 0.13 -26.25
C LEU D 72 -11.93 0.67 -24.89
N ASP D 73 -10.93 1.53 -24.77
CA ASP D 73 -10.64 1.93 -23.42
C ASP D 73 -11.69 2.92 -22.90
N GLU D 74 -12.22 3.80 -23.78
CA GLU D 74 -13.24 4.76 -23.38
C GLU D 74 -14.64 4.13 -23.26
N TYR D 75 -15.02 3.32 -24.25
CA TYR D 75 -16.38 2.78 -24.27
C TYR D 75 -16.55 1.66 -23.25
N TYR D 76 -15.64 0.67 -23.27
CA TYR D 76 -15.77 -0.57 -22.54
C TYR D 76 -14.94 -0.59 -21.26
N ASN D 77 -13.65 -0.22 -21.32
CA ASN D 77 -12.86 -0.16 -20.09
C ASN D 77 -13.32 0.97 -19.19
N GLN D 78 -13.66 2.13 -19.77
CA GLN D 78 -14.04 3.24 -18.91
C GLN D 78 -15.54 3.38 -18.71
N PHE D 79 -16.34 3.83 -19.70
CA PHE D 79 -17.69 4.18 -19.29
C PHE D 79 -18.50 2.96 -18.87
N SER D 80 -18.46 1.88 -19.68
CA SER D 80 -19.25 0.70 -19.34
C SER D 80 -18.82 0.10 -18.00
N ASN D 81 -17.51 -0.10 -17.81
CA ASN D 81 -17.05 -0.89 -16.67
C ASN D 81 -16.52 -0.06 -15.52
N ALA D 82 -16.30 1.23 -15.71
CA ALA D 82 -15.88 2.11 -14.63
C ALA D 82 -16.95 3.14 -14.26
N VAL D 83 -18.08 3.17 -14.96
CA VAL D 83 -19.19 4.03 -14.54
C VAL D 83 -20.43 3.20 -14.31
N LEU D 84 -20.93 2.56 -15.37
CA LEU D 84 -22.22 1.87 -15.31
C LEU D 84 -22.17 0.65 -14.39
N TRP D 85 -21.18 -0.22 -14.60
CA TRP D 85 -21.15 -1.43 -13.79
C TRP D 85 -21.13 -1.09 -12.32
N PRO D 86 -20.20 -0.24 -11.81
CA PRO D 86 -20.16 0.00 -10.36
C PRO D 86 -21.40 0.72 -9.85
N ALA D 87 -21.92 1.66 -10.64
CA ALA D 87 -23.10 2.42 -10.21
C ALA D 87 -24.31 1.49 -10.07
N PHE D 88 -24.49 0.56 -11.02
CA PHE D 88 -25.64 -0.33 -11.00
C PHE D 88 -25.51 -1.42 -9.95
N HIS D 89 -24.30 -1.68 -9.48
CA HIS D 89 -24.06 -2.53 -8.34
C HIS D 89 -23.87 -1.70 -7.04
N TYR D 90 -24.42 -0.49 -6.99
CA TYR D 90 -24.49 0.29 -5.76
C TYR D 90 -23.11 0.59 -5.18
N ARG D 91 -22.15 0.94 -6.04
CA ARG D 91 -20.80 1.28 -5.59
C ARG D 91 -20.47 2.64 -6.23
N LEU D 92 -21.12 3.70 -5.73
CA LEU D 92 -20.81 5.04 -6.21
C LEU D 92 -19.38 5.43 -5.92
N ASP D 93 -18.74 4.85 -4.91
CA ASP D 93 -17.35 5.14 -4.58
C ASP D 93 -16.36 4.60 -5.63
N LEU D 94 -16.78 3.68 -6.50
CA LEU D 94 -15.90 3.18 -7.54
C LEU D 94 -16.13 3.82 -8.90
N VAL D 95 -17.12 4.71 -9.00
CA VAL D 95 -17.42 5.37 -10.26
C VAL D 95 -16.33 6.37 -10.60
N GLN D 96 -15.80 6.27 -11.81
CA GLN D 96 -14.78 7.19 -12.31
C GLN D 96 -15.35 7.79 -13.58
N PHE D 97 -16.19 8.78 -13.41
CA PHE D 97 -16.79 9.46 -14.53
C PHE D 97 -15.89 10.59 -15.01
N GLN D 98 -15.65 10.62 -16.31
CA GLN D 98 -15.05 11.72 -17.02
C GLN D 98 -15.74 11.87 -18.35
N ARG D 99 -15.94 13.11 -18.81
CA ARG D 99 -16.73 13.30 -20.01
C ARG D 99 -16.14 12.65 -21.27
N PRO D 100 -14.82 12.55 -21.47
CA PRO D 100 -14.34 11.83 -22.66
C PRO D 100 -14.82 10.40 -22.72
N ALA D 101 -14.95 9.72 -21.56
CA ALA D 101 -15.45 8.35 -21.59
C ALA D 101 -16.91 8.30 -22.04
N TRP D 102 -17.73 9.21 -21.52
CA TRP D 102 -19.13 9.27 -21.96
C TRP D 102 -19.21 9.49 -23.46
N ASP D 103 -18.42 10.41 -23.99
CA ASP D 103 -18.45 10.68 -25.42
C ASP D 103 -18.01 9.48 -26.24
N GLY D 104 -17.00 8.74 -25.79
CA GLY D 104 -16.61 7.52 -26.51
C GLY D 104 -17.68 6.44 -26.42
N TYR D 105 -18.34 6.34 -25.27
CA TYR D 105 -19.48 5.43 -25.14
C TYR D 105 -20.56 5.76 -26.17
N LEU D 106 -20.87 7.05 -26.34
CA LEU D 106 -21.88 7.44 -27.34
C LEU D 106 -21.37 7.17 -28.75
N ARG D 107 -20.08 7.38 -28.99
CA ARG D 107 -19.52 7.20 -30.32
C ARG D 107 -19.45 5.72 -30.73
N VAL D 108 -19.05 4.81 -29.85
CA VAL D 108 -19.01 3.40 -30.21
C VAL D 108 -20.42 2.86 -30.45
N ASN D 109 -21.38 3.29 -29.64
CA ASN D 109 -22.76 2.85 -29.84
C ASN D 109 -23.29 3.31 -31.20
N ALA D 110 -23.04 4.57 -31.58
CA ALA D 110 -23.38 5.06 -32.92
C ALA D 110 -22.57 4.35 -34.00
N LEU D 111 -21.33 4.02 -33.71
CA LEU D 111 -20.51 3.37 -34.72
C LEU D 111 -21.01 1.96 -35.02
N LEU D 112 -21.52 1.23 -34.04
CA LEU D 112 -22.04 -0.06 -34.41
C LEU D 112 -23.46 0.04 -34.91
N ALA D 113 -24.19 1.09 -34.55
CA ALA D 113 -25.50 1.32 -35.17
C ALA D 113 -25.35 1.51 -36.67
N ASP D 114 -24.28 2.20 -37.09
CA ASP D 114 -24.03 2.37 -38.53
C ASP D 114 -23.56 1.08 -39.19
N LYS D 115 -22.74 0.28 -38.50
CA LYS D 115 -22.29 -0.99 -39.06
C LYS D 115 -23.47 -1.94 -39.25
N LEU D 116 -24.46 -1.86 -38.36
CA LEU D 116 -25.57 -2.79 -38.40
C LEU D 116 -26.64 -2.38 -39.40
N LEU D 117 -26.79 -1.08 -39.63
CA LEU D 117 -27.89 -0.54 -40.44
C LEU D 117 -28.04 -1.20 -41.81
N PRO D 118 -26.99 -1.37 -42.62
CA PRO D 118 -27.19 -2.04 -43.91
C PRO D 118 -27.74 -3.44 -43.79
N LEU D 119 -27.49 -4.12 -42.68
CA LEU D 119 -27.91 -5.51 -42.55
C LEU D 119 -29.39 -5.66 -42.16
N LEU D 120 -30.09 -4.58 -41.80
CA LEU D 120 -31.43 -4.72 -41.25
C LEU D 120 -32.49 -4.81 -42.36
N GLN D 121 -33.60 -5.47 -42.01
CA GLN D 121 -34.78 -5.62 -42.85
C GLN D 121 -36.00 -5.13 -42.09
N ASP D 122 -37.07 -4.83 -42.82
CA ASP D 122 -38.21 -4.10 -42.26
C ASP D 122 -38.97 -4.91 -41.21
N ASP D 123 -39.07 -6.21 -41.40
CA ASP D 123 -39.76 -7.11 -40.50
C ASP D 123 -38.87 -7.63 -39.38
N ASP D 124 -37.61 -7.18 -39.30
CA ASP D 124 -36.76 -7.64 -38.22
C ASP D 124 -37.32 -7.19 -36.88
N ILE D 125 -37.24 -8.07 -35.91
CA ILE D 125 -37.27 -7.72 -34.49
C ILE D 125 -35.83 -7.73 -34.00
N ILE D 126 -35.47 -6.73 -33.19
CA ILE D 126 -34.08 -6.53 -32.77
C ILE D 126 -34.00 -6.69 -31.25
N TRP D 127 -33.01 -7.45 -30.79
CA TRP D 127 -32.81 -7.77 -29.38
C TRP D 127 -31.41 -7.30 -28.94
N ILE D 128 -31.38 -6.30 -28.06
CA ILE D 128 -30.15 -5.69 -27.56
C ILE D 128 -29.90 -6.16 -26.13
N HIS D 129 -28.66 -6.51 -25.83
CA HIS D 129 -28.44 -7.12 -24.52
C HIS D 129 -27.88 -6.17 -23.47
N ASP D 130 -26.63 -6.22 -23.08
CA ASP D 130 -26.44 -5.71 -21.72
C ASP D 130 -26.28 -4.17 -21.68
N TYR D 131 -25.74 -3.64 -20.59
CA TYR D 131 -25.55 -2.21 -20.35
C TYR D 131 -24.53 -1.54 -21.27
N HIS D 132 -23.69 -2.30 -21.99
CA HIS D 132 -22.80 -1.62 -22.92
C HIS D 132 -23.57 -0.92 -24.03
N LEU D 133 -24.87 -1.23 -24.21
CA LEU D 133 -25.63 -0.80 -25.37
C LEU D 133 -26.94 -0.12 -24.98
N LEU D 134 -27.00 0.52 -23.81
CA LEU D 134 -28.16 1.35 -23.47
C LEU D 134 -28.51 2.35 -24.57
N PRO D 135 -27.58 3.09 -25.18
CA PRO D 135 -27.96 4.08 -26.21
C PRO D 135 -28.23 3.50 -27.59
N PHE D 136 -28.20 2.18 -27.80
CA PHE D 136 -28.23 1.64 -29.16
C PHE D 136 -29.58 1.86 -29.84
N ALA D 137 -30.70 1.61 -29.12
CA ALA D 137 -32.00 1.85 -29.74
C ALA D 137 -32.12 3.26 -30.23
N HIS D 138 -31.74 4.23 -29.38
CA HIS D 138 -31.72 5.64 -29.74
C HIS D 138 -30.88 5.91 -31.00
N GLU D 139 -29.72 5.28 -31.12
CA GLU D 139 -28.95 5.45 -32.34
C GLU D 139 -29.67 4.87 -33.56
N LEU D 140 -30.46 3.81 -33.40
CA LEU D 140 -31.18 3.24 -34.53
C LEU D 140 -32.37 4.12 -34.93
N ARG D 141 -33.06 4.71 -33.95
CA ARG D 141 -34.17 5.61 -34.26
C ARG D 141 -33.70 6.86 -35.02
N LYS D 142 -32.51 7.37 -34.67
CA LYS D 142 -31.99 8.52 -35.41
C LYS D 142 -31.76 8.17 -36.87
N ARG D 143 -31.46 6.91 -37.16
CA ARG D 143 -31.29 6.41 -38.51
C ARG D 143 -32.59 5.84 -39.10
N GLY D 144 -33.73 6.14 -38.50
CA GLY D 144 -34.99 5.76 -39.07
C GLY D 144 -35.43 4.33 -38.85
N VAL D 145 -34.80 3.58 -37.97
CA VAL D 145 -35.20 2.21 -37.72
C VAL D 145 -36.50 2.20 -36.90
N ASN D 146 -37.58 1.71 -37.52
CA ASN D 146 -38.90 1.65 -36.89
C ASN D 146 -39.25 0.24 -36.36
N ASN D 147 -38.30 -0.69 -36.44
CA ASN D 147 -38.56 -2.04 -35.99
C ASN D 147 -38.80 -2.07 -34.48
N ARG D 148 -39.45 -3.16 -34.05
CA ARG D 148 -39.61 -3.44 -32.64
C ARG D 148 -38.24 -3.77 -32.07
N ILE D 149 -37.81 -3.00 -31.08
CA ILE D 149 -36.50 -3.20 -30.45
C ILE D 149 -36.70 -3.45 -28.97
N GLY D 150 -36.09 -4.54 -28.49
CA GLY D 150 -36.13 -4.93 -27.11
C GLY D 150 -34.74 -4.82 -26.49
N PHE D 151 -34.72 -4.57 -25.18
CA PHE D 151 -33.50 -4.50 -24.39
C PHE D 151 -33.60 -5.47 -23.22
N PHE D 152 -32.52 -6.17 -22.91
CA PHE D 152 -32.48 -6.93 -21.67
C PHE D 152 -31.27 -6.54 -20.85
N LEU D 153 -31.51 -6.13 -19.60
CA LEU D 153 -30.44 -5.77 -18.68
C LEU D 153 -30.11 -6.97 -17.80
N HIS D 154 -28.88 -7.44 -17.87
CA HIS D 154 -28.45 -8.61 -17.12
C HIS D 154 -28.01 -8.27 -15.70
N ILE D 155 -27.71 -7.01 -15.40
CA ILE D 155 -27.22 -6.60 -14.10
C ILE D 155 -28.33 -5.86 -13.35
N PRO D 156 -28.15 -5.46 -12.08
CA PRO D 156 -29.22 -4.76 -11.37
C PRO D 156 -29.47 -3.40 -11.99
N PHE D 157 -30.66 -2.87 -11.72
CA PHE D 157 -30.92 -1.46 -11.99
C PHE D 157 -30.98 -0.71 -10.66
N PRO D 158 -30.14 0.30 -10.45
CA PRO D 158 -30.08 0.95 -9.13
C PRO D 158 -31.25 1.90 -8.90
N THR D 159 -31.58 2.04 -7.63
CA THR D 159 -32.63 2.95 -7.15
C THR D 159 -32.26 4.44 -7.38
N PRO D 160 -33.25 5.36 -7.39
CA PRO D 160 -32.95 6.78 -7.73
C PRO D 160 -31.81 7.46 -6.96
N GLU D 161 -31.66 7.21 -5.65
CA GLU D 161 -30.60 7.90 -4.90
C GLU D 161 -29.20 7.47 -5.35
N ILE D 162 -29.09 6.31 -5.97
CA ILE D 162 -27.81 5.89 -6.56
C ILE D 162 -27.74 6.27 -8.02
N PHE D 163 -28.81 5.99 -8.77
CA PHE D 163 -28.80 6.23 -10.21
C PHE D 163 -28.70 7.72 -10.53
N ASN D 164 -29.39 8.57 -9.76
CA ASN D 164 -29.41 9.98 -10.09
C ASN D 164 -28.10 10.67 -9.78
N ALA D 165 -27.16 10.01 -9.09
CA ALA D 165 -25.83 10.57 -8.94
C ALA D 165 -25.03 10.52 -10.22
N LEU D 166 -25.44 9.71 -11.19
CA LEU D 166 -24.73 9.65 -12.45
C LEU D 166 -24.88 10.98 -13.18
N PRO D 167 -23.77 11.58 -13.63
CA PRO D 167 -23.88 12.88 -14.33
C PRO D 167 -24.72 12.81 -15.58
N THR D 168 -24.80 11.66 -16.25
CA THR D 168 -25.61 11.60 -17.46
C THR D 168 -26.85 10.75 -17.27
N TYR D 169 -27.35 10.65 -16.03
CA TYR D 169 -28.48 9.78 -15.74
C TYR D 169 -29.70 10.14 -16.59
N ASP D 170 -29.92 11.42 -16.86
CA ASP D 170 -31.15 11.79 -17.56
C ASP D 170 -31.11 11.38 -19.03
N THR D 171 -29.95 11.49 -19.67
CA THR D 171 -29.81 11.01 -21.05
C THR D 171 -29.97 9.49 -21.13
N LEU D 172 -29.35 8.75 -20.20
CA LEU D 172 -29.55 7.31 -20.17
C LEU D 172 -31.02 6.95 -20.07
N LEU D 173 -31.78 7.68 -19.24
CA LEU D 173 -33.19 7.40 -19.10
C LEU D 173 -33.95 7.68 -20.40
N GLU D 174 -33.71 8.84 -21.03
CA GLU D 174 -34.37 9.16 -22.29
C GLU D 174 -34.11 8.11 -23.36
N GLN D 175 -32.86 7.65 -23.49
CA GLN D 175 -32.55 6.67 -24.53
C GLN D 175 -33.12 5.30 -24.22
N LEU D 176 -33.25 4.93 -22.93
CA LEU D 176 -33.87 3.64 -22.60
C LEU D 176 -35.31 3.58 -23.06
N CYS D 177 -36.01 4.72 -23.09
CA CYS D 177 -37.40 4.74 -23.50
C CYS D 177 -37.56 4.68 -25.02
N ASP D 178 -36.47 4.60 -25.77
CA ASP D 178 -36.55 4.34 -27.21
C ASP D 178 -36.68 2.87 -27.53
N TYR D 179 -36.60 1.99 -26.52
CA TYR D 179 -36.92 0.59 -26.71
C TYR D 179 -38.43 0.37 -26.60
N ASP D 180 -38.97 -0.56 -27.39
CA ASP D 180 -40.36 -0.93 -27.21
C ASP D 180 -40.55 -1.83 -25.99
N LEU D 181 -39.52 -2.57 -25.61
CA LEU D 181 -39.62 -3.55 -24.54
C LEU D 181 -38.34 -3.50 -23.72
N LEU D 182 -38.48 -3.36 -22.41
CA LEU D 182 -37.35 -3.33 -21.47
C LEU D 182 -37.51 -4.54 -20.57
N GLY D 183 -36.55 -5.47 -20.64
CA GLY D 183 -36.54 -6.63 -19.77
C GLY D 183 -35.56 -6.51 -18.60
N PHE D 184 -35.91 -7.13 -17.46
CA PHE D 184 -35.10 -7.03 -16.25
C PHE D 184 -35.01 -8.38 -15.55
N GLN D 185 -33.98 -8.53 -14.73
CA GLN D 185 -33.81 -9.79 -14.00
C GLN D 185 -34.89 -9.96 -12.93
N THR D 186 -35.31 -8.88 -12.27
CA THR D 186 -36.19 -9.01 -11.11
C THR D 186 -37.17 -7.85 -11.08
N GLU D 187 -38.21 -8.00 -10.25
CA GLU D 187 -39.19 -6.93 -10.16
C GLU D 187 -38.60 -5.70 -9.48
N ASN D 188 -37.63 -5.88 -8.57
CA ASN D 188 -36.97 -4.72 -7.96
C ASN D 188 -36.20 -3.90 -9.00
N ASP D 189 -35.54 -4.56 -9.96
CA ASP D 189 -34.88 -3.84 -11.03
C ASP D 189 -35.89 -3.06 -11.87
N ARG D 190 -37.00 -3.71 -12.25
CA ARG D 190 -37.98 -3.03 -13.07
C ARG D 190 -38.56 -1.81 -12.35
N LEU D 191 -38.88 -1.93 -11.07
CA LEU D 191 -39.50 -0.82 -10.35
C LEU D 191 -38.50 0.29 -10.09
N ALA D 192 -37.24 -0.06 -9.85
CA ALA D 192 -36.21 0.95 -9.69
C ALA D 192 -36.05 1.78 -10.98
N PHE D 193 -36.11 1.13 -12.14
CA PHE D 193 -36.04 1.88 -13.38
C PHE D 193 -37.22 2.82 -13.53
N LEU D 194 -38.43 2.36 -13.21
CA LEU D 194 -39.61 3.23 -13.33
C LEU D 194 -39.60 4.35 -12.28
N ASP D 195 -39.03 4.06 -11.11
CA ASP D 195 -38.91 5.08 -10.08
C ASP D 195 -37.96 6.19 -10.53
N CYS D 196 -36.84 5.82 -11.14
CA CYS D 196 -35.95 6.84 -11.68
C CYS D 196 -36.66 7.62 -12.77
N LEU D 197 -37.37 6.91 -13.64
CA LEU D 197 -38.03 7.58 -14.75
C LEU D 197 -39.07 8.57 -14.26
N SER D 198 -39.91 8.16 -13.31
CA SER D 198 -40.99 9.04 -12.86
C SER D 198 -40.49 10.23 -12.03
N ASN D 199 -39.30 10.14 -11.40
CA ASN D 199 -38.71 11.31 -10.76
C ASN D 199 -38.24 12.35 -11.77
N LEU D 200 -37.95 11.94 -13.01
CA LEU D 200 -37.42 12.87 -14.01
C LEU D 200 -38.51 13.46 -14.89
N THR D 201 -39.53 12.68 -15.19
CA THR D 201 -40.53 13.07 -16.15
C THR D 201 -41.81 12.32 -15.81
N ARG D 202 -42.90 12.77 -16.42
CA ARG D 202 -44.22 12.22 -16.15
C ARG D 202 -44.44 10.88 -16.86
N VAL D 203 -44.67 9.81 -16.09
CA VAL D 203 -44.89 8.46 -16.62
C VAL D 203 -46.34 8.05 -16.40
N THR D 204 -47.00 7.63 -17.48
CA THR D 204 -48.35 7.09 -17.39
C THR D 204 -48.28 5.58 -17.54
N THR D 205 -48.92 4.86 -16.62
CA THR D 205 -48.97 3.39 -16.58
C THR D 205 -50.44 3.01 -16.45
N ARG D 206 -51.13 2.79 -17.58
CA ARG D 206 -52.55 2.51 -17.47
C ARG D 206 -52.91 1.06 -17.79
N SER D 207 -52.03 0.33 -18.47
CA SER D 207 -52.05 -1.13 -18.42
C SER D 207 -51.18 -1.57 -17.24
N ALA D 208 -50.83 -2.85 -17.14
CA ALA D 208 -50.09 -3.25 -15.95
C ALA D 208 -48.62 -2.86 -16.02
N LYS D 209 -48.01 -3.08 -17.20
CA LYS D 209 -46.58 -2.86 -17.44
C LYS D 209 -46.40 -2.17 -18.79
N SER D 210 -47.37 -1.35 -19.17
CA SER D 210 -47.33 -0.63 -20.43
C SER D 210 -47.30 0.85 -20.07
N HIS D 211 -46.36 1.59 -20.65
CA HIS D 211 -46.01 2.90 -20.15
C HIS D 211 -45.86 3.89 -21.29
N THR D 212 -45.91 5.19 -20.97
CA THR D 212 -45.52 6.24 -21.92
C THR D 212 -44.72 7.28 -21.17
N ALA D 213 -43.73 7.84 -21.86
CA ALA D 213 -42.93 8.91 -21.29
C ALA D 213 -42.35 9.71 -22.44
N TRP D 214 -42.39 11.04 -22.34
CA TRP D 214 -41.94 11.89 -23.45
C TRP D 214 -42.58 11.48 -24.76
N GLY D 215 -43.84 11.03 -24.71
CA GLY D 215 -44.54 10.57 -25.88
C GLY D 215 -44.12 9.24 -26.44
N LYS D 216 -43.12 8.59 -25.86
CA LYS D 216 -42.68 7.27 -26.32
C LYS D 216 -43.40 6.17 -25.55
N ALA D 217 -43.82 5.13 -26.24
CA ALA D 217 -44.47 3.99 -25.59
C ALA D 217 -43.48 2.85 -25.41
N PHE D 218 -43.53 2.19 -24.25
CA PHE D 218 -42.65 1.05 -24.00
C PHE D 218 -43.28 0.15 -22.96
N ARG D 219 -42.93 -1.13 -23.01
CA ARG D 219 -43.32 -2.10 -21.98
C ARG D 219 -42.12 -2.49 -21.13
N THR D 220 -42.39 -2.80 -19.87
CA THR D 220 -41.38 -3.36 -18.99
C THR D 220 -41.84 -4.75 -18.54
N GLU D 221 -40.89 -5.62 -18.25
CA GLU D 221 -41.23 -6.96 -17.84
C GLU D 221 -40.02 -7.57 -17.13
N VAL D 222 -40.30 -8.57 -16.33
CA VAL D 222 -39.27 -9.33 -15.63
C VAL D 222 -39.10 -10.66 -16.35
N TYR D 223 -37.86 -10.99 -16.73
CA TYR D 223 -37.50 -12.29 -17.30
C TYR D 223 -36.22 -12.73 -16.60
N PRO D 224 -36.33 -13.44 -15.48
CA PRO D 224 -35.11 -13.95 -14.81
C PRO D 224 -34.36 -14.95 -15.69
N ILE D 225 -33.08 -14.70 -15.88
CA ILE D 225 -32.35 -15.58 -16.77
C ILE D 225 -32.10 -16.92 -16.09
N GLY D 226 -32.19 -17.99 -16.87
CA GLY D 226 -31.96 -19.34 -16.38
C GLY D 226 -30.84 -20.05 -17.12
N ILE D 227 -30.77 -21.36 -16.90
CA ILE D 227 -29.74 -22.25 -17.40
C ILE D 227 -30.42 -23.37 -18.18
N GLU D 228 -29.63 -24.30 -18.71
CA GLU D 228 -30.21 -25.49 -19.35
C GLU D 228 -29.95 -26.69 -18.43
N PRO D 229 -30.91 -27.05 -17.56
CA PRO D 229 -30.57 -27.95 -16.43
C PRO D 229 -30.22 -29.38 -16.84
N LYS D 230 -30.86 -29.95 -17.87
CA LYS D 230 -30.53 -31.31 -18.29
C LYS D 230 -29.08 -31.42 -18.77
N GLU D 231 -28.58 -30.40 -19.48
CA GLU D 231 -27.20 -30.44 -19.95
C GLU D 231 -26.21 -30.43 -18.79
N ILE D 232 -26.44 -29.57 -17.80
CA ILE D 232 -25.53 -29.50 -16.66
C ILE D 232 -25.44 -30.84 -15.98
N ALA D 233 -26.61 -31.47 -15.73
CA ALA D 233 -26.61 -32.77 -15.08
C ALA D 233 -25.88 -33.81 -15.91
N LYS D 234 -25.88 -33.65 -17.23
CA LYS D 234 -25.11 -34.59 -18.05
C LYS D 234 -23.62 -34.37 -17.91
N GLN D 235 -23.16 -33.11 -18.02
CA GLN D 235 -21.74 -32.81 -17.84
C GLN D 235 -21.25 -33.17 -16.46
N ALA D 236 -22.11 -33.04 -15.46
CA ALA D 236 -21.76 -33.26 -14.06
C ALA D 236 -21.64 -34.74 -13.72
N ALA D 237 -22.34 -35.61 -14.45
CA ALA D 237 -22.45 -37.02 -14.11
C ALA D 237 -21.49 -37.94 -14.84
N GLY D 238 -20.76 -37.45 -15.83
CA GLY D 238 -19.78 -38.27 -16.50
C GLY D 238 -18.73 -38.78 -15.53
N PRO D 239 -17.84 -39.65 -15.98
CA PRO D 239 -16.75 -40.08 -15.11
C PRO D 239 -15.71 -38.96 -14.93
N LEU D 240 -15.02 -39.03 -13.83
CA LEU D 240 -14.12 -37.98 -13.38
C LEU D 240 -12.79 -38.05 -14.13
N PRO D 241 -12.17 -36.94 -14.45
CA PRO D 241 -10.88 -36.93 -15.16
C PRO D 241 -9.85 -37.73 -14.44
N PRO D 242 -8.95 -38.47 -15.13
CA PRO D 242 -8.04 -39.40 -14.46
C PRO D 242 -7.24 -38.73 -13.37
N LYS D 243 -6.77 -37.50 -13.61
CA LYS D 243 -5.87 -36.89 -12.66
C LYS D 243 -6.62 -36.47 -11.40
N LEU D 244 -7.92 -36.20 -11.53
CA LEU D 244 -8.81 -35.91 -10.42
C LEU D 244 -9.86 -36.99 -10.17
N ALA D 245 -9.85 -38.06 -10.99
CA ALA D 245 -10.85 -39.12 -10.94
C ALA D 245 -11.02 -39.69 -9.55
N GLN D 246 -9.99 -39.59 -8.73
CA GLN D 246 -10.19 -39.95 -7.36
C GLN D 246 -9.09 -39.25 -6.56
N LEU D 247 -9.24 -37.93 -6.58
CA LEU D 247 -9.05 -37.01 -5.47
C LEU D 247 -10.04 -37.27 -4.35
N LYS D 248 -11.15 -37.95 -4.67
CA LYS D 248 -12.37 -38.07 -3.90
C LYS D 248 -12.23 -38.86 -2.59
N ALA D 249 -11.20 -39.71 -2.47
CA ALA D 249 -10.90 -40.56 -1.32
C ALA D 249 -9.67 -40.08 -0.60
N GLU D 250 -8.85 -39.25 -1.24
CA GLU D 250 -7.88 -38.49 -0.47
C GLU D 250 -8.64 -37.68 0.59
N LEU D 251 -9.84 -37.27 0.27
CA LEU D 251 -10.69 -36.83 1.35
C LEU D 251 -12.16 -37.26 1.28
N LYS D 252 -12.43 -38.55 1.25
CA LYS D 252 -13.81 -38.75 1.61
C LYS D 252 -14.01 -38.72 3.13
N ASN D 253 -12.99 -38.38 3.92
CA ASN D 253 -13.17 -38.04 5.35
C ASN D 253 -13.31 -36.54 5.55
N VAL D 254 -13.48 -35.79 4.46
CA VAL D 254 -13.62 -34.34 4.52
C VAL D 254 -14.77 -33.92 3.62
N GLN D 255 -15.55 -32.98 4.12
CA GLN D 255 -16.59 -32.32 3.37
C GLN D 255 -16.05 -31.05 2.69
N ASN D 256 -16.46 -30.80 1.46
CA ASN D 256 -15.95 -29.72 0.62
C ASN D 256 -16.96 -28.57 0.53
N ILE D 257 -16.55 -27.35 0.89
CA ILE D 257 -17.28 -26.14 0.53
C ILE D 257 -16.63 -25.57 -0.72
N PHE D 258 -17.45 -25.27 -1.71
CA PHE D 258 -16.94 -24.92 -3.02
C PHE D 258 -17.59 -23.63 -3.50
N SER D 259 -16.80 -22.82 -4.20
CA SER D 259 -17.26 -21.58 -4.78
C SER D 259 -16.43 -21.27 -6.04
N VAL D 260 -17.08 -20.71 -7.08
CA VAL D 260 -16.36 -20.31 -8.27
C VAL D 260 -16.96 -19.00 -8.78
N GLU D 261 -16.14 -17.95 -8.85
CA GLU D 261 -16.65 -16.62 -9.19
C GLU D 261 -15.58 -15.84 -9.95
N ARG D 262 -16.01 -14.92 -10.80
CA ARG D 262 -15.10 -13.95 -11.38
C ARG D 262 -14.71 -12.93 -10.31
N LEU D 263 -13.46 -12.51 -10.36
CA LEU D 263 -12.98 -11.56 -9.37
C LEU D 263 -13.59 -10.22 -9.70
N ASP D 264 -14.41 -9.71 -8.78
CA ASP D 264 -15.16 -8.49 -9.02
C ASP D 264 -15.75 -8.04 -7.69
N TYR D 265 -15.83 -6.72 -7.52
CA TYR D 265 -16.24 -6.09 -6.26
C TYR D 265 -17.66 -6.44 -5.83
N SER D 266 -18.53 -6.83 -6.77
CA SER D 266 -19.89 -7.19 -6.38
C SER D 266 -19.98 -8.59 -5.76
N LYS D 267 -18.96 -9.45 -5.95
CA LYS D 267 -19.11 -10.83 -5.55
C LYS D 267 -18.80 -11.05 -4.08
N GLY D 268 -18.24 -10.06 -3.40
CA GLY D 268 -17.95 -10.17 -1.98
C GLY D 268 -17.04 -11.31 -1.61
N LEU D 269 -15.94 -11.52 -2.37
CA LEU D 269 -15.09 -12.68 -2.11
C LEU D 269 -14.23 -12.55 -0.84
N PRO D 270 -13.67 -11.39 -0.51
CA PRO D 270 -13.06 -11.28 0.83
C PRO D 270 -14.01 -11.63 1.95
N GLU D 271 -15.30 -11.33 1.80
CA GLU D 271 -16.26 -11.62 2.85
C GLU D 271 -16.62 -13.08 2.95
N ARG D 272 -16.57 -13.84 1.82
CA ARG D 272 -16.73 -15.29 1.94
C ARG D 272 -15.63 -15.88 2.80
N PHE D 273 -14.39 -15.41 2.58
CA PHE D 273 -13.24 -15.88 3.35
C PHE D 273 -13.42 -15.60 4.83
N LEU D 274 -13.87 -14.37 5.17
CA LEU D 274 -14.11 -14.06 6.57
C LEU D 274 -15.22 -14.91 7.16
N ALA D 275 -16.21 -15.28 6.34
CA ALA D 275 -17.24 -16.23 6.75
C ALA D 275 -16.62 -17.59 7.02
N TYR D 276 -15.62 -17.98 6.23
CA TYR D 276 -15.01 -19.27 6.46
C TYR D 276 -14.17 -19.26 7.73
N GLU D 277 -13.43 -18.18 7.97
CA GLU D 277 -12.69 -18.02 9.22
C GLU D 277 -13.63 -17.99 10.43
N ALA D 278 -14.81 -17.39 10.27
CA ALA D 278 -15.79 -17.38 11.35
C ALA D 278 -16.24 -18.80 11.66
N LEU D 279 -16.40 -19.60 10.61
CA LEU D 279 -16.76 -20.98 10.79
C LEU D 279 -15.68 -21.74 11.54
N LEU D 280 -14.41 -21.50 11.17
CA LEU D 280 -13.32 -22.21 11.83
C LEU D 280 -13.16 -21.78 13.29
N GLU D 281 -13.37 -20.50 13.59
CA GLU D 281 -13.14 -20.03 14.95
C GLU D 281 -14.25 -20.49 15.89
N LYS D 282 -15.51 -20.52 15.43
CA LYS D 282 -16.64 -20.78 16.30
C LYS D 282 -17.13 -22.23 16.28
N TYR D 283 -16.68 -23.04 15.33
CA TYR D 283 -17.08 -24.45 15.24
C TYR D 283 -15.83 -25.30 15.06
N PRO D 284 -14.95 -25.30 16.07
CA PRO D 284 -13.70 -26.09 15.96
C PRO D 284 -13.95 -27.58 15.73
N GLN D 285 -15.18 -28.07 15.92
CA GLN D 285 -15.46 -29.47 15.64
C GLN D 285 -15.25 -29.82 14.17
N HIS D 286 -15.16 -28.83 13.28
CA HIS D 286 -14.91 -29.11 11.88
C HIS D 286 -13.42 -29.12 11.53
N HIS D 287 -12.53 -28.75 12.45
CA HIS D 287 -11.11 -28.69 12.09
C HIS D 287 -10.63 -30.04 11.57
N GLY D 288 -9.89 -30.01 10.47
CA GLY D 288 -9.39 -31.22 9.86
C GLY D 288 -10.42 -32.04 9.13
N LYS D 289 -11.69 -31.65 9.15
CA LYS D 289 -12.74 -32.44 8.56
C LYS D 289 -13.48 -31.71 7.48
N ILE D 290 -13.08 -30.48 7.14
CA ILE D 290 -13.71 -29.75 6.06
C ILE D 290 -12.62 -29.07 5.26
N ARG D 291 -13.04 -28.47 4.14
CA ARG D 291 -12.18 -27.72 3.26
C ARG D 291 -13.01 -26.68 2.52
N TYR D 292 -12.48 -25.47 2.36
CA TYR D 292 -13.10 -24.48 1.50
C TYR D 292 -12.22 -24.33 0.24
N THR D 293 -12.82 -24.53 -0.92
CA THR D 293 -12.15 -24.36 -2.20
C THR D 293 -12.81 -23.22 -2.95
N GLN D 294 -12.00 -22.26 -3.35
CA GLN D 294 -12.46 -21.10 -4.10
C GLN D 294 -11.70 -21.06 -5.42
N ILE D 295 -12.41 -21.15 -6.52
CA ILE D 295 -11.77 -21.06 -7.82
C ILE D 295 -12.04 -19.68 -8.40
N ALA D 296 -10.98 -19.02 -8.85
CA ALA D 296 -11.07 -17.65 -9.36
C ALA D 296 -10.35 -17.58 -10.70
N PRO D 297 -11.07 -17.56 -11.81
CA PRO D 297 -10.41 -17.51 -13.11
C PRO D 297 -9.61 -16.22 -13.28
N THR D 298 -8.59 -16.29 -14.13
CA THR D 298 -7.70 -15.20 -14.52
C THR D 298 -8.13 -14.53 -15.83
N SER D 299 -7.85 -13.23 -15.94
CA SER D 299 -8.05 -12.51 -17.22
C SER D 299 -6.68 -12.02 -17.73
N VAL D 303 -6.95 -5.20 -16.24
CA VAL D 303 -8.04 -4.56 -15.50
C VAL D 303 -7.66 -4.46 -14.04
N GLN D 304 -7.76 -3.24 -13.49
CA GLN D 304 -7.14 -2.96 -12.20
C GLN D 304 -7.95 -3.53 -11.03
N ALA D 305 -9.27 -3.35 -11.04
CA ALA D 305 -10.10 -3.97 -10.00
C ALA D 305 -9.79 -5.45 -9.83
N TYR D 306 -9.59 -6.15 -10.95
CA TYR D 306 -9.25 -7.57 -10.92
C TYR D 306 -8.08 -7.85 -9.98
N GLN D 307 -6.94 -7.17 -10.18
CA GLN D 307 -5.73 -7.47 -9.43
C GLN D 307 -5.76 -6.98 -7.99
N ASP D 308 -6.47 -5.90 -7.66
CA ASP D 308 -6.54 -5.54 -6.25
C ASP D 308 -7.32 -6.57 -5.46
N ILE D 309 -8.38 -7.13 -6.05
CA ILE D 309 -9.15 -8.16 -5.36
C ILE D 309 -8.34 -9.45 -5.24
N ARG D 310 -7.63 -9.81 -6.32
CA ARG D 310 -6.81 -11.02 -6.31
C ARG D 310 -5.71 -10.92 -5.26
N HIS D 311 -5.11 -9.75 -5.14
CA HIS D 311 -4.11 -9.51 -4.12
C HIS D 311 -4.70 -9.73 -2.73
N GLN D 312 -5.92 -9.24 -2.51
CA GLN D 312 -6.55 -9.31 -1.20
C GLN D 312 -6.93 -10.75 -0.86
N LEU D 313 -7.33 -11.51 -1.88
CA LEU D 313 -7.67 -12.91 -1.65
C LEU D 313 -6.41 -13.73 -1.41
N GLU D 314 -5.35 -13.47 -2.18
CA GLU D 314 -4.08 -14.14 -1.90
C GLU D 314 -3.61 -13.87 -0.48
N ASN D 315 -3.69 -12.61 -0.03
CA ASN D 315 -3.28 -12.33 1.33
C ASN D 315 -4.16 -13.06 2.32
N GLU D 316 -5.46 -13.09 2.07
CA GLU D 316 -6.37 -13.64 3.03
C GLU D 316 -6.31 -15.18 3.06
N ALA D 317 -6.04 -15.81 1.91
CA ALA D 317 -5.78 -17.25 1.92
C ALA D 317 -4.57 -17.57 2.78
N GLY D 318 -3.46 -16.86 2.54
CA GLY D 318 -2.28 -17.10 3.34
C GLY D 318 -2.52 -16.85 4.82
N ARG D 319 -3.30 -15.82 5.14
CA ARG D 319 -3.47 -15.50 6.55
C ARG D 319 -4.34 -16.55 7.24
N ILE D 320 -5.43 -16.97 6.60
CA ILE D 320 -6.33 -17.93 7.24
C ILE D 320 -5.67 -19.29 7.36
N ASN D 321 -5.00 -19.75 6.31
CA ASN D 321 -4.23 -20.99 6.38
C ASN D 321 -3.12 -20.89 7.42
N GLY D 322 -2.47 -19.74 7.49
CA GLY D 322 -1.42 -19.55 8.49
C GLY D 322 -1.93 -19.65 9.91
N LYS D 323 -3.21 -19.34 10.13
CA LYS D 323 -3.74 -19.25 11.48
C LYS D 323 -4.40 -20.53 11.92
N TYR D 324 -5.13 -21.20 11.02
CA TYR D 324 -5.86 -22.41 11.36
C TYR D 324 -5.28 -23.64 10.70
N GLY D 325 -4.32 -23.46 9.80
CA GLY D 325 -3.72 -24.61 9.16
C GLY D 325 -2.96 -25.47 10.14
N GLN D 326 -2.82 -26.72 9.75
CA GLN D 326 -2.04 -27.69 10.49
C GLN D 326 -1.00 -28.28 9.55
N LEU D 327 -0.04 -29.01 10.13
CA LEU D 327 0.97 -29.63 9.28
C LEU D 327 0.34 -30.64 8.31
N GLY D 328 -0.84 -31.19 8.62
CA GLY D 328 -1.40 -32.14 7.67
C GLY D 328 -2.81 -31.81 7.15
N TRP D 329 -3.22 -30.56 7.30
CA TRP D 329 -4.56 -30.12 6.91
C TRP D 329 -4.51 -28.65 6.54
N THR D 330 -4.86 -28.33 5.31
CA THR D 330 -4.98 -26.96 4.86
C THR D 330 -6.46 -26.61 4.78
N PRO D 331 -6.93 -25.62 5.53
CA PRO D 331 -8.38 -25.32 5.52
C PRO D 331 -8.90 -24.76 4.21
N LEU D 332 -8.12 -23.95 3.50
CA LEU D 332 -8.61 -23.11 2.40
C LEU D 332 -7.81 -23.38 1.13
N TYR D 333 -8.48 -23.83 0.08
CA TYR D 333 -7.82 -24.01 -1.24
C TYR D 333 -8.24 -22.84 -2.14
N TYR D 334 -7.31 -21.96 -2.45
CA TYR D 334 -7.58 -20.86 -3.37
C TYR D 334 -6.83 -21.15 -4.67
N LEU D 335 -7.58 -21.28 -5.76
CA LEU D 335 -6.96 -21.65 -7.04
C LEU D 335 -7.26 -20.59 -8.08
N ASN D 336 -6.21 -19.92 -8.55
CA ASN D 336 -6.36 -18.90 -9.57
C ASN D 336 -5.93 -19.51 -10.91
N GLN D 337 -6.76 -20.44 -11.37
CA GLN D 337 -6.52 -21.22 -12.58
C GLN D 337 -7.83 -21.42 -13.33
N HIS D 338 -7.75 -21.63 -14.63
CA HIS D 338 -8.95 -21.90 -15.41
C HIS D 338 -9.21 -23.39 -15.40
N PHE D 339 -10.43 -23.76 -15.07
CA PHE D 339 -10.87 -25.14 -15.05
C PHE D 339 -11.91 -25.30 -16.14
N ASP D 340 -11.84 -26.39 -16.85
CA ASP D 340 -12.75 -26.58 -17.95
C ASP D 340 -14.17 -26.61 -17.36
N ARG D 341 -15.13 -26.07 -18.10
CA ARG D 341 -16.48 -25.89 -17.57
C ARG D 341 -17.11 -27.23 -17.21
N LYS D 342 -16.94 -28.23 -18.08
CA LYS D 342 -17.52 -29.53 -17.79
C LYS D 342 -16.89 -30.14 -16.54
N LEU D 343 -15.64 -29.81 -16.25
CA LEU D 343 -15.03 -30.31 -15.02
C LEU D 343 -15.58 -29.60 -13.79
N LEU D 344 -15.88 -28.31 -13.89
CA LEU D 344 -16.48 -27.57 -12.78
C LEU D 344 -17.83 -28.17 -12.39
N MET D 345 -18.63 -28.60 -13.39
CA MET D 345 -19.94 -29.20 -13.08
C MET D 345 -19.78 -30.49 -12.24
N LYS D 346 -18.78 -31.32 -12.55
CA LYS D 346 -18.51 -32.49 -11.72
C LYS D 346 -18.08 -32.07 -10.32
N ILE D 347 -17.28 -31.02 -10.21
CA ILE D 347 -16.87 -30.51 -8.90
C ILE D 347 -18.08 -30.02 -8.11
N PHE D 348 -19.05 -29.34 -8.75
CA PHE D 348 -20.30 -29.00 -8.04
C PHE D 348 -20.95 -30.24 -7.46
N ARG D 349 -21.07 -31.30 -8.27
CA ARG D 349 -21.81 -32.47 -7.84
C ARG D 349 -21.19 -33.10 -6.61
N TYR D 350 -19.87 -33.15 -6.58
CA TYR D 350 -19.13 -33.73 -5.50
C TYR D 350 -19.03 -32.85 -4.25
N SER D 351 -19.26 -31.55 -4.38
CA SER D 351 -19.22 -30.67 -3.22
C SER D 351 -20.41 -30.85 -2.28
N ASP D 352 -20.15 -30.94 -0.99
CA ASP D 352 -21.25 -31.00 -0.04
C ASP D 352 -21.97 -29.67 0.09
N VAL D 353 -21.26 -28.54 -0.07
CA VAL D 353 -21.86 -27.22 0.12
C VAL D 353 -21.39 -26.31 -0.99
N GLY D 354 -22.36 -25.62 -1.64
CA GLY D 354 -22.06 -24.60 -2.62
C GLY D 354 -22.29 -23.24 -2.00
N LEU D 355 -21.26 -22.40 -2.00
CA LEU D 355 -21.30 -21.11 -1.33
C LEU D 355 -21.35 -20.01 -2.38
N VAL D 356 -22.52 -19.36 -2.49
CA VAL D 356 -22.73 -18.32 -3.50
C VAL D 356 -23.30 -17.08 -2.79
N THR D 357 -22.42 -16.21 -2.31
CA THR D 357 -22.84 -15.10 -1.47
C THR D 357 -22.33 -13.75 -2.00
N PRO D 358 -22.69 -13.38 -3.22
CA PRO D 358 -22.27 -12.07 -3.71
C PRO D 358 -22.96 -10.98 -2.92
N LEU D 359 -22.36 -9.78 -2.96
CA LEU D 359 -22.94 -8.61 -2.28
C LEU D 359 -24.04 -7.97 -3.09
N ARG D 360 -24.02 -8.16 -4.41
CA ARG D 360 -25.04 -7.68 -5.32
C ARG D 360 -24.87 -8.41 -6.66
N ASP D 361 -25.94 -8.94 -7.23
CA ASP D 361 -25.87 -9.70 -8.49
C ASP D 361 -27.20 -9.63 -9.21
N GLY D 362 -27.17 -9.42 -10.53
CA GLY D 362 -28.41 -9.41 -11.29
C GLY D 362 -29.12 -10.75 -11.24
N MET D 363 -28.39 -11.81 -11.56
CA MET D 363 -28.79 -13.20 -11.42
C MET D 363 -27.48 -13.96 -11.39
N ASN D 364 -27.27 -14.72 -10.35
CA ASN D 364 -26.11 -15.58 -10.30
C ASN D 364 -26.53 -16.95 -10.87
N LEU D 365 -25.96 -17.30 -12.03
CA LEU D 365 -26.24 -18.57 -12.66
C LEU D 365 -25.46 -19.72 -12.03
N VAL D 366 -24.32 -19.42 -11.39
CA VAL D 366 -23.58 -20.44 -10.66
C VAL D 366 -24.48 -21.11 -9.64
N ALA D 367 -25.35 -20.32 -9.01
CA ALA D 367 -26.27 -20.87 -8.02
C ALA D 367 -27.15 -21.95 -8.65
N LYS D 368 -27.68 -21.68 -9.84
CA LYS D 368 -28.58 -22.62 -10.49
C LYS D 368 -27.80 -23.79 -11.09
N GLU D 369 -26.63 -23.50 -11.66
CA GLU D 369 -25.77 -24.58 -12.12
C GLU D 369 -25.46 -25.55 -10.99
N TYR D 370 -25.22 -25.04 -9.79
CA TYR D 370 -24.85 -25.90 -8.67
C TYR D 370 -25.97 -26.88 -8.34
N VAL D 371 -27.21 -26.37 -8.25
CA VAL D 371 -28.27 -27.30 -7.93
C VAL D 371 -28.56 -28.22 -9.13
N ALA D 372 -28.40 -27.72 -10.36
CA ALA D 372 -28.61 -28.55 -11.55
C ALA D 372 -27.57 -29.67 -11.67
N ALA D 373 -26.40 -29.51 -11.06
CA ALA D 373 -25.32 -30.48 -11.09
C ALA D 373 -25.45 -31.58 -10.04
N GLN D 374 -26.32 -31.42 -9.04
CA GLN D 374 -26.30 -32.35 -7.93
C GLN D 374 -26.88 -33.70 -8.32
N ASP D 375 -26.41 -34.73 -7.66
CA ASP D 375 -27.11 -36.01 -7.69
C ASP D 375 -28.43 -35.87 -6.92
N PRO D 376 -29.59 -36.01 -7.58
CA PRO D 376 -30.86 -35.79 -6.87
C PRO D 376 -31.05 -36.68 -5.64
N ALA D 377 -30.52 -37.90 -5.68
CA ALA D 377 -30.65 -38.82 -4.56
C ALA D 377 -29.62 -38.57 -3.46
N ASN D 378 -28.62 -37.71 -3.69
CA ASN D 378 -27.65 -37.35 -2.65
C ASN D 378 -27.09 -35.96 -2.93
N PRO D 379 -27.90 -34.93 -2.74
CA PRO D 379 -27.49 -33.59 -3.15
C PRO D 379 -26.81 -32.79 -2.06
N GLY D 380 -25.96 -31.86 -2.53
CA GLY D 380 -25.33 -30.89 -1.67
C GLY D 380 -26.28 -29.74 -1.36
N VAL D 381 -25.80 -28.85 -0.52
CA VAL D 381 -26.60 -27.74 -0.02
C VAL D 381 -26.09 -26.43 -0.61
N LEU D 382 -27.03 -25.60 -1.09
CA LEU D 382 -26.73 -24.28 -1.63
C LEU D 382 -26.93 -23.23 -0.54
N VAL D 383 -25.86 -22.49 -0.23
CA VAL D 383 -25.89 -21.35 0.67
C VAL D 383 -25.78 -20.11 -0.20
N LEU D 384 -26.77 -19.24 -0.09
CA LEU D 384 -27.05 -18.21 -1.08
C LEU D 384 -27.29 -16.83 -0.44
N SER D 385 -26.71 -15.81 -1.05
CA SER D 385 -26.92 -14.44 -0.58
C SER D 385 -28.33 -13.95 -0.92
N GLN D 386 -28.94 -13.24 0.03
CA GLN D 386 -30.25 -12.65 -0.23
C GLN D 386 -30.16 -11.50 -1.24
N PHE D 387 -28.96 -11.00 -1.54
CA PHE D 387 -28.84 -9.94 -2.55
C PHE D 387 -28.56 -10.46 -3.94
N ALA D 388 -28.50 -11.77 -4.11
CA ALA D 388 -28.44 -12.36 -5.44
C ALA D 388 -29.84 -12.44 -6.02
N GLY D 389 -30.00 -11.99 -7.28
CA GLY D 389 -31.31 -12.10 -7.92
C GLY D 389 -31.91 -13.49 -7.85
N ALA D 390 -31.06 -14.53 -7.80
CA ALA D 390 -31.55 -15.90 -7.73
C ALA D 390 -32.29 -16.19 -6.43
N ALA D 391 -32.04 -15.40 -5.37
CA ALA D 391 -32.67 -15.69 -4.09
C ALA D 391 -34.18 -15.56 -4.17
N ASN D 392 -34.70 -14.85 -5.19
CA ASN D 392 -36.15 -14.64 -5.30
C ASN D 392 -36.86 -15.89 -5.81
N GLU D 393 -36.19 -16.74 -6.58
CA GLU D 393 -36.84 -17.99 -6.94
C GLU D 393 -36.29 -19.21 -6.22
N LEU D 394 -35.04 -19.18 -5.75
CA LEU D 394 -34.44 -20.30 -5.01
C LEU D 394 -34.67 -20.15 -3.50
N THR D 395 -35.94 -20.02 -3.12
CA THR D 395 -36.30 -19.75 -1.73
C THR D 395 -35.98 -20.91 -0.78
N SER D 396 -35.80 -22.13 -1.29
CA SER D 396 -35.43 -23.24 -0.42
C SER D 396 -33.91 -23.41 -0.28
N ALA D 397 -33.11 -22.49 -0.85
CA ALA D 397 -31.71 -22.41 -0.47
C ALA D 397 -31.58 -21.89 0.97
N LEU D 398 -30.38 -21.98 1.51
CA LEU D 398 -30.12 -21.35 2.81
C LEU D 398 -29.73 -19.89 2.53
N ILE D 399 -30.68 -18.98 2.74
CA ILE D 399 -30.49 -17.58 2.41
C ILE D 399 -29.80 -16.86 3.56
N VAL D 400 -28.76 -16.08 3.25
CA VAL D 400 -27.92 -15.42 4.24
C VAL D 400 -27.64 -14.00 3.81
N ASN D 401 -27.30 -13.18 4.81
CA ASN D 401 -26.80 -11.83 4.58
C ASN D 401 -25.28 -11.88 4.68
N PRO D 402 -24.54 -11.70 3.58
CA PRO D 402 -23.07 -11.82 3.64
C PRO D 402 -22.42 -10.73 4.48
N TYR D 403 -23.17 -9.70 4.87
CA TYR D 403 -22.57 -8.71 5.75
C TYR D 403 -22.50 -9.19 7.19
N ASP D 404 -23.14 -10.30 7.52
CA ASP D 404 -23.09 -10.93 8.84
C ASP D 404 -22.32 -12.24 8.67
N ARG D 405 -21.02 -12.17 8.92
CA ARG D 405 -20.18 -13.34 8.69
C ARG D 405 -20.56 -14.49 9.63
N ASP D 406 -21.06 -14.17 10.82
CA ASP D 406 -21.45 -15.23 11.73
C ASP D 406 -22.71 -15.94 11.24
N GLU D 407 -23.61 -15.19 10.60
CA GLU D 407 -24.81 -15.81 10.02
C GLU D 407 -24.44 -16.69 8.81
N VAL D 408 -23.46 -16.27 8.00
CA VAL D 408 -23.01 -17.13 6.91
C VAL D 408 -22.35 -18.36 7.48
N ALA D 409 -21.50 -18.18 8.51
CA ALA D 409 -20.87 -19.32 9.15
C ALA D 409 -21.89 -20.30 9.73
N ALA D 410 -22.94 -19.80 10.39
CA ALA D 410 -23.94 -20.71 10.96
C ALA D 410 -24.66 -21.52 9.86
N ALA D 411 -24.84 -20.92 8.69
CA ALA D 411 -25.45 -21.62 7.56
C ALA D 411 -24.47 -22.64 6.96
N LEU D 412 -23.18 -22.32 6.92
CA LEU D 412 -22.22 -23.33 6.48
C LEU D 412 -22.27 -24.52 7.42
N ASP D 413 -22.33 -24.26 8.75
CA ASP D 413 -22.42 -25.35 9.70
C ASP D 413 -23.71 -26.14 9.51
N ARG D 414 -24.81 -25.42 9.35
CA ARG D 414 -26.07 -26.10 9.10
C ARG D 414 -26.00 -26.94 7.81
N ALA D 415 -25.33 -26.45 6.78
CA ALA D 415 -25.29 -27.19 5.52
C ALA D 415 -24.48 -28.47 5.68
N LEU D 416 -23.35 -28.40 6.40
CA LEU D 416 -22.43 -29.53 6.56
C LEU D 416 -23.03 -30.68 7.38
N THR D 417 -24.04 -30.42 8.21
CA THR D 417 -24.69 -31.39 9.08
C THR D 417 -26.13 -31.69 8.66
N MET D 418 -26.57 -31.19 7.51
CA MET D 418 -27.95 -31.36 7.09
C MET D 418 -28.22 -32.81 6.67
N SER D 419 -29.33 -33.35 7.14
CA SER D 419 -29.69 -34.72 6.83
C SER D 419 -30.04 -34.86 5.36
N LEU D 420 -29.98 -36.11 4.87
CA LEU D 420 -30.22 -36.38 3.46
C LEU D 420 -31.65 -36.07 3.06
N ALA D 421 -32.62 -36.36 3.93
CA ALA D 421 -34.01 -36.06 3.59
C ALA D 421 -34.21 -34.57 3.40
N GLU D 422 -33.67 -33.75 4.31
CA GLU D 422 -33.81 -32.32 4.13
C GLU D 422 -32.98 -31.80 2.94
N ARG D 423 -31.80 -32.38 2.72
CA ARG D 423 -31.04 -32.01 1.53
C ARG D 423 -31.83 -32.34 0.27
N ILE D 424 -32.44 -33.54 0.21
CA ILE D 424 -33.24 -33.93 -0.97
C ILE D 424 -34.44 -33.02 -1.14
N SER D 425 -35.12 -32.74 -0.04
CA SER D 425 -36.30 -31.88 -0.07
C SER D 425 -35.97 -30.49 -0.60
N ARG D 426 -34.93 -29.86 -0.05
CA ARG D 426 -34.54 -28.54 -0.53
C ARG D 426 -34.06 -28.58 -1.98
N HIS D 427 -33.26 -29.58 -2.35
CA HIS D 427 -32.78 -29.65 -3.73
C HIS D 427 -33.91 -29.92 -4.73
N ALA D 428 -34.83 -30.82 -4.39
CA ALA D 428 -35.93 -31.16 -5.29
C ALA D 428 -36.81 -29.93 -5.55
N GLU D 429 -36.98 -29.06 -4.55
CA GLU D 429 -37.84 -27.92 -4.77
C GLU D 429 -37.13 -26.81 -5.57
N MET D 430 -35.82 -26.63 -5.37
CA MET D 430 -35.07 -25.71 -6.22
C MET D 430 -34.94 -26.23 -7.66
N LEU D 431 -34.73 -27.54 -7.82
CA LEU D 431 -34.55 -28.09 -9.17
C LEU D 431 -35.80 -27.90 -10.00
N ASP D 432 -36.97 -28.04 -9.37
CA ASP D 432 -38.23 -27.86 -10.09
C ASP D 432 -38.35 -26.44 -10.63
N VAL D 433 -38.00 -25.46 -9.80
CA VAL D 433 -38.03 -24.05 -10.17
C VAL D 433 -37.14 -23.79 -11.38
N ILE D 434 -35.94 -24.35 -11.39
CA ILE D 434 -35.05 -24.01 -12.50
C ILE D 434 -35.45 -24.76 -13.76
N VAL D 435 -36.04 -25.96 -13.62
CA VAL D 435 -36.50 -26.73 -14.77
C VAL D 435 -37.70 -26.05 -15.43
N LYS D 436 -38.64 -25.56 -14.61
CA LYS D 436 -39.78 -24.84 -15.15
C LYS D 436 -39.36 -23.50 -15.78
N ASN D 437 -38.39 -22.80 -15.19
CA ASN D 437 -37.96 -21.52 -15.70
C ASN D 437 -36.52 -21.60 -16.21
N ASP D 438 -36.33 -22.34 -17.30
CA ASP D 438 -35.00 -22.52 -17.86
C ASP D 438 -34.69 -21.45 -18.92
N ILE D 439 -33.47 -21.52 -19.47
CA ILE D 439 -33.00 -20.52 -20.42
C ILE D 439 -33.86 -20.50 -21.67
N ASN D 440 -34.45 -21.63 -22.03
CA ASN D 440 -35.21 -21.63 -23.27
C ASN D 440 -36.60 -21.00 -23.08
N HIS D 441 -37.26 -21.28 -21.96
CA HIS D 441 -38.47 -20.58 -21.60
C HIS D 441 -38.23 -19.08 -21.50
N TRP D 442 -37.06 -18.69 -20.99
CA TRP D 442 -36.69 -17.28 -20.85
C TRP D 442 -36.67 -16.57 -22.21
N GLN D 443 -35.96 -17.16 -23.16
CA GLN D 443 -35.87 -16.55 -24.47
C GLN D 443 -37.21 -16.57 -25.18
N GLU D 444 -38.02 -17.62 -24.96
CA GLU D 444 -39.33 -17.69 -25.60
C GLU D 444 -40.25 -16.59 -25.11
N CYS D 445 -40.32 -16.36 -23.78
CA CYS D 445 -41.16 -15.29 -23.24
C CYS D 445 -40.75 -13.92 -23.76
N PHE D 446 -39.45 -13.68 -23.89
CA PHE D 446 -39.00 -12.38 -24.35
C PHE D 446 -39.29 -12.19 -25.83
N ILE D 447 -38.96 -13.19 -26.65
CA ILE D 447 -39.24 -13.06 -28.08
C ILE D 447 -40.75 -12.95 -28.30
N SER D 448 -41.54 -13.69 -27.53
CA SER D 448 -42.98 -13.61 -27.70
C SER D 448 -43.52 -12.24 -27.30
N ASP D 449 -42.97 -11.62 -26.24
CA ASP D 449 -43.40 -10.28 -25.89
C ASP D 449 -42.88 -9.24 -26.89
N LEU D 450 -41.71 -9.47 -27.48
CA LEU D 450 -41.17 -8.51 -28.43
C LEU D 450 -42.00 -8.47 -29.72
N LYS D 451 -42.37 -9.63 -30.26
CA LYS D 451 -43.11 -9.70 -31.50
C LYS D 451 -44.64 -9.65 -31.31
N GLN D 452 -45.11 -9.34 -30.11
CA GLN D 452 -46.51 -9.53 -29.77
C GLN D 452 -47.45 -8.64 -30.59
N ILE D 453 -48.58 -9.23 -30.97
CA ILE D 453 -49.68 -8.51 -31.60
C ILE D 453 -50.84 -8.32 -30.63
N VAL D 454 -51.39 -9.40 -30.10
CA VAL D 454 -52.56 -9.36 -29.23
C VAL D 454 -52.12 -9.23 -27.78
N PRO D 455 -52.51 -8.15 -27.05
CA PRO D 455 -52.20 -8.03 -25.60
C PRO D 455 -52.85 -9.11 -24.73
#